data_4RPL
#
_entry.id   4RPL
#
_cell.length_a   171.290
_cell.length_b   98.290
_cell.length_c   100.520
_cell.angle_alpha   90.00
_cell.angle_beta   109.94
_cell.angle_gamma   90.00
#
_symmetry.space_group_name_H-M   'C 1 2 1'
#
loop_
_entity.id
_entity.type
_entity.pdbx_description
1 polymer 'UDP-galactopyranose mutase'
2 non-polymer 'FLAVIN-ADENINE DINUCLEOTIDE'
3 non-polymer '[(2R,3S,4R,5R)-5-(2,4-dioxo-3,4-dihydropyrimidin-1(2H)-yl)-3,4-dihydroxytetrahydrofuran-2-yl]methyl (2R,5S,6R)-3,3,4,4-tetrafluoro-5-hydroxy-6-(hydroxymethyl)tetrahydro-2H-pyran-2-yl dihydrogen diphosphate (non-preferred name)'
4 water water
#
_entity_poly.entity_id   1
_entity_poly.type   'polypeptide(L)'
_entity_poly.pdbx_seq_one_letter_code
;MQPMTARFDLFVVGSGFFGLTIAERVATQLDKRVLVLERRPHIGGNAYSEAEPQTGIEVHKYGAHLFHTSNKRVWDYVRQ
FTDFTDYRHRVFAMHNGQAYQFPMGLGLVSQFFGKYFTPEQARQLIAEQAAEIDTADAQNLEEKAISLIGRPLYEAFVKG
YTAKQWQTDPKELPAANITRLPVRYTFDNRYFSDTYEGLPTDGYTAWLQNMAADHRIEVRLNTDWFDVRGQLRPGSPAAP
VVYTGPLDRYFDYAEGRLGWRTLDFEVEVLPIGDFQGTAVMNYNDLDVPYTRIHEFRHFHPERDYRTDKTVIMREYSRFA
EDDDEPYYPINTEADRALLATYRARAKSETASSKVLFGGRLGTYQYLDMHMAIASALNMYDNVLAPHLRDGVPLLQDGA
;
_entity_poly.pdbx_strand_id   B,A,C
#
loop_
_chem_comp.id
_chem_comp.type
_chem_comp.name
_chem_comp.formula
3UC non-polymer '[(2R,3S,4R,5R)-5-(2,4-dioxo-3,4-dihydropyrimidin-1(2H)-yl)-3,4-dihydroxytetrahydrofuran-2-yl]methyl (2R,5S,6R)-3,3,4,4-tetrafluoro-5-hydroxy-6-(hydroxymethyl)tetrahydro-2H-pyran-2-yl dihydrogen diphosphate (non-preferred name)' 'C15 H20 F4 N2 O15 P2'
FAD non-polymer 'FLAVIN-ADENINE DINUCLEOTIDE' 'C27 H33 N9 O15 P2'
#
# COMPACT_ATOMS: atom_id res chain seq x y z
N THR A 5 -30.61 -5.39 49.90
CA THR A 5 -30.11 -6.58 49.22
C THR A 5 -30.34 -6.50 47.72
N ALA A 6 -30.96 -5.41 47.28
CA ALA A 6 -31.19 -5.18 45.86
C ALA A 6 -29.90 -4.80 45.16
N ARG A 7 -29.58 -5.51 44.09
CA ARG A 7 -28.31 -5.31 43.38
C ARG A 7 -28.29 -3.98 42.63
N PHE A 8 -29.36 -3.68 41.91
CA PHE A 8 -29.42 -2.45 41.14
C PHE A 8 -30.63 -1.60 41.49
N ASP A 9 -30.49 -0.29 41.34
CA ASP A 9 -31.58 0.64 41.61
C ASP A 9 -32.34 1.01 40.34
N LEU A 10 -31.70 0.78 39.20
CA LEU A 10 -32.29 1.14 37.92
C LEU A 10 -31.73 0.29 36.77
N PHE A 11 -32.60 -0.08 35.84
CA PHE A 11 -32.19 -0.75 34.62
C PHE A 11 -32.33 0.19 33.43
N VAL A 12 -31.32 0.22 32.58
CA VAL A 12 -31.36 1.05 31.38
C VAL A 12 -31.05 0.23 30.14
N VAL A 13 -32.00 0.20 29.20
CA VAL A 13 -31.83 -0.54 27.96
C VAL A 13 -31.38 0.39 26.84
N GLY A 14 -30.11 0.30 26.47
CA GLY A 14 -29.56 1.14 25.42
C GLY A 14 -28.52 2.11 25.96
N SER A 15 -27.38 2.17 25.28
CA SER A 15 -26.29 3.04 25.72
C SER A 15 -26.14 4.25 24.81
N GLY A 16 -27.25 4.68 24.21
CA GLY A 16 -27.27 5.89 23.41
C GLY A 16 -27.24 7.12 24.32
N PHE A 17 -27.34 8.30 23.72
CA PHE A 17 -27.28 9.53 24.49
C PHE A 17 -28.43 9.66 25.49
N PHE A 18 -29.59 9.11 25.16
CA PHE A 18 -30.72 9.12 26.08
C PHE A 18 -30.44 8.23 27.28
N GLY A 19 -30.02 6.99 27.00
CA GLY A 19 -29.75 6.02 28.04
C GLY A 19 -28.61 6.42 28.96
N LEU A 20 -27.54 6.97 28.38
CA LEU A 20 -26.38 7.37 29.16
C LEU A 20 -26.66 8.60 30.01
N THR A 21 -27.47 9.51 29.48
CA THR A 21 -27.87 10.70 30.23
C THR A 21 -28.67 10.30 31.47
N ILE A 22 -29.62 9.40 31.26
CA ILE A 22 -30.43 8.86 32.35
C ILE A 22 -29.55 8.20 33.41
N ALA A 23 -28.65 7.34 32.95
CA ALA A 23 -27.77 6.58 33.84
C ALA A 23 -26.84 7.51 34.63
N GLU A 24 -26.26 8.49 33.94
CA GLU A 24 -25.32 9.42 34.56
C GLU A 24 -26.00 10.27 35.64
N ARG A 25 -27.20 10.76 35.34
CA ARG A 25 -27.93 11.62 36.25
C ARG A 25 -28.35 10.88 37.51
N VAL A 26 -28.88 9.67 37.34
CA VAL A 26 -29.33 8.86 38.47
C VAL A 26 -28.16 8.45 39.37
N ALA A 27 -27.04 8.10 38.76
CA ALA A 27 -25.88 7.62 39.50
C ALA A 27 -25.21 8.73 40.31
N THR A 28 -25.03 9.89 39.68
CA THR A 28 -24.26 10.96 40.29
C THR A 28 -25.09 11.90 41.18
N GLN A 29 -26.37 12.09 40.83
CA GLN A 29 -27.20 13.04 41.54
C GLN A 29 -28.07 12.38 42.61
N LEU A 30 -28.23 11.07 42.53
CA LEU A 30 -29.05 10.35 43.49
C LEU A 30 -28.26 9.29 44.25
N ASP A 31 -26.99 9.11 43.86
CA ASP A 31 -26.11 8.11 44.45
C ASP A 31 -26.75 6.72 44.37
N LYS A 32 -27.18 6.35 43.17
CA LYS A 32 -27.83 5.07 42.94
C LYS A 32 -27.03 4.22 41.96
N ARG A 33 -27.24 2.91 41.99
CA ARG A 33 -26.51 2.01 41.11
C ARG A 33 -27.33 1.64 39.88
N VAL A 34 -26.76 1.86 38.70
CA VAL A 34 -27.47 1.66 37.45
C VAL A 34 -26.81 0.61 36.56
N LEU A 35 -27.60 -0.33 36.06
CA LEU A 35 -27.11 -1.31 35.11
C LEU A 35 -27.54 -0.95 33.69
N VAL A 36 -26.57 -0.71 32.83
CA VAL A 36 -26.85 -0.40 31.43
C VAL A 36 -26.61 -1.63 30.56
N LEU A 37 -27.62 -2.02 29.79
CA LEU A 37 -27.52 -3.17 28.92
C LEU A 37 -27.52 -2.77 27.45
N GLU A 38 -26.48 -3.18 26.74
CA GLU A 38 -26.31 -2.80 25.33
C GLU A 38 -26.24 -4.03 24.42
N ARG A 39 -27.09 -4.04 23.41
CA ARG A 39 -27.12 -5.12 22.43
C ARG A 39 -25.82 -5.17 21.62
N ARG A 40 -25.35 -3.98 21.22
CA ARG A 40 -24.18 -3.85 20.37
C ARG A 40 -22.89 -4.11 21.15
N PRO A 41 -21.80 -4.46 20.44
CA PRO A 41 -20.50 -4.67 21.08
C PRO A 41 -19.82 -3.36 21.50
N HIS A 42 -20.51 -2.24 21.38
CA HIS A 42 -19.97 -0.94 21.76
C HIS A 42 -21.07 -0.02 22.28
N ILE A 43 -20.66 1.02 23.00
CA ILE A 43 -21.62 1.97 23.55
C ILE A 43 -21.82 3.16 22.62
N GLY A 44 -22.78 4.02 22.96
CA GLY A 44 -22.98 5.27 22.24
C GLY A 44 -24.03 5.24 21.17
N GLY A 45 -24.53 4.05 20.86
CA GLY A 45 -25.52 3.90 19.81
C GLY A 45 -24.97 4.23 18.45
N ASN A 46 -25.66 5.09 17.72
CA ASN A 46 -25.24 5.47 16.38
C ASN A 46 -24.28 6.65 16.38
N ALA A 47 -23.97 7.16 17.57
CA ALA A 47 -23.01 8.24 17.72
C ALA A 47 -21.61 7.68 17.90
N TYR A 48 -21.50 6.35 17.94
CA TYR A 48 -20.22 5.68 18.11
C TYR A 48 -19.28 5.98 16.95
N SER A 49 -18.05 6.35 17.28
CA SER A 49 -17.06 6.69 16.26
C SER A 49 -15.78 5.88 16.42
N GLU A 50 -15.00 5.80 15.34
CA GLU A 50 -13.72 5.11 15.36
C GLU A 50 -12.71 5.81 14.46
N ALA A 51 -11.45 5.77 14.88
CA ALA A 51 -10.37 6.36 14.08
C ALA A 51 -9.93 5.41 12.97
N GLU A 52 -9.88 5.92 11.75
CA GLU A 52 -9.41 5.14 10.62
C GLU A 52 -7.90 4.95 10.74
N PRO A 53 -7.44 3.68 10.76
CA PRO A 53 -6.04 3.33 11.03
C PRO A 53 -5.02 4.00 10.11
N GLN A 54 -5.29 4.08 8.82
CA GLN A 54 -4.34 4.63 7.87
C GLN A 54 -4.09 6.12 8.07
N THR A 55 -5.14 6.85 8.44
CA THR A 55 -5.07 8.30 8.53
C THR A 55 -5.18 8.84 9.95
N GLY A 56 -5.94 8.13 10.79
CA GLY A 56 -6.19 8.58 12.15
C GLY A 56 -7.43 9.46 12.21
N ILE A 57 -8.09 9.60 11.07
CA ILE A 57 -9.29 10.41 10.97
C ILE A 57 -10.49 9.73 11.63
N GLU A 58 -11.18 10.47 12.50
CA GLU A 58 -12.36 9.96 13.17
C GLU A 58 -13.49 9.68 12.18
N VAL A 59 -14.00 8.46 12.19
CA VAL A 59 -15.07 8.07 11.29
C VAL A 59 -16.37 7.81 12.04
N HIS A 60 -17.43 8.51 11.66
CA HIS A 60 -18.75 8.28 12.23
C HIS A 60 -19.35 7.02 11.61
N LYS A 61 -19.23 5.92 12.34
CA LYS A 61 -19.57 4.59 11.81
C LYS A 61 -21.03 4.43 11.39
N TYR A 62 -21.93 5.16 12.05
CA TYR A 62 -23.35 5.02 11.77
C TYR A 62 -23.94 6.30 11.17
N GLY A 63 -23.13 7.02 10.40
CA GLY A 63 -23.58 8.26 9.78
C GLY A 63 -23.05 9.48 10.50
N ALA A 64 -22.88 10.57 9.76
CA ALA A 64 -22.34 11.80 10.31
C ALA A 64 -23.23 12.35 11.42
N HIS A 65 -22.61 12.69 12.54
CA HIS A 65 -23.32 13.27 13.68
C HIS A 65 -22.78 14.66 14.00
N LEU A 66 -23.62 15.68 13.80
CA LEU A 66 -23.24 17.05 14.09
C LEU A 66 -24.06 17.58 15.27
N PHE A 67 -23.37 18.03 16.31
CA PHE A 67 -24.05 18.50 17.51
C PHE A 67 -24.37 19.99 17.43
N HIS A 68 -25.58 20.34 17.86
CA HIS A 68 -26.04 21.72 17.85
C HIS A 68 -27.27 21.88 18.74
N THR A 69 -27.31 22.97 19.51
CA THR A 69 -28.43 23.23 20.39
C THR A 69 -28.50 24.70 20.81
N SER A 70 -29.70 25.14 21.18
CA SER A 70 -29.90 26.49 21.70
C SER A 70 -30.23 26.41 23.19
N ASN A 71 -30.32 25.20 23.70
CA ASN A 71 -30.59 24.96 25.12
C ASN A 71 -29.31 25.10 25.95
N LYS A 72 -29.26 26.15 26.77
CA LYS A 72 -28.09 26.43 27.57
C LYS A 72 -27.81 25.33 28.60
N ARG A 73 -28.88 24.81 29.20
CA ARG A 73 -28.74 23.75 30.20
C ARG A 73 -28.12 22.51 29.60
N VAL A 74 -28.60 22.11 28.42
CA VAL A 74 -28.05 20.96 27.71
C VAL A 74 -26.60 21.23 27.31
N TRP A 75 -26.35 22.45 26.86
CA TRP A 75 -25.00 22.87 26.46
C TRP A 75 -24.02 22.78 27.63
N ASP A 76 -24.44 23.28 28.80
CA ASP A 76 -23.61 23.22 29.99
C ASP A 76 -23.44 21.79 30.49
N TYR A 77 -24.45 20.95 30.25
CA TYR A 77 -24.42 19.57 30.70
C TYR A 77 -23.41 18.73 29.92
N VAL A 78 -23.43 18.85 28.61
CA VAL A 78 -22.58 18.03 27.75
C VAL A 78 -21.11 18.45 27.81
N ARG A 79 -20.86 19.70 28.20
CA ARG A 79 -19.49 20.21 28.30
C ARG A 79 -18.76 19.63 29.51
N GLN A 80 -19.52 18.95 30.38
CA GLN A 80 -18.93 18.30 31.55
C GLN A 80 -18.17 17.05 31.16
N PHE A 81 -18.45 16.54 29.97
CA PHE A 81 -17.89 15.26 29.53
C PHE A 81 -16.97 15.41 28.33
N THR A 82 -17.03 16.56 27.67
CA THR A 82 -16.20 16.80 26.50
C THR A 82 -16.08 18.29 26.16
N ASP A 83 -15.04 18.63 25.42
CA ASP A 83 -14.89 19.98 24.88
C ASP A 83 -15.42 20.00 23.45
N PHE A 84 -15.70 21.18 22.93
CA PHE A 84 -16.22 21.31 21.57
C PHE A 84 -15.36 22.26 20.73
N THR A 85 -15.17 21.91 19.47
CA THR A 85 -14.44 22.76 18.54
C THR A 85 -15.35 23.88 18.04
N ASP A 86 -14.78 24.82 17.30
CA ASP A 86 -15.55 25.94 16.76
C ASP A 86 -16.11 25.62 15.38
N TYR A 87 -16.26 24.33 15.10
CA TYR A 87 -16.76 23.87 13.80
C TYR A 87 -18.19 24.36 13.54
N ARG A 88 -18.41 24.83 12.32
CA ARG A 88 -19.73 25.26 11.89
C ARG A 88 -20.14 24.48 10.64
N HIS A 89 -21.14 23.63 10.78
CA HIS A 89 -21.51 22.72 9.69
C HIS A 89 -22.11 23.44 8.50
N ARG A 90 -21.60 23.10 7.31
CA ARG A 90 -22.14 23.61 6.06
C ARG A 90 -22.30 22.48 5.06
N VAL A 91 -23.36 22.54 4.26
CA VAL A 91 -23.65 21.50 3.30
C VAL A 91 -23.75 22.07 1.88
N PHE A 92 -23.18 21.37 0.91
CA PHE A 92 -23.32 21.76 -0.48
C PHE A 92 -24.18 20.73 -1.23
N ALA A 93 -24.85 21.17 -2.28
CA ALA A 93 -25.75 20.31 -3.04
C ALA A 93 -25.33 20.15 -4.48
N MET A 94 -25.24 18.90 -4.93
CA MET A 94 -24.84 18.59 -6.30
C MET A 94 -26.07 18.40 -7.19
N HIS A 95 -26.14 19.16 -8.28
CA HIS A 95 -27.26 19.06 -9.20
C HIS A 95 -26.83 19.32 -10.64
N ASN A 96 -27.11 18.36 -11.52
CA ASN A 96 -26.76 18.45 -12.94
C ASN A 96 -25.29 18.77 -13.18
N GLY A 97 -24.41 18.17 -12.38
CA GLY A 97 -22.98 18.33 -12.55
C GLY A 97 -22.45 19.65 -12.01
N GLN A 98 -23.25 20.30 -11.16
CA GLN A 98 -22.84 21.57 -10.57
C GLN A 98 -23.09 21.59 -9.07
N ALA A 99 -22.12 22.11 -8.31
CA ALA A 99 -22.25 22.23 -6.87
C ALA A 99 -22.93 23.54 -6.50
N TYR A 100 -23.93 23.46 -5.64
CA TYR A 100 -24.71 24.63 -5.25
C TYR A 100 -24.59 24.96 -3.77
N GLN A 101 -24.66 26.25 -3.45
CA GLN A 101 -24.74 26.69 -2.06
C GLN A 101 -26.06 26.22 -1.46
N PHE A 102 -26.01 25.80 -0.20
CA PHE A 102 -27.16 25.15 0.43
C PHE A 102 -27.20 25.54 1.90
N PRO A 103 -28.40 25.64 2.50
CA PRO A 103 -29.73 25.41 1.90
C PRO A 103 -30.32 26.64 1.21
N MET A 104 -31.61 26.85 1.41
CA MET A 104 -32.33 27.98 0.84
C MET A 104 -31.70 29.31 1.23
N GLY A 105 -31.20 30.04 0.24
CA GLY A 105 -30.54 31.31 0.48
C GLY A 105 -30.21 32.06 -0.80
N LEU A 106 -29.61 33.22 -0.66
CA LEU A 106 -29.27 34.06 -1.81
C LEU A 106 -28.23 33.41 -2.71
N GLY A 107 -27.36 32.59 -2.11
CA GLY A 107 -26.36 31.87 -2.87
C GLY A 107 -27.00 30.85 -3.79
N LEU A 108 -27.92 30.07 -3.24
CA LEU A 108 -28.64 29.05 -4.01
C LEU A 108 -29.49 29.68 -5.10
N VAL A 109 -30.22 30.73 -4.74
CA VAL A 109 -31.11 31.41 -5.68
C VAL A 109 -30.35 32.03 -6.84
N SER A 110 -29.26 32.72 -6.53
CA SER A 110 -28.46 33.40 -7.55
C SER A 110 -27.81 32.42 -8.52
N GLN A 111 -27.39 31.27 -8.01
CA GLN A 111 -26.77 30.25 -8.84
C GLN A 111 -27.79 29.57 -9.74
N PHE A 112 -28.94 29.21 -9.17
CA PHE A 112 -29.93 28.42 -9.88
C PHE A 112 -30.71 29.24 -10.91
N PHE A 113 -30.78 30.55 -10.72
CA PHE A 113 -31.56 31.39 -11.62
C PHE A 113 -30.68 32.27 -12.51
N GLY A 114 -29.36 32.21 -12.30
CA GLY A 114 -28.41 32.79 -13.23
C GLY A 114 -27.96 34.22 -12.96
N LYS A 115 -28.52 34.86 -11.95
CA LYS A 115 -28.13 36.24 -11.63
C LYS A 115 -28.37 36.57 -10.16
N TYR A 116 -27.76 37.66 -9.70
CA TYR A 116 -27.87 38.06 -8.30
C TYR A 116 -29.26 38.60 -7.95
N PHE A 117 -29.75 38.20 -6.79
CA PHE A 117 -31.02 38.68 -6.27
C PHE A 117 -30.84 39.35 -4.91
N THR A 118 -31.33 40.58 -4.77
CA THR A 118 -31.34 41.24 -3.48
C THR A 118 -32.32 40.50 -2.56
N PRO A 119 -32.13 40.62 -1.24
CA PRO A 119 -33.04 39.97 -0.27
C PRO A 119 -34.52 40.23 -0.56
N GLU A 120 -34.84 41.41 -1.09
CA GLU A 120 -36.22 41.74 -1.42
C GLU A 120 -36.65 41.09 -2.72
N GLN A 121 -35.76 41.09 -3.71
CA GLN A 121 -36.03 40.47 -5.00
C GLN A 121 -36.19 38.97 -4.85
N ALA A 122 -35.48 38.39 -3.88
CA ALA A 122 -35.55 36.96 -3.62
C ALA A 122 -36.89 36.59 -2.98
N ARG A 123 -37.32 37.39 -2.00
CA ARG A 123 -38.60 37.17 -1.34
C ARG A 123 -39.75 37.27 -2.34
N GLN A 124 -39.62 38.16 -3.28
CA GLN A 124 -40.63 38.29 -4.28
C GLN A 124 -40.70 37.06 -5.15
N LEU A 125 -39.57 36.58 -5.60
CA LEU A 125 -39.56 35.49 -6.54
C LEU A 125 -40.12 34.23 -5.92
N ILE A 126 -39.70 33.96 -4.70
CA ILE A 126 -40.21 32.83 -4.00
C ILE A 126 -41.68 32.97 -3.74
N ALA A 127 -42.11 34.16 -3.40
CA ALA A 127 -43.50 34.34 -3.03
C ALA A 127 -44.32 34.00 -4.23
N GLU A 128 -43.86 34.44 -5.39
CA GLU A 128 -44.61 34.15 -6.58
C GLU A 128 -44.68 32.65 -6.76
N GLN A 129 -43.55 31.98 -6.63
CA GLN A 129 -43.49 30.57 -6.93
C GLN A 129 -44.03 29.68 -5.83
N ALA A 130 -44.50 30.25 -4.74
CA ALA A 130 -45.12 29.47 -3.69
C ALA A 130 -46.66 29.64 -3.59
N ALA A 131 -47.27 30.12 -4.65
CA ALA A 131 -48.63 30.66 -4.59
C ALA A 131 -49.69 29.58 -4.35
N GLU A 132 -49.39 28.35 -4.77
CA GLU A 132 -50.35 27.25 -4.69
C GLU A 132 -50.83 26.98 -3.26
N ILE A 133 -49.88 26.91 -2.34
CA ILE A 133 -50.22 26.63 -0.94
C ILE A 133 -49.50 27.61 0.00
N ASP A 134 -50.17 27.99 1.07
CA ASP A 134 -49.55 28.83 2.09
C ASP A 134 -48.97 27.97 3.20
N THR A 135 -47.95 28.50 3.87
CA THR A 135 -47.17 27.74 4.86
C THR A 135 -48.02 27.17 5.99
N ALA A 136 -49.00 27.95 6.44
CA ALA A 136 -49.81 27.56 7.60
C ALA A 136 -50.73 26.37 7.31
N ASP A 137 -51.15 26.24 6.06
CA ASP A 137 -52.13 25.22 5.70
C ASP A 137 -51.49 23.98 5.07
N ALA A 138 -50.20 23.78 5.34
CA ALA A 138 -49.47 22.64 4.78
C ALA A 138 -49.68 21.39 5.63
N GLN A 139 -50.25 20.35 5.02
CA GLN A 139 -50.53 19.11 5.72
C GLN A 139 -49.31 18.21 5.78
N ASN A 140 -48.51 18.23 4.71
CA ASN A 140 -47.41 17.28 4.57
C ASN A 140 -46.09 17.93 4.17
N LEU A 141 -45.10 17.08 3.89
CA LEU A 141 -43.76 17.53 3.53
C LEU A 141 -43.76 18.32 2.23
N GLU A 142 -44.46 17.80 1.21
CA GLU A 142 -44.50 18.42 -0.09
C GLU A 142 -45.15 19.80 -0.05
N GLU A 143 -46.28 19.90 0.65
CA GLU A 143 -46.99 21.16 0.76
C GLU A 143 -46.19 22.18 1.55
N LYS A 144 -45.43 21.70 2.53
CA LYS A 144 -44.62 22.57 3.38
C LYS A 144 -43.42 23.12 2.62
N ALA A 145 -42.74 22.24 1.90
CA ALA A 145 -41.53 22.62 1.18
C ALA A 145 -41.82 23.63 0.07
N ILE A 146 -42.84 23.35 -0.73
CA ILE A 146 -43.23 24.25 -1.82
C ILE A 146 -43.64 25.62 -1.28
N SER A 147 -44.32 25.62 -0.14
CA SER A 147 -44.78 26.86 0.48
C SER A 147 -43.60 27.68 1.01
N LEU A 148 -42.48 27.02 1.24
CA LEU A 148 -41.31 27.66 1.83
C LEU A 148 -40.27 28.10 0.79
N ILE A 149 -40.01 27.26 -0.19
CA ILE A 149 -38.93 27.51 -1.14
C ILE A 149 -39.38 27.62 -2.59
N GLY A 150 -40.67 27.42 -2.83
CA GLY A 150 -41.20 27.48 -4.18
C GLY A 150 -41.09 26.16 -4.91
N ARG A 151 -41.69 26.08 -6.09
CA ARG A 151 -41.75 24.83 -6.84
C ARG A 151 -40.50 24.50 -7.69
N PRO A 152 -39.98 25.47 -8.48
CA PRO A 152 -38.81 25.12 -9.29
C PRO A 152 -37.60 24.68 -8.48
N LEU A 153 -37.48 25.20 -7.26
CA LEU A 153 -36.41 24.78 -6.36
C LEU A 153 -36.77 23.45 -5.69
N TYR A 154 -38.05 23.21 -5.50
CA TYR A 154 -38.54 21.99 -4.87
C TYR A 154 -38.23 20.76 -5.72
N GLU A 155 -38.41 20.90 -7.03
CA GLU A 155 -38.18 19.79 -7.94
C GLU A 155 -36.70 19.47 -8.11
N ALA A 156 -35.86 20.50 -8.00
CA ALA A 156 -34.44 20.36 -8.31
C ALA A 156 -33.57 20.05 -7.10
N PHE A 157 -34.11 20.22 -5.90
CA PHE A 157 -33.31 20.04 -4.70
C PHE A 157 -34.02 19.27 -3.59
N VAL A 158 -35.31 19.00 -3.77
CA VAL A 158 -36.07 18.29 -2.74
C VAL A 158 -36.71 17.01 -3.29
N LYS A 159 -37.26 17.10 -4.49
CA LYS A 159 -37.98 15.98 -5.11
C LYS A 159 -37.15 14.70 -5.17
N GLY A 160 -36.02 14.77 -5.88
CA GLY A 160 -35.16 13.62 -6.05
C GLY A 160 -34.51 13.14 -4.77
N TYR A 161 -34.13 14.08 -3.91
CA TYR A 161 -33.47 13.75 -2.65
C TYR A 161 -34.43 13.04 -1.70
N THR A 162 -35.67 13.53 -1.63
CA THR A 162 -36.68 12.94 -0.75
C THR A 162 -37.05 11.54 -1.21
N ALA A 163 -37.08 11.34 -2.52
CA ALA A 163 -37.43 10.06 -3.11
C ALA A 163 -36.41 8.99 -2.76
N LYS A 164 -35.14 9.40 -2.67
CA LYS A 164 -34.06 8.47 -2.39
C LYS A 164 -33.92 8.15 -0.91
N GLN A 165 -34.36 9.08 -0.06
CA GLN A 165 -34.20 8.92 1.38
C GLN A 165 -35.37 8.15 2.01
N TRP A 166 -36.58 8.42 1.54
CA TRP A 166 -37.77 7.83 2.16
C TRP A 166 -38.42 6.76 1.30
N GLN A 167 -38.33 6.92 -0.03
CA GLN A 167 -39.05 6.08 -0.97
C GLN A 167 -40.55 6.10 -0.65
N THR A 168 -41.02 7.25 -0.20
CA THR A 168 -42.41 7.44 0.20
C THR A 168 -42.94 8.75 -0.40
N ASP A 169 -44.18 8.73 -0.88
CA ASP A 169 -44.79 9.91 -1.47
C ASP A 169 -44.80 11.07 -0.49
N PRO A 170 -44.26 12.22 -0.91
CA PRO A 170 -44.08 13.41 -0.07
C PRO A 170 -45.39 13.96 0.48
N LYS A 171 -46.51 13.61 -0.15
CA LYS A 171 -47.82 14.02 0.36
C LYS A 171 -48.20 13.21 1.60
N GLU A 172 -47.44 12.14 1.86
CA GLU A 172 -47.73 11.26 2.97
C GLU A 172 -46.68 11.41 4.08
N LEU A 173 -45.68 12.25 3.84
CA LEU A 173 -44.62 12.49 4.81
C LEU A 173 -44.89 13.75 5.63
N PRO A 174 -44.50 13.74 6.92
CA PRO A 174 -44.71 14.86 7.83
C PRO A 174 -44.09 16.17 7.33
N ALA A 175 -44.75 17.28 7.63
CA ALA A 175 -44.28 18.60 7.21
C ALA A 175 -43.09 19.04 8.07
N ALA A 176 -42.96 18.43 9.24
CA ALA A 176 -41.91 18.78 10.18
C ALA A 176 -40.53 18.34 9.69
N ASN A 177 -40.51 17.40 8.75
CA ASN A 177 -39.26 16.88 8.20
C ASN A 177 -38.49 17.93 7.40
N ILE A 178 -39.21 18.82 6.73
CA ILE A 178 -38.58 19.82 5.86
C ILE A 178 -38.22 21.07 6.66
N THR A 179 -38.91 21.31 7.77
CA THR A 179 -38.66 22.48 8.60
C THR A 179 -37.42 22.29 9.47
N ARG A 180 -36.73 21.17 9.27
CA ARG A 180 -35.45 20.93 9.92
C ARG A 180 -34.38 21.79 9.27
N LEU A 181 -34.62 22.15 8.01
CA LEU A 181 -33.71 23.00 7.26
C LEU A 181 -34.13 24.46 7.34
N PRO A 182 -33.17 25.36 7.61
CA PRO A 182 -33.43 26.80 7.71
C PRO A 182 -33.78 27.44 6.38
N VAL A 183 -34.86 28.21 6.35
CA VAL A 183 -35.23 28.97 5.16
C VAL A 183 -34.68 30.39 5.29
N ARG A 184 -33.76 30.75 4.40
CA ARG A 184 -33.03 32.00 4.54
C ARG A 184 -33.15 32.89 3.31
N TYR A 185 -32.99 34.19 3.54
CA TYR A 185 -32.94 35.16 2.45
C TYR A 185 -31.68 36.01 2.56
N THR A 186 -30.61 35.37 3.05
CA THR A 186 -29.30 35.99 3.11
C THR A 186 -28.28 35.07 2.43
N PHE A 187 -26.99 35.40 2.57
CA PHE A 187 -25.94 34.58 2.00
C PHE A 187 -25.39 33.60 3.04
N ASP A 188 -25.96 33.65 4.24
CA ASP A 188 -25.56 32.73 5.31
C ASP A 188 -25.91 31.30 4.93
N ASN A 189 -24.91 30.43 4.94
CA ASN A 189 -25.13 29.03 4.57
C ASN A 189 -24.81 28.07 5.70
N ARG A 190 -24.98 28.52 6.94
CA ARG A 190 -24.88 27.61 8.08
C ARG A 190 -26.08 26.67 8.06
N TYR A 191 -25.81 25.37 8.04
CA TYR A 191 -26.87 24.38 7.92
C TYR A 191 -27.75 24.34 9.16
N PHE A 192 -27.19 24.75 10.30
CA PHE A 192 -27.96 24.84 11.53
C PHE A 192 -28.08 26.29 11.99
N SER A 193 -29.10 26.58 12.78
CA SER A 193 -29.34 27.94 13.24
C SER A 193 -29.44 28.00 14.76
N ASP A 194 -28.75 27.09 15.44
CA ASP A 194 -28.77 27.05 16.90
C ASP A 194 -27.65 27.89 17.50
N THR A 195 -27.83 28.30 18.75
CA THR A 195 -26.88 29.16 19.44
C THR A 195 -25.52 28.49 19.62
N TYR A 196 -25.53 27.21 20.01
CA TYR A 196 -24.30 26.49 20.26
C TYR A 196 -24.09 25.37 19.26
N GLU A 197 -22.86 25.21 18.78
CA GLU A 197 -22.54 24.19 17.80
C GLU A 197 -21.06 23.83 17.86
N GLY A 198 -20.74 22.58 17.59
CA GLY A 198 -19.37 22.12 17.57
C GLY A 198 -19.24 20.61 17.60
N LEU A 199 -18.06 20.12 17.27
CA LEU A 199 -17.78 18.69 17.33
C LEU A 199 -16.95 18.37 18.56
N PRO A 200 -17.16 17.18 19.15
CA PRO A 200 -16.37 16.73 20.30
C PRO A 200 -14.88 16.74 19.98
N THR A 201 -14.11 17.50 20.76
CA THR A 201 -12.69 17.71 20.50
C THR A 201 -11.91 16.40 20.41
N ASP A 202 -12.23 15.45 21.29
CA ASP A 202 -11.52 14.18 21.34
C ASP A 202 -12.37 13.03 20.83
N GLY A 203 -13.42 13.35 20.07
CA GLY A 203 -14.25 12.34 19.46
C GLY A 203 -15.51 12.02 20.27
N TYR A 204 -16.47 11.38 19.61
CA TYR A 204 -17.74 11.05 20.25
C TYR A 204 -17.61 9.91 21.26
N THR A 205 -16.79 8.92 20.93
CA THR A 205 -16.61 7.76 21.80
C THR A 205 -16.06 8.17 23.16
N ALA A 206 -15.07 9.07 23.16
CA ALA A 206 -14.50 9.58 24.40
C ALA A 206 -15.55 10.33 25.21
N TRP A 207 -16.42 11.06 24.50
CA TRP A 207 -17.52 11.78 25.11
C TRP A 207 -18.48 10.80 25.81
N LEU A 208 -18.85 9.74 25.09
CA LEU A 208 -19.79 8.77 25.61
C LEU A 208 -19.21 7.93 26.74
N GLN A 209 -17.91 7.66 26.67
CA GLN A 209 -17.23 6.89 27.72
C GLN A 209 -17.18 7.67 29.03
N ASN A 210 -17.06 8.98 28.94
CA ASN A 210 -17.03 9.83 30.13
C ASN A 210 -18.38 9.84 30.85
N MET A 211 -19.47 9.77 30.08
CA MET A 211 -20.80 9.80 30.65
C MET A 211 -21.12 8.52 31.42
N ALA A 212 -20.45 7.43 31.07
CA ALA A 212 -20.70 6.14 31.72
C ALA A 212 -19.51 5.71 32.57
N ALA A 213 -18.61 6.66 32.84
CA ALA A 213 -17.38 6.36 33.55
C ALA A 213 -17.58 6.15 35.04
N ASP A 214 -18.66 6.68 35.58
CA ASP A 214 -18.94 6.60 37.02
C ASP A 214 -19.00 5.15 37.49
N HIS A 215 -18.41 4.90 38.66
CA HIS A 215 -18.28 3.53 39.17
C HIS A 215 -19.64 2.91 39.53
N ARG A 216 -20.64 3.76 39.73
CA ARG A 216 -21.98 3.30 40.07
C ARG A 216 -22.75 2.91 38.80
N ILE A 217 -22.10 3.05 37.65
CA ILE A 217 -22.71 2.67 36.38
C ILE A 217 -22.01 1.45 35.79
N GLU A 218 -22.77 0.36 35.61
CA GLU A 218 -22.23 -0.83 34.98
C GLU A 218 -22.82 -1.02 33.59
N VAL A 219 -21.95 -1.15 32.60
CA VAL A 219 -22.39 -1.33 31.21
C VAL A 219 -22.05 -2.73 30.70
N ARG A 220 -23.08 -3.50 30.37
CA ARG A 220 -22.88 -4.85 29.84
C ARG A 220 -23.14 -4.89 28.34
N LEU A 221 -22.07 -5.03 27.58
CA LEU A 221 -22.16 -5.06 26.12
C LEU A 221 -22.58 -6.44 25.61
N ASN A 222 -22.99 -6.50 24.35
CA ASN A 222 -23.42 -7.74 23.70
C ASN A 222 -24.52 -8.45 24.48
N THR A 223 -25.37 -7.68 25.13
CA THR A 223 -26.43 -8.25 25.97
C THR A 223 -27.80 -7.72 25.56
N ASP A 224 -28.71 -8.63 25.21
CA ASP A 224 -30.06 -8.26 24.85
C ASP A 224 -30.96 -8.29 26.09
N TRP A 225 -31.71 -7.21 26.30
CA TRP A 225 -32.54 -7.05 27.48
C TRP A 225 -33.58 -8.16 27.63
N PHE A 226 -34.18 -8.57 26.52
CA PHE A 226 -35.24 -9.56 26.54
C PHE A 226 -34.73 -10.96 26.86
N ASP A 227 -33.42 -11.14 26.79
CA ASP A 227 -32.80 -12.43 27.12
C ASP A 227 -32.47 -12.54 28.60
N VAL A 228 -32.31 -11.39 29.26
CA VAL A 228 -31.81 -11.36 30.63
C VAL A 228 -32.75 -10.71 31.64
N ARG A 229 -33.85 -10.14 31.17
CA ARG A 229 -34.77 -9.43 32.06
C ARG A 229 -35.49 -10.37 33.01
N GLY A 230 -35.62 -11.63 32.61
CA GLY A 230 -36.31 -12.62 33.43
C GLY A 230 -35.56 -12.96 34.70
N GLN A 231 -34.25 -12.75 34.67
CA GLN A 231 -33.39 -13.09 35.81
C GLN A 231 -32.92 -11.87 36.59
N LEU A 232 -32.70 -10.77 35.87
CA LEU A 232 -32.18 -9.55 36.48
C LEU A 232 -33.21 -8.86 37.38
N ARG A 233 -34.41 -8.65 36.87
CA ARG A 233 -35.46 -7.95 37.60
C ARG A 233 -35.85 -8.59 38.94
N PRO A 234 -35.86 -9.92 39.03
CA PRO A 234 -36.07 -10.49 40.37
C PRO A 234 -34.93 -10.14 41.33
N GLY A 235 -33.72 -9.94 40.80
CA GLY A 235 -32.58 -9.56 41.61
C GLY A 235 -32.73 -8.16 42.18
N SER A 236 -33.53 -7.33 41.49
CA SER A 236 -33.81 -5.98 41.95
C SER A 236 -35.27 -5.62 41.64
N PRO A 237 -36.20 -6.14 42.46
CA PRO A 237 -37.65 -6.08 42.22
C PRO A 237 -38.22 -4.67 42.07
N ALA A 238 -37.70 -3.73 42.86
CA ALA A 238 -38.27 -2.38 42.88
C ALA A 238 -37.66 -1.47 41.82
N ALA A 239 -36.61 -1.94 41.15
CA ALA A 239 -35.89 -1.13 40.17
C ALA A 239 -36.70 -0.91 38.90
N PRO A 240 -36.94 0.36 38.53
CA PRO A 240 -37.63 0.71 37.29
C PRO A 240 -36.79 0.36 36.06
N VAL A 241 -37.39 0.46 34.87
CA VAL A 241 -36.68 0.14 33.63
C VAL A 241 -36.87 1.23 32.58
N VAL A 242 -35.75 1.80 32.13
CA VAL A 242 -35.78 2.78 31.05
C VAL A 242 -35.39 2.11 29.74
N TYR A 243 -36.37 2.00 28.84
CA TYR A 243 -36.18 1.29 27.58
C TYR A 243 -36.07 2.25 26.40
N THR A 244 -34.99 2.13 25.63
CA THR A 244 -34.75 3.02 24.50
C THR A 244 -34.65 2.25 23.18
N GLY A 245 -35.03 0.99 23.20
CA GLY A 245 -35.05 0.18 21.99
C GLY A 245 -36.31 0.45 21.19
N PRO A 246 -36.49 -0.28 20.08
CA PRO A 246 -37.68 -0.12 19.23
C PRO A 246 -38.98 -0.37 19.99
N LEU A 247 -39.93 0.55 19.87
CA LEU A 247 -41.17 0.48 20.62
C LEU A 247 -42.01 -0.75 20.25
N ASP A 248 -42.10 -1.02 18.94
CA ASP A 248 -42.89 -2.15 18.47
C ASP A 248 -42.22 -3.49 18.80
N ARG A 249 -40.88 -3.51 18.79
CA ARG A 249 -40.13 -4.72 19.07
C ARG A 249 -40.32 -5.14 20.53
N TYR A 250 -40.54 -4.16 21.40
CA TYR A 250 -40.75 -4.43 22.81
C TYR A 250 -42.01 -5.27 23.04
N PHE A 251 -43.03 -5.00 22.23
CA PHE A 251 -44.29 -5.74 22.33
C PHE A 251 -44.37 -6.81 21.24
N ASP A 252 -43.20 -7.17 20.70
CA ASP A 252 -43.08 -8.24 19.71
C ASP A 252 -43.95 -8.02 18.48
N TYR A 253 -44.13 -6.76 18.10
CA TYR A 253 -44.92 -6.38 16.94
C TYR A 253 -46.33 -6.97 17.00
N ALA A 254 -46.96 -6.84 18.16
CA ALA A 254 -48.29 -7.41 18.39
C ALA A 254 -49.35 -6.81 17.47
N GLU A 255 -49.33 -5.49 17.33
CA GLU A 255 -50.33 -4.79 16.54
C GLU A 255 -49.84 -4.54 15.11
N GLY A 256 -48.57 -4.82 14.87
CA GLY A 256 -47.99 -4.63 13.56
C GLY A 256 -46.60 -4.02 13.62
N ARG A 257 -45.99 -3.80 12.46
CA ARG A 257 -44.66 -3.23 12.39
C ARG A 257 -44.67 -1.77 11.96
N LEU A 258 -44.06 -0.92 12.77
CA LEU A 258 -43.91 0.49 12.43
C LEU A 258 -42.94 0.64 11.28
N GLY A 259 -43.20 1.62 10.40
CA GLY A 259 -42.33 1.86 9.27
C GLY A 259 -41.06 2.60 9.66
N TRP A 260 -39.91 1.98 9.40
CA TRP A 260 -38.63 2.61 9.67
C TRP A 260 -37.79 2.71 8.40
N ARG A 261 -36.84 3.63 8.40
CA ARG A 261 -35.84 3.72 7.33
C ARG A 261 -34.46 3.43 7.90
N THR A 262 -33.70 2.60 7.19
CA THR A 262 -32.33 2.28 7.60
C THR A 262 -31.33 2.82 6.60
N LEU A 263 -30.05 2.76 6.95
CA LEU A 263 -29.00 3.27 6.07
C LEU A 263 -27.85 2.29 5.87
N ASP A 264 -27.36 2.21 4.65
CA ASP A 264 -26.16 1.45 4.33
C ASP A 264 -25.02 2.43 4.07
N PHE A 265 -23.82 2.08 4.51
CA PHE A 265 -22.68 2.98 4.35
C PHE A 265 -21.55 2.34 3.54
N GLU A 266 -20.82 3.18 2.82
CA GLU A 266 -19.72 2.72 1.98
C GLU A 266 -18.46 3.53 2.31
N VAL A 267 -17.66 3.02 3.24
CA VAL A 267 -16.45 3.70 3.66
C VAL A 267 -15.26 3.33 2.77
N GLU A 268 -14.53 4.34 2.31
CA GLU A 268 -13.41 4.12 1.40
C GLU A 268 -12.25 5.07 1.67
N VAL A 269 -11.05 4.52 1.70
CA VAL A 269 -9.84 5.32 1.89
C VAL A 269 -9.16 5.54 0.55
N LEU A 270 -9.30 6.75 0.01
CA LEU A 270 -8.77 7.08 -1.31
C LEU A 270 -7.32 7.50 -1.26
N PRO A 271 -6.55 7.17 -2.32
CA PRO A 271 -5.14 7.55 -2.41
C PRO A 271 -4.93 9.00 -2.85
N ILE A 272 -5.87 9.87 -2.50
CA ILE A 272 -5.73 11.31 -2.76
C ILE A 272 -5.97 12.09 -1.47
N GLY A 273 -5.54 13.35 -1.47
CA GLY A 273 -5.62 14.18 -0.28
C GLY A 273 -6.99 14.78 -0.01
N ASP A 274 -7.73 15.07 -1.08
CA ASP A 274 -9.03 15.72 -0.94
C ASP A 274 -9.98 15.28 -2.05
N PHE A 275 -11.15 14.77 -1.64
CA PHE A 275 -12.10 14.20 -2.60
C PHE A 275 -13.11 15.23 -3.14
N GLN A 276 -13.68 16.04 -2.26
CA GLN A 276 -14.71 16.98 -2.67
C GLN A 276 -14.52 18.38 -2.09
N GLY A 277 -13.53 18.52 -1.22
CA GLY A 277 -13.17 19.82 -0.67
C GLY A 277 -14.14 20.37 0.36
N THR A 278 -15.03 19.52 0.85
CA THR A 278 -15.99 19.92 1.88
C THR A 278 -16.47 18.70 2.66
N ALA A 279 -17.07 18.95 3.82
CA ALA A 279 -17.47 17.87 4.73
C ALA A 279 -18.58 16.99 4.14
N VAL A 280 -19.70 17.62 3.76
CA VAL A 280 -20.84 16.87 3.26
C VAL A 280 -21.34 17.42 1.93
N MET A 281 -21.47 16.55 0.93
CA MET A 281 -22.00 16.92 -0.36
C MET A 281 -23.28 16.15 -0.66
N ASN A 282 -24.41 16.86 -0.74
CA ASN A 282 -25.69 16.24 -1.05
C ASN A 282 -25.85 15.98 -2.55
N TYR A 283 -26.43 14.83 -2.88
CA TYR A 283 -26.70 14.49 -4.26
C TYR A 283 -28.21 14.39 -4.49
N ASN A 284 -28.77 15.42 -5.11
CA ASN A 284 -30.21 15.57 -5.25
C ASN A 284 -30.79 14.87 -6.47
N ASP A 285 -29.92 14.47 -7.40
CA ASP A 285 -30.37 13.84 -8.64
C ASP A 285 -30.57 12.34 -8.48
N LEU A 286 -31.44 11.77 -9.31
CA LEU A 286 -31.78 10.36 -9.22
C LEU A 286 -30.84 9.48 -10.03
N ASP A 287 -29.93 10.09 -10.80
CA ASP A 287 -29.00 9.34 -11.61
C ASP A 287 -27.84 8.80 -10.77
N VAL A 288 -27.95 8.96 -9.46
CA VAL A 288 -26.97 8.45 -8.51
C VAL A 288 -27.70 7.79 -7.34
N PRO A 289 -27.23 6.63 -6.89
CA PRO A 289 -27.90 5.84 -5.85
C PRO A 289 -27.78 6.43 -4.44
N TYR A 290 -26.60 6.94 -4.10
CA TYR A 290 -26.37 7.48 -2.75
C TYR A 290 -26.98 8.86 -2.57
N THR A 291 -27.40 9.16 -1.35
CA THR A 291 -28.04 10.43 -1.05
C THR A 291 -27.02 11.54 -0.82
N ARG A 292 -25.86 11.18 -0.25
CA ARG A 292 -24.82 12.16 0.03
C ARG A 292 -23.48 11.48 0.32
N ILE A 293 -22.41 12.27 0.28
CA ILE A 293 -21.06 11.76 0.55
C ILE A 293 -20.38 12.58 1.64
N HIS A 294 -19.84 11.90 2.64
CA HIS A 294 -19.14 12.57 3.73
C HIS A 294 -17.63 12.43 3.57
N GLU A 295 -16.90 13.52 3.76
CA GLU A 295 -15.45 13.48 3.80
C GLU A 295 -14.98 13.97 5.16
N PHE A 296 -14.57 13.02 6.01
CA PHE A 296 -14.40 13.27 7.43
C PHE A 296 -13.21 14.15 7.80
N ARG A 297 -12.29 14.38 6.87
CA ARG A 297 -11.13 15.22 7.17
C ARG A 297 -11.55 16.68 7.31
N HIS A 298 -12.67 17.03 6.69
CA HIS A 298 -13.17 18.40 6.73
C HIS A 298 -14.03 18.65 7.95
N PHE A 299 -14.30 17.60 8.71
CA PHE A 299 -15.02 17.72 9.97
C PHE A 299 -14.14 18.38 11.03
N HIS A 300 -12.84 18.18 10.89
CA HIS A 300 -11.87 18.78 11.80
C HIS A 300 -10.77 19.50 11.03
N PRO A 301 -11.05 20.73 10.57
CA PRO A 301 -10.06 21.53 9.83
C PRO A 301 -8.96 22.07 10.73
N GLU A 302 -9.17 22.02 12.04
CA GLU A 302 -8.16 22.48 12.99
C GLU A 302 -7.08 21.42 13.17
N ARG A 303 -7.37 20.21 12.70
CA ARG A 303 -6.41 19.10 12.77
C ARG A 303 -5.65 18.99 11.46
N ASP A 304 -4.47 18.37 11.52
CA ASP A 304 -3.67 18.15 10.32
C ASP A 304 -3.44 16.66 10.06
N TYR A 305 -4.08 16.15 9.02
CA TYR A 305 -3.92 14.75 8.64
C TYR A 305 -3.06 14.64 7.39
N ARG A 306 -2.68 13.42 7.05
CA ARG A 306 -1.85 13.17 5.86
C ARG A 306 -2.55 13.66 4.60
N THR A 307 -1.78 14.24 3.68
CA THR A 307 -2.34 14.87 2.49
C THR A 307 -2.28 13.97 1.25
N ASP A 308 -2.02 12.70 1.46
CA ASP A 308 -1.98 11.74 0.36
C ASP A 308 -3.12 10.73 0.50
N LYS A 309 -3.84 10.80 1.61
CA LYS A 309 -4.95 9.90 1.88
C LYS A 309 -6.17 10.68 2.35
N THR A 310 -7.35 10.12 2.10
CA THR A 310 -8.59 10.73 2.59
C THR A 310 -9.66 9.64 2.79
N VAL A 311 -10.53 9.85 3.77
CA VAL A 311 -11.57 8.88 4.07
C VAL A 311 -12.95 9.44 3.75
N ILE A 312 -13.64 8.81 2.81
CA ILE A 312 -14.98 9.23 2.44
C ILE A 312 -16.00 8.15 2.81
N MET A 313 -17.28 8.55 2.82
CA MET A 313 -18.36 7.62 3.13
C MET A 313 -19.61 7.96 2.33
N ARG A 314 -20.07 7.02 1.51
CA ARG A 314 -21.30 7.20 0.75
C ARG A 314 -22.48 6.61 1.52
N GLU A 315 -23.61 7.31 1.45
CA GLU A 315 -24.77 6.96 2.27
C GLU A 315 -25.96 6.50 1.41
N TYR A 316 -26.51 5.34 1.75
CA TYR A 316 -27.63 4.78 1.00
C TYR A 316 -28.84 4.56 1.91
N SER A 317 -30.04 4.84 1.39
CA SER A 317 -31.25 4.72 2.19
C SER A 317 -32.21 3.66 1.65
N ARG A 318 -32.80 2.88 2.57
CA ARG A 318 -33.78 1.87 2.21
C ARG A 318 -34.67 1.54 3.40
N PHE A 319 -35.72 0.77 3.15
CA PHE A 319 -36.63 0.36 4.22
C PHE A 319 -35.95 -0.58 5.21
N ALA A 320 -36.20 -0.35 6.48
CA ALA A 320 -35.59 -1.18 7.54
C ALA A 320 -36.25 -2.54 7.61
N GLU A 321 -35.49 -3.58 7.28
CA GLU A 321 -35.97 -4.94 7.39
C GLU A 321 -35.95 -5.38 8.86
N ASP A 322 -36.37 -6.62 9.11
CA ASP A 322 -36.47 -7.12 10.47
C ASP A 322 -35.11 -7.22 11.16
N ASP A 323 -34.07 -7.51 10.39
CA ASP A 323 -32.73 -7.65 10.95
C ASP A 323 -31.94 -6.35 10.86
N ASP A 324 -32.53 -5.33 10.24
CA ASP A 324 -31.88 -4.03 10.10
C ASP A 324 -32.02 -3.21 11.38
N GLU A 325 -31.15 -2.20 11.50
CA GLU A 325 -31.22 -1.28 12.63
C GLU A 325 -31.93 0.00 12.21
N PRO A 326 -33.06 0.30 12.87
CA PRO A 326 -33.92 1.45 12.57
C PRO A 326 -33.22 2.79 12.82
N TYR A 327 -33.23 3.66 11.82
CA TYR A 327 -32.58 4.97 11.94
C TYR A 327 -33.60 6.11 11.90
N TYR A 328 -34.53 6.04 10.95
CA TYR A 328 -35.53 7.08 10.78
C TYR A 328 -36.96 6.54 10.84
N PRO A 329 -37.80 7.17 11.65
CA PRO A 329 -39.24 6.87 11.65
C PRO A 329 -39.93 7.50 10.44
N ILE A 330 -40.80 6.75 9.78
CA ILE A 330 -41.48 7.25 8.59
C ILE A 330 -42.66 8.15 8.97
N ASN A 331 -43.42 7.71 9.95
CA ASN A 331 -44.53 8.50 10.50
C ASN A 331 -45.58 8.91 9.48
N THR A 332 -46.08 7.95 8.71
CA THR A 332 -47.22 8.19 7.84
C THR A 332 -48.50 8.17 8.68
N GLU A 333 -49.64 8.36 8.03
CA GLU A 333 -50.92 8.36 8.74
C GLU A 333 -51.19 6.97 9.34
N ALA A 334 -50.80 5.94 8.60
CA ALA A 334 -50.95 4.56 9.06
C ALA A 334 -49.97 4.27 10.20
N ASP A 335 -48.77 4.84 10.10
CA ASP A 335 -47.76 4.66 11.13
C ASP A 335 -48.18 5.31 12.46
N ARG A 336 -48.79 6.49 12.38
CA ARG A 336 -49.19 7.21 13.56
C ARG A 336 -50.36 6.53 14.28
N ALA A 337 -51.24 5.91 13.51
CA ALA A 337 -52.35 5.15 14.08
C ALA A 337 -51.82 3.95 14.85
N LEU A 338 -50.80 3.30 14.29
CA LEU A 338 -50.16 2.17 14.93
C LEU A 338 -49.39 2.61 16.18
N LEU A 339 -48.81 3.79 16.11
CA LEU A 339 -48.06 4.36 17.22
C LEU A 339 -48.96 4.61 18.44
N ALA A 340 -50.17 5.11 18.17
CA ALA A 340 -51.12 5.41 19.23
C ALA A 340 -51.51 4.18 20.03
N THR A 341 -51.56 3.03 19.36
CA THR A 341 -51.88 1.77 20.02
C THR A 341 -50.71 1.30 20.87
N TYR A 342 -49.50 1.56 20.41
CA TYR A 342 -48.30 1.18 21.16
C TYR A 342 -48.07 2.12 22.34
N ARG A 343 -48.49 3.37 22.19
N ARG A 343 -48.48 3.38 22.18
CA ARG A 343 -48.38 4.34 23.27
CA ARG A 343 -48.39 4.35 23.27
C ARG A 343 -49.28 3.94 24.44
C ARG A 343 -49.28 3.92 24.43
N ALA A 344 -50.45 3.40 24.11
CA ALA A 344 -51.40 2.93 25.11
C ALA A 344 -50.82 1.72 25.86
N ARG A 345 -50.24 0.79 25.11
CA ARG A 345 -49.60 -0.38 25.69
C ARG A 345 -48.41 0.04 26.56
N ALA A 346 -47.65 1.03 26.09
CA ALA A 346 -46.50 1.54 26.83
C ALA A 346 -46.95 2.17 28.14
N LYS A 347 -48.04 2.92 28.08
CA LYS A 347 -48.58 3.57 29.27
C LYS A 347 -49.06 2.54 30.29
N SER A 348 -49.46 1.37 29.79
CA SER A 348 -49.89 0.28 30.66
C SER A 348 -48.67 -0.40 31.30
N GLU A 349 -47.59 -0.51 30.53
CA GLU A 349 -46.37 -1.13 31.01
C GLU A 349 -45.72 -0.31 32.13
N THR A 350 -45.91 1.01 32.08
CA THR A 350 -45.39 1.88 33.11
C THR A 350 -46.13 1.66 34.44
N ALA A 351 -47.44 1.50 34.34
CA ALA A 351 -48.28 1.28 35.52
C ALA A 351 -48.08 -0.12 36.09
N SER A 352 -47.96 -1.10 35.19
CA SER A 352 -47.93 -2.50 35.60
C SER A 352 -46.54 -3.00 35.97
N SER A 353 -45.52 -2.54 35.26
CA SER A 353 -44.17 -3.08 35.44
C SER A 353 -43.08 -2.02 35.57
N LYS A 354 -43.50 -0.76 35.78
CA LYS A 354 -42.56 0.34 35.98
C LYS A 354 -41.56 0.48 34.84
N VAL A 355 -42.04 0.45 33.60
CA VAL A 355 -41.18 0.53 32.44
C VAL A 355 -41.38 1.83 31.66
N LEU A 356 -40.34 2.65 31.63
CA LEU A 356 -40.39 3.92 30.90
C LEU A 356 -39.88 3.75 29.47
N PHE A 357 -40.40 4.56 28.56
CA PHE A 357 -40.02 4.50 27.16
C PHE A 357 -39.50 5.85 26.68
N GLY A 358 -38.25 5.87 26.22
CA GLY A 358 -37.63 7.10 25.74
C GLY A 358 -36.69 6.86 24.58
N GLY A 359 -36.15 7.95 24.04
CA GLY A 359 -35.22 7.86 22.93
C GLY A 359 -35.92 7.87 21.59
N ARG A 360 -35.14 7.94 20.51
CA ARG A 360 -35.68 7.95 19.15
C ARG A 360 -36.45 6.66 18.85
N LEU A 361 -35.90 5.54 19.27
CA LEU A 361 -36.51 4.23 18.99
C LEU A 361 -37.65 3.93 19.95
N GLY A 362 -37.55 4.42 21.18
CA GLY A 362 -38.53 4.13 22.21
C GLY A 362 -39.83 4.90 22.07
N THR A 363 -39.79 5.99 21.31
CA THR A 363 -40.97 6.84 21.16
C THR A 363 -41.37 7.05 19.70
N TYR A 364 -40.62 6.44 18.79
CA TYR A 364 -40.87 6.55 17.35
C TYR A 364 -40.88 8.03 16.92
N GLN A 365 -39.85 8.76 17.34
CA GLN A 365 -39.77 10.19 17.04
C GLN A 365 -38.44 10.59 16.43
N TYR A 366 -38.49 11.58 15.56
CA TYR A 366 -37.32 12.13 14.89
C TYR A 366 -36.49 12.96 15.87
N LEU A 367 -35.55 12.32 16.57
CA LEU A 367 -34.79 13.00 17.62
C LEU A 367 -33.32 13.16 17.29
N ASP A 368 -32.82 14.39 17.48
CA ASP A 368 -31.40 14.67 17.37
C ASP A 368 -30.73 14.39 18.70
N MET A 369 -29.40 14.52 18.75
CA MET A 369 -28.64 14.25 19.96
C MET A 369 -29.06 15.17 21.10
N HIS A 370 -29.15 16.47 20.80
CA HIS A 370 -29.47 17.46 21.82
C HIS A 370 -30.93 17.36 22.26
N MET A 371 -31.79 16.87 21.37
N MET A 371 -31.78 16.87 21.37
CA MET A 371 -33.20 16.72 21.68
CA MET A 371 -33.19 16.71 21.68
C MET A 371 -33.44 15.51 22.57
C MET A 371 -33.44 15.51 22.58
N ALA A 372 -32.66 14.45 22.34
CA ALA A 372 -32.77 13.24 23.15
C ALA A 372 -32.19 13.47 24.55
N ILE A 373 -31.10 14.21 24.61
CA ILE A 373 -30.47 14.57 25.89
C ILE A 373 -31.42 15.45 26.71
N ALA A 374 -32.03 16.41 26.05
CA ALA A 374 -33.00 17.29 26.70
C ALA A 374 -34.21 16.49 27.18
N SER A 375 -34.65 15.54 26.35
CA SER A 375 -35.78 14.68 26.69
C SER A 375 -35.44 13.78 27.87
N ALA A 376 -34.19 13.33 27.92
CA ALA A 376 -33.73 12.47 29.01
C ALA A 376 -33.69 13.25 30.32
N LEU A 377 -33.25 14.50 30.26
CA LEU A 377 -33.19 15.36 31.43
C LEU A 377 -34.59 15.64 31.95
N ASN A 378 -35.55 15.82 31.05
CA ASN A 378 -36.93 16.06 31.41
C ASN A 378 -37.54 14.84 32.12
N MET A 379 -37.26 13.65 31.59
CA MET A 379 -37.75 12.42 32.18
C MET A 379 -37.16 12.23 33.57
N TYR A 380 -35.89 12.58 33.72
CA TYR A 380 -35.22 12.47 35.02
C TYR A 380 -35.85 13.43 36.02
N ASP A 381 -35.95 14.70 35.66
CA ASP A 381 -36.45 15.73 36.56
C ASP A 381 -37.89 15.50 36.98
N ASN A 382 -38.75 15.15 36.03
CA ASN A 382 -40.18 15.11 36.26
C ASN A 382 -40.73 13.73 36.62
N VAL A 383 -40.01 12.67 36.26
CA VAL A 383 -40.52 11.31 36.46
C VAL A 383 -39.62 10.45 37.34
N LEU A 384 -38.40 10.18 36.87
CA LEU A 384 -37.51 9.24 37.53
C LEU A 384 -37.05 9.68 38.92
N ALA A 385 -36.51 10.89 39.01
CA ALA A 385 -35.99 11.40 40.28
C ALA A 385 -37.05 11.47 41.39
N PRO A 386 -38.26 11.99 41.10
CA PRO A 386 -39.26 11.97 42.18
C PRO A 386 -39.62 10.56 42.66
N HIS A 387 -39.52 9.58 41.76
CA HIS A 387 -39.84 8.21 42.10
C HIS A 387 -38.73 7.55 42.92
N LEU A 388 -37.51 7.64 42.42
CA LEU A 388 -36.37 6.98 43.05
C LEU A 388 -35.96 7.64 44.36
N ARG A 389 -36.42 8.86 44.60
CA ARG A 389 -36.00 9.61 45.77
C ARG A 389 -37.13 9.82 46.77
N ASP A 390 -38.34 10.03 46.28
CA ASP A 390 -39.47 10.35 47.16
C ASP A 390 -40.60 9.31 47.09
N GLY A 391 -40.52 8.42 46.11
CA GLY A 391 -41.50 7.35 45.98
C GLY A 391 -42.75 7.75 45.21
N VAL A 392 -42.65 8.83 44.46
CA VAL A 392 -43.77 9.30 43.64
C VAL A 392 -44.04 8.31 42.50
N PRO A 393 -45.31 7.96 42.29
CA PRO A 393 -45.73 7.08 41.19
C PRO A 393 -45.18 7.54 39.84
N LEU A 394 -44.80 6.59 38.99
CA LEU A 394 -44.10 6.90 37.74
C LEU A 394 -44.97 7.61 36.70
N LEU A 395 -46.28 7.42 36.79
CA LEU A 395 -47.19 8.10 35.87
C LEU A 395 -48.29 8.86 36.61
N THR B 5 -40.27 -10.84 0.04
CA THR B 5 -39.25 -11.31 -0.89
C THR B 5 -37.95 -11.66 -0.18
N ALA B 6 -36.94 -12.05 -0.95
CA ALA B 6 -35.65 -12.45 -0.39
C ALA B 6 -34.94 -11.26 0.25
N ARG B 7 -34.09 -11.56 1.22
CA ARG B 7 -33.33 -10.53 1.92
C ARG B 7 -31.91 -10.48 1.37
N PHE B 8 -31.40 -11.63 0.95
CA PHE B 8 -30.08 -11.71 0.32
C PHE B 8 -30.17 -12.45 -1.01
N ASP B 9 -29.25 -12.16 -1.92
CA ASP B 9 -29.20 -12.81 -3.22
C ASP B 9 -28.16 -13.91 -3.25
N LEU B 10 -27.25 -13.88 -2.29
CA LEU B 10 -26.14 -14.84 -2.25
C LEU B 10 -25.53 -14.95 -0.87
N PHE B 11 -25.21 -16.18 -0.47
CA PHE B 11 -24.47 -16.42 0.76
C PHE B 11 -23.04 -16.84 0.44
N VAL B 12 -22.08 -16.29 1.16
CA VAL B 12 -20.68 -16.66 0.99
C VAL B 12 -20.06 -17.04 2.33
N VAL B 13 -19.53 -18.27 2.39
CA VAL B 13 -18.91 -18.75 3.61
C VAL B 13 -17.39 -18.63 3.54
N GLY B 14 -16.84 -17.75 4.36
CA GLY B 14 -15.42 -17.48 4.36
C GLY B 14 -15.09 -16.13 3.74
N SER B 15 -14.23 -15.38 4.41
CA SER B 15 -13.87 -14.04 3.95
C SER B 15 -12.45 -13.99 3.41
N GLY B 16 -11.99 -15.11 2.87
CA GLY B 16 -10.69 -15.17 2.23
C GLY B 16 -10.74 -14.51 0.86
N PHE B 17 -9.63 -14.55 0.13
CA PHE B 17 -9.57 -13.92 -1.18
C PHE B 17 -10.56 -14.51 -2.17
N PHE B 18 -10.82 -15.81 -2.05
CA PHE B 18 -11.81 -16.46 -2.93
C PHE B 18 -13.20 -15.93 -2.63
N GLY B 19 -13.57 -15.91 -1.35
CA GLY B 19 -14.88 -15.47 -0.95
C GLY B 19 -15.15 -14.01 -1.25
N LEU B 20 -14.18 -13.15 -0.96
CA LEU B 20 -14.32 -11.72 -1.17
C LEU B 20 -14.38 -11.37 -2.65
N THR B 21 -13.60 -12.08 -3.47
CA THR B 21 -13.61 -11.87 -4.91
C THR B 21 -14.99 -12.21 -5.47
N ILE B 22 -15.56 -13.31 -4.99
CA ILE B 22 -16.91 -13.71 -5.36
C ILE B 22 -17.92 -12.65 -4.93
N ALA B 23 -17.83 -12.23 -3.67
CA ALA B 23 -18.76 -11.27 -3.11
C ALA B 23 -18.69 -9.91 -3.81
N GLU B 24 -17.48 -9.47 -4.13
CA GLU B 24 -17.29 -8.18 -4.77
C GLU B 24 -17.83 -8.17 -6.21
N ARG B 25 -17.57 -9.24 -6.95
CA ARG B 25 -18.00 -9.32 -8.33
C ARG B 25 -19.53 -9.37 -8.43
N VAL B 26 -20.16 -10.17 -7.59
CA VAL B 26 -21.61 -10.31 -7.59
C VAL B 26 -22.28 -8.99 -7.21
N ALA B 27 -21.69 -8.28 -6.24
CA ALA B 27 -22.26 -7.03 -5.75
C ALA B 27 -22.15 -5.90 -6.77
N THR B 28 -20.93 -5.65 -7.25
CA THR B 28 -20.67 -4.49 -8.10
C THR B 28 -21.13 -4.68 -9.54
N GLN B 29 -21.09 -5.92 -10.04
CA GLN B 29 -21.38 -6.17 -11.45
C GLN B 29 -22.81 -6.63 -11.70
N LEU B 30 -23.43 -7.24 -10.69
CA LEU B 30 -24.79 -7.76 -10.86
C LEU B 30 -25.80 -7.01 -10.01
N ASP B 31 -25.33 -6.07 -9.20
CA ASP B 31 -26.17 -5.29 -8.30
C ASP B 31 -27.00 -6.20 -7.40
N LYS B 32 -26.31 -7.10 -6.70
CA LYS B 32 -26.96 -8.05 -5.80
C LYS B 32 -26.52 -7.84 -4.36
N ARG B 33 -27.34 -8.32 -3.43
CA ARG B 33 -27.00 -8.22 -2.01
C ARG B 33 -26.35 -9.51 -1.51
N VAL B 34 -25.14 -9.39 -0.99
CA VAL B 34 -24.37 -10.56 -0.58
C VAL B 34 -24.02 -10.54 0.91
N LEU B 35 -24.27 -11.66 1.59
CA LEU B 35 -23.90 -11.80 2.98
C LEU B 35 -22.68 -12.71 3.12
N VAL B 36 -21.59 -12.15 3.63
CA VAL B 36 -20.37 -12.92 3.87
C VAL B 36 -20.29 -13.30 5.35
N LEU B 37 -20.13 -14.59 5.62
CA LEU B 37 -20.07 -15.06 7.00
C LEU B 37 -18.68 -15.60 7.33
N GLU B 38 -18.06 -15.03 8.35
CA GLU B 38 -16.71 -15.39 8.75
C GLU B 38 -16.68 -15.93 10.18
N ARG B 39 -16.15 -17.13 10.33
CA ARG B 39 -16.06 -17.78 11.64
C ARG B 39 -15.06 -17.06 12.54
N ARG B 40 -13.99 -16.55 11.93
CA ARG B 40 -12.94 -15.84 12.66
C ARG B 40 -13.41 -14.43 13.04
N PRO B 41 -12.77 -13.84 14.07
CA PRO B 41 -13.14 -12.49 14.52
C PRO B 41 -12.66 -11.38 13.59
N HIS B 42 -12.04 -11.74 12.47
CA HIS B 42 -11.56 -10.74 11.51
C HIS B 42 -11.66 -11.24 10.07
N ILE B 43 -11.59 -10.29 9.14
CA ILE B 43 -11.72 -10.57 7.71
C ILE B 43 -10.38 -11.01 7.11
N GLY B 44 -10.43 -11.67 5.96
CA GLY B 44 -9.24 -11.91 5.17
C GLY B 44 -8.70 -13.33 5.13
N GLY B 45 -9.13 -14.16 6.06
CA GLY B 45 -8.62 -15.52 6.15
C GLY B 45 -7.20 -15.52 6.68
N ASN B 46 -6.35 -16.35 6.08
CA ASN B 46 -4.97 -16.47 6.53
C ASN B 46 -4.08 -15.36 5.97
N ALA B 47 -4.65 -14.51 5.13
CA ALA B 47 -3.92 -13.38 4.57
C ALA B 47 -4.03 -12.16 5.49
N TYR B 48 -4.71 -12.32 6.60
CA TYR B 48 -4.91 -11.26 7.55
C TYR B 48 -3.65 -10.78 8.25
N SER B 49 -3.50 -9.47 8.35
CA SER B 49 -2.31 -8.89 8.90
C SER B 49 -2.60 -7.86 9.97
N GLU B 50 -1.65 -7.67 10.85
CA GLU B 50 -1.74 -6.73 11.93
C GLU B 50 -0.43 -6.05 12.27
N ALA B 51 -0.47 -4.76 12.51
CA ALA B 51 0.72 -4.03 12.92
C ALA B 51 1.09 -4.40 14.32
N GLU B 52 2.36 -4.66 14.53
CA GLU B 52 2.87 -4.94 15.84
C GLU B 52 3.04 -3.61 16.53
N PRO B 53 2.38 -3.55 17.76
CA PRO B 53 2.34 -2.20 18.35
C PRO B 53 3.64 -1.53 18.76
N GLN B 54 4.61 -2.29 19.23
CA GLN B 54 5.90 -1.75 19.60
C GLN B 54 6.68 -1.12 18.46
N THR B 55 6.63 -1.72 17.29
CA THR B 55 7.42 -1.26 16.18
C THR B 55 6.62 -0.66 15.06
N GLY B 56 5.36 -1.03 14.97
CA GLY B 56 4.52 -0.65 13.85
C GLY B 56 4.66 -1.53 12.64
N ILE B 57 5.44 -2.58 12.75
CA ILE B 57 5.67 -3.45 11.64
C ILE B 57 4.51 -4.38 11.34
N GLU B 58 4.11 -4.46 10.08
CA GLU B 58 3.05 -5.33 9.67
C GLU B 58 3.48 -6.76 9.83
N VAL B 59 2.65 -7.53 10.50
CA VAL B 59 2.94 -8.89 10.77
C VAL B 59 1.89 -9.75 10.11
N HIS B 60 2.34 -10.74 9.36
CA HIS B 60 1.41 -11.63 8.71
C HIS B 60 1.07 -12.72 9.72
N LYS B 61 -0.13 -12.64 10.24
CA LYS B 61 -0.50 -13.44 11.38
C LYS B 61 -0.48 -14.94 11.17
N TYR B 62 -0.90 -15.38 10.00
CA TYR B 62 -0.99 -16.79 9.69
C TYR B 62 0.12 -17.17 8.77
N GLY B 63 1.19 -16.45 8.81
CA GLY B 63 2.34 -16.75 8.00
C GLY B 63 2.49 -15.82 6.84
N ALA B 64 3.71 -15.67 6.39
CA ALA B 64 4.00 -14.65 5.42
C ALA B 64 3.27 -14.89 4.15
N HIS B 65 2.69 -13.84 3.60
CA HIS B 65 2.06 -13.93 2.30
C HIS B 65 2.70 -13.03 1.29
N LEU B 66 3.29 -13.60 0.25
CA LEU B 66 3.90 -12.82 -0.82
C LEU B 66 3.09 -12.95 -2.10
N PHE B 67 2.63 -11.82 -2.62
CA PHE B 67 1.78 -11.83 -3.81
C PHE B 67 2.61 -11.82 -5.09
N HIS B 68 2.20 -12.65 -6.05
CA HIS B 68 2.89 -12.76 -7.33
C HIS B 68 1.99 -13.43 -8.36
N THR B 69 2.01 -12.93 -9.59
CA THR B 69 1.19 -13.48 -10.65
C THR B 69 1.66 -13.06 -12.04
N SER B 70 1.31 -13.83 -13.05
CA SER B 70 1.59 -13.49 -14.44
C SER B 70 0.28 -13.22 -15.17
N ASN B 71 -0.83 -13.43 -14.48
CA ASN B 71 -2.15 -13.18 -15.03
C ASN B 71 -2.46 -11.69 -15.02
N LYS B 72 -2.49 -11.08 -16.20
CA LYS B 72 -2.71 -9.65 -16.34
C LYS B 72 -4.10 -9.23 -15.84
N ARG B 73 -5.08 -10.09 -16.07
CA ARG B 73 -6.45 -9.81 -15.62
C ARG B 73 -6.53 -9.73 -14.10
N VAL B 74 -5.91 -10.70 -13.43
CA VAL B 74 -5.86 -10.74 -11.97
C VAL B 74 -5.10 -9.53 -11.44
N TRP B 75 -3.98 -9.21 -12.08
CA TRP B 75 -3.14 -8.08 -11.71
C TRP B 75 -3.91 -6.77 -11.77
N ASP B 76 -4.67 -6.59 -12.84
CA ASP B 76 -5.48 -5.39 -13.01
C ASP B 76 -6.63 -5.33 -12.01
N TYR B 77 -7.19 -6.50 -11.68
CA TYR B 77 -8.32 -6.59 -10.78
C TYR B 77 -7.95 -6.19 -9.35
N VAL B 78 -6.83 -6.73 -8.86
CA VAL B 78 -6.42 -6.50 -7.47
C VAL B 78 -5.93 -5.08 -7.25
N ARG B 79 -5.50 -4.42 -8.32
CA ARG B 79 -5.00 -3.05 -8.21
C ARG B 79 -6.14 -2.03 -8.10
N GLN B 80 -7.37 -2.52 -8.17
CA GLN B 80 -8.53 -1.68 -7.95
C GLN B 80 -8.75 -1.44 -6.45
N PHE B 81 -8.12 -2.27 -5.63
CA PHE B 81 -8.37 -2.25 -4.20
C PHE B 81 -7.12 -1.89 -3.39
N THR B 82 -5.96 -1.94 -4.04
CA THR B 82 -4.70 -1.64 -3.36
C THR B 82 -3.56 -1.35 -4.32
N ASP B 83 -2.54 -0.65 -3.82
CA ASP B 83 -1.31 -0.45 -4.56
C ASP B 83 -0.28 -1.48 -4.14
N PHE B 84 0.77 -1.66 -4.94
CA PHE B 84 1.81 -2.62 -4.63
C PHE B 84 3.20 -1.97 -4.64
N THR B 85 4.05 -2.40 -3.71
CA THR B 85 5.43 -1.95 -3.69
C THR B 85 6.24 -2.71 -4.73
N ASP B 86 7.49 -2.31 -4.91
CA ASP B 86 8.36 -2.95 -5.89
C ASP B 86 9.19 -4.07 -5.25
N TYR B 87 8.67 -4.62 -4.15
CA TYR B 87 9.36 -5.67 -3.41
C TYR B 87 9.55 -6.93 -4.25
N ARG B 88 10.76 -7.47 -4.22
CA ARG B 88 11.07 -8.72 -4.90
C ARG B 88 11.54 -9.74 -3.88
N HIS B 89 10.74 -10.79 -3.68
CA HIS B 89 11.00 -11.75 -2.62
C HIS B 89 12.23 -12.62 -2.89
N ARG B 90 13.11 -12.69 -1.89
CA ARG B 90 14.30 -13.53 -1.96
C ARG B 90 14.44 -14.35 -0.68
N VAL B 91 14.86 -15.60 -0.83
CA VAL B 91 14.97 -16.51 0.30
C VAL B 91 16.41 -17.03 0.43
N PHE B 92 16.90 -17.11 1.66
CA PHE B 92 18.20 -17.72 1.92
C PHE B 92 18.01 -19.00 2.74
N ALA B 93 18.92 -19.95 2.57
CA ALA B 93 18.79 -21.25 3.24
C ALA B 93 19.94 -21.50 4.20
N MET B 94 19.61 -21.98 5.40
CA MET B 94 20.61 -22.28 6.42
C MET B 94 20.95 -23.77 6.41
N HIS B 95 22.23 -24.09 6.25
CA HIS B 95 22.68 -25.47 6.20
C HIS B 95 24.09 -25.62 6.79
N ASN B 96 24.20 -26.47 7.81
CA ASN B 96 25.46 -26.73 8.50
C ASN B 96 26.15 -25.46 8.98
N GLY B 97 25.37 -24.53 9.52
CA GLY B 97 25.90 -23.31 10.07
C GLY B 97 26.33 -22.30 9.02
N GLN B 98 25.90 -22.53 7.78
CA GLN B 98 26.23 -21.62 6.68
C GLN B 98 24.97 -21.17 5.93
N ALA B 99 24.89 -19.88 5.66
CA ALA B 99 23.78 -19.33 4.90
C ALA B 99 24.06 -19.37 3.40
N TYR B 100 23.17 -20.00 2.66
CA TYR B 100 23.36 -20.16 1.22
C TYR B 100 22.40 -19.33 0.40
N GLN B 101 22.79 -19.01 -0.83
CA GLN B 101 21.90 -18.37 -1.79
C GLN B 101 20.87 -19.40 -2.25
N PHE B 102 19.64 -18.95 -2.47
CA PHE B 102 18.52 -19.86 -2.72
C PHE B 102 17.54 -19.18 -3.69
N PRO B 103 16.87 -19.96 -4.54
CA PRO B 103 16.92 -21.42 -4.68
C PRO B 103 18.00 -21.92 -5.64
N MET B 104 17.63 -22.89 -6.48
CA MET B 104 18.54 -23.49 -7.44
C MET B 104 19.12 -22.46 -8.41
N GLY B 105 20.42 -22.22 -8.29
CA GLY B 105 21.11 -21.26 -9.13
C GLY B 105 22.62 -21.38 -9.01
N LEU B 106 23.34 -20.50 -9.69
CA LEU B 106 24.79 -20.51 -9.68
C LEU B 106 25.34 -20.17 -8.30
N GLY B 107 24.60 -19.36 -7.55
CA GLY B 107 25.00 -19.00 -6.20
C GLY B 107 24.96 -20.20 -5.28
N LEU B 108 23.94 -21.04 -5.44
CA LEU B 108 23.78 -22.23 -4.63
C LEU B 108 24.84 -23.28 -4.99
N VAL B 109 25.07 -23.46 -6.29
CA VAL B 109 26.01 -24.45 -6.77
C VAL B 109 27.45 -24.10 -6.40
N SER B 110 27.83 -22.84 -6.64
CA SER B 110 29.20 -22.41 -6.39
C SER B 110 29.57 -22.43 -4.92
N GLN B 111 28.63 -22.06 -4.05
CA GLN B 111 28.86 -22.04 -2.62
C GLN B 111 29.05 -23.45 -2.06
N PHE B 112 28.13 -24.34 -2.42
CA PHE B 112 28.10 -25.68 -1.84
C PHE B 112 29.23 -26.57 -2.36
N PHE B 113 29.61 -26.40 -3.62
CA PHE B 113 30.62 -27.25 -4.23
C PHE B 113 32.02 -26.64 -4.19
N GLY B 114 32.15 -25.48 -3.57
CA GLY B 114 33.45 -24.89 -3.32
C GLY B 114 33.97 -23.90 -4.34
N LYS B 115 33.75 -24.18 -5.62
CA LYS B 115 34.27 -23.32 -6.68
C LYS B 115 33.17 -22.80 -7.60
N TYR B 116 33.51 -21.79 -8.38
CA TYR B 116 32.55 -21.17 -9.30
C TYR B 116 32.30 -22.03 -10.53
N PHE B 117 31.03 -22.14 -10.91
CA PHE B 117 30.63 -22.89 -12.09
C PHE B 117 29.98 -21.97 -13.11
N THR B 118 30.50 -21.99 -14.34
CA THR B 118 29.85 -21.28 -15.44
C THR B 118 28.50 -21.94 -15.71
N PRO B 119 27.55 -21.19 -16.29
CA PRO B 119 26.23 -21.74 -16.63
C PRO B 119 26.31 -23.08 -17.39
N GLU B 120 27.33 -23.23 -18.21
CA GLU B 120 27.53 -24.48 -18.95
C GLU B 120 28.11 -25.56 -18.03
N GLN B 121 29.07 -25.16 -17.20
CA GLN B 121 29.67 -26.07 -16.23
C GLN B 121 28.64 -26.55 -15.20
N ALA B 122 27.71 -25.67 -14.86
CA ALA B 122 26.68 -26.00 -13.88
C ALA B 122 25.70 -27.01 -14.44
N ARG B 123 25.31 -26.85 -15.69
CA ARG B 123 24.41 -27.79 -16.36
C ARG B 123 25.07 -29.15 -16.49
N GLN B 124 26.36 -29.21 -16.69
CA GLN B 124 26.93 -30.53 -16.86
C GLN B 124 26.75 -31.33 -15.58
N LEU B 125 27.09 -30.68 -14.49
CA LEU B 125 27.14 -31.33 -13.20
C LEU B 125 25.79 -31.82 -12.76
N ILE B 126 24.80 -30.98 -12.89
CA ILE B 126 23.50 -31.33 -12.39
C ILE B 126 22.97 -32.50 -13.17
N ALA B 127 23.20 -32.52 -14.48
CA ALA B 127 22.66 -33.58 -15.32
C ALA B 127 23.25 -34.89 -14.91
N GLU B 128 24.54 -34.84 -14.61
CA GLU B 128 25.15 -36.06 -14.19
C GLU B 128 24.47 -36.53 -12.92
N GLN B 129 24.35 -35.62 -11.98
CA GLN B 129 23.90 -36.01 -10.67
C GLN B 129 22.41 -36.29 -10.68
N ALA B 130 21.73 -35.97 -11.76
CA ALA B 130 20.31 -36.23 -11.87
C ALA B 130 19.89 -37.36 -12.83
N ALA B 131 20.84 -38.09 -13.40
CA ALA B 131 20.47 -39.01 -14.47
C ALA B 131 19.45 -40.08 -14.12
N GLU B 132 19.55 -40.64 -12.93
CA GLU B 132 18.91 -41.88 -12.51
C GLU B 132 17.38 -41.82 -12.66
N ILE B 133 16.83 -40.63 -12.79
CA ILE B 133 15.39 -40.47 -13.00
C ILE B 133 15.11 -39.39 -14.05
N ASP B 134 14.09 -39.62 -14.87
CA ASP B 134 13.75 -38.70 -15.94
C ASP B 134 12.69 -37.70 -15.46
N THR B 135 12.80 -36.46 -15.95
CA THR B 135 11.89 -35.39 -15.53
C THR B 135 10.48 -35.62 -16.06
N ALA B 136 10.39 -36.15 -17.28
CA ALA B 136 9.09 -36.40 -17.91
C ALA B 136 8.27 -37.44 -17.14
N ASP B 137 8.96 -38.38 -16.51
CA ASP B 137 8.29 -39.41 -15.73
C ASP B 137 8.61 -39.30 -14.25
N ALA B 138 7.88 -38.41 -13.57
CA ALA B 138 8.01 -38.25 -12.13
C ALA B 138 6.69 -38.52 -11.44
N GLN B 139 6.66 -39.54 -10.58
CA GLN B 139 5.43 -39.96 -9.94
C GLN B 139 5.20 -39.25 -8.61
N ASN B 140 6.24 -38.60 -8.09
CA ASN B 140 6.15 -37.96 -6.79
C ASN B 140 7.12 -36.79 -6.62
N LEU B 141 7.14 -36.23 -5.42
CA LEU B 141 8.00 -35.09 -5.11
C LEU B 141 9.48 -35.45 -5.21
N GLU B 142 9.84 -36.59 -4.63
CA GLU B 142 11.24 -37.01 -4.58
C GLU B 142 11.82 -37.23 -5.97
N GLU B 143 11.08 -37.93 -6.82
CA GLU B 143 11.52 -38.19 -8.19
C GLU B 143 11.60 -36.88 -8.99
N LYS B 144 10.69 -35.97 -8.71
CA LYS B 144 10.64 -34.70 -9.41
C LYS B 144 11.75 -33.76 -8.94
N ALA B 145 12.05 -33.81 -7.64
CA ALA B 145 13.08 -32.95 -7.07
C ALA B 145 14.46 -33.37 -7.55
N ILE B 146 14.75 -34.67 -7.49
CA ILE B 146 16.04 -35.20 -7.92
C ILE B 146 16.29 -34.92 -9.40
N SER B 147 15.26 -35.07 -10.21
CA SER B 147 15.39 -34.90 -11.66
C SER B 147 15.63 -33.44 -12.05
N LEU B 148 15.43 -32.52 -11.12
CA LEU B 148 15.57 -31.10 -11.41
C LEU B 148 16.84 -30.49 -10.83
N ILE B 149 17.13 -30.80 -9.57
CA ILE B 149 18.26 -30.16 -8.88
C ILE B 149 19.33 -31.15 -8.45
N GLY B 150 19.22 -32.40 -8.91
CA GLY B 150 20.20 -33.41 -8.59
C GLY B 150 19.98 -34.05 -7.23
N ARG B 151 20.88 -34.97 -6.86
CA ARG B 151 20.74 -35.70 -5.60
C ARG B 151 21.62 -35.18 -4.46
N PRO B 152 22.90 -34.83 -4.72
CA PRO B 152 23.67 -34.27 -3.61
C PRO B 152 23.09 -32.97 -3.06
N LEU B 153 22.31 -32.26 -3.87
CA LEU B 153 21.63 -31.06 -3.43
C LEU B 153 20.28 -31.40 -2.81
N TYR B 154 19.70 -32.48 -3.30
CA TYR B 154 18.43 -32.93 -2.81
C TYR B 154 18.56 -33.33 -1.39
N GLU B 155 19.62 -34.06 -1.10
CA GLU B 155 19.77 -34.58 0.22
C GLU B 155 19.91 -33.41 1.15
N ALA B 156 20.72 -32.45 0.75
CA ALA B 156 21.18 -31.40 1.65
C ALA B 156 20.37 -30.10 1.76
N PHE B 157 19.39 -29.90 0.88
CA PHE B 157 18.50 -28.77 1.00
C PHE B 157 17.08 -29.15 0.88
N VAL B 158 16.80 -30.40 0.55
CA VAL B 158 15.43 -30.80 0.41
C VAL B 158 14.96 -31.85 1.40
N LYS B 159 15.86 -32.74 1.79
CA LYS B 159 15.45 -33.85 2.60
C LYS B 159 14.94 -33.41 3.94
N GLY B 160 15.73 -32.60 4.62
CA GLY B 160 15.34 -32.16 5.93
C GLY B 160 14.10 -31.32 5.88
N TYR B 161 14.06 -30.37 4.96
CA TYR B 161 12.97 -29.41 4.91
C TYR B 161 11.63 -30.09 4.64
N THR B 162 11.64 -31.04 3.70
CA THR B 162 10.43 -31.76 3.33
C THR B 162 9.92 -32.60 4.49
N ALA B 163 10.84 -33.20 5.24
CA ALA B 163 10.49 -34.04 6.38
C ALA B 163 9.85 -33.23 7.49
N LYS B 164 10.35 -32.01 7.70
CA LYS B 164 9.85 -31.15 8.77
C LYS B 164 8.51 -30.51 8.42
N GLN B 165 8.26 -30.33 7.13
CA GLN B 165 7.04 -29.67 6.67
C GLN B 165 5.86 -30.62 6.51
N TRP B 166 6.11 -31.78 5.93
CA TRP B 166 5.03 -32.72 5.62
C TRP B 166 4.98 -33.91 6.57
N GLN B 167 6.15 -34.34 7.03
CA GLN B 167 6.28 -35.56 7.84
C GLN B 167 5.67 -36.76 7.13
N THR B 168 5.73 -36.74 5.81
CA THR B 168 5.24 -37.81 4.98
C THR B 168 6.31 -38.19 3.96
N ASP B 169 6.47 -39.49 3.71
CA ASP B 169 7.47 -39.98 2.77
C ASP B 169 7.30 -39.31 1.40
N PRO B 170 8.39 -38.73 0.88
CA PRO B 170 8.39 -37.93 -0.35
C PRO B 170 7.89 -38.68 -1.58
N LYS B 171 7.82 -40.00 -1.50
CA LYS B 171 7.30 -40.80 -2.60
C LYS B 171 5.78 -40.81 -2.63
N GLU B 172 5.17 -40.31 -1.56
CA GLU B 172 3.72 -40.22 -1.47
C GLU B 172 3.23 -38.78 -1.56
N LEU B 173 4.14 -37.86 -1.82
CA LEU B 173 3.80 -36.46 -2.01
C LEU B 173 3.77 -36.12 -3.49
N PRO B 174 2.79 -35.29 -3.91
CA PRO B 174 2.65 -34.91 -5.32
C PRO B 174 3.87 -34.17 -5.85
N ALA B 175 4.15 -34.34 -7.14
CA ALA B 175 5.31 -33.72 -7.77
C ALA B 175 5.09 -32.22 -7.99
N ALA B 176 3.87 -31.76 -7.78
CA ALA B 176 3.53 -30.36 -7.97
C ALA B 176 4.03 -29.49 -6.83
N ASN B 177 4.38 -30.12 -5.71
CA ASN B 177 4.84 -29.40 -4.53
C ASN B 177 6.22 -28.77 -4.73
N ILE B 178 7.12 -29.51 -5.37
CA ILE B 178 8.49 -29.04 -5.56
C ILE B 178 8.63 -28.17 -6.81
N THR B 179 7.67 -28.28 -7.71
CA THR B 179 7.69 -27.49 -8.94
C THR B 179 7.21 -26.06 -8.69
N ARG B 180 6.86 -25.77 -7.44
CA ARG B 180 6.49 -24.42 -7.05
C ARG B 180 7.72 -23.53 -7.01
N LEU B 181 8.89 -24.16 -6.89
CA LEU B 181 10.15 -23.44 -6.86
C LEU B 181 10.79 -23.37 -8.25
N PRO B 182 11.35 -22.22 -8.61
CA PRO B 182 12.02 -22.02 -9.90
C PRO B 182 13.40 -22.68 -9.95
N VAL B 183 13.69 -23.39 -11.04
CA VAL B 183 15.01 -23.97 -11.25
C VAL B 183 15.77 -23.13 -12.28
N ARG B 184 16.93 -22.61 -11.88
CA ARG B 184 17.70 -21.72 -12.75
C ARG B 184 19.17 -22.11 -12.83
N TYR B 185 19.84 -21.59 -13.85
CA TYR B 185 21.28 -21.76 -13.99
C TYR B 185 21.96 -20.39 -14.12
N THR B 186 21.42 -19.42 -13.39
CA THR B 186 21.99 -18.09 -13.33
C THR B 186 22.19 -17.67 -11.88
N PHE B 187 22.62 -16.43 -11.67
CA PHE B 187 22.80 -15.91 -10.31
C PHE B 187 21.51 -15.24 -9.82
N ASP B 188 20.44 -15.37 -10.60
CA ASP B 188 19.15 -14.81 -10.23
C ASP B 188 18.54 -15.59 -9.08
N ASN B 189 18.38 -14.93 -7.93
CA ASN B 189 17.83 -15.59 -6.76
C ASN B 189 16.44 -15.09 -6.39
N ARG B 190 15.73 -14.51 -7.37
CA ARG B 190 14.32 -14.16 -7.17
C ARG B 190 13.52 -15.43 -6.94
N TYR B 191 12.87 -15.51 -5.79
CA TYR B 191 12.18 -16.73 -5.39
C TYR B 191 10.94 -16.99 -6.25
N PHE B 192 10.48 -15.96 -6.94
CA PHE B 192 9.32 -16.08 -7.83
C PHE B 192 9.71 -15.69 -9.26
N SER B 193 9.06 -16.31 -10.23
CA SER B 193 9.36 -16.05 -11.64
C SER B 193 8.13 -15.56 -12.40
N ASP B 194 7.26 -14.84 -11.70
CA ASP B 194 6.07 -14.29 -12.33
C ASP B 194 6.31 -12.86 -12.82
N THR B 195 5.46 -12.41 -13.73
CA THR B 195 5.59 -11.09 -14.32
C THR B 195 5.38 -9.98 -13.28
N TYR B 196 4.36 -10.15 -12.45
CA TYR B 196 4.00 -9.13 -11.48
C TYR B 196 4.21 -9.61 -10.05
N GLU B 197 4.73 -8.73 -9.21
CA GLU B 197 5.05 -9.07 -7.84
C GLU B 197 5.12 -7.82 -6.97
N GLY B 198 4.75 -7.95 -5.70
CA GLY B 198 4.80 -6.85 -4.77
C GLY B 198 3.93 -7.07 -3.55
N LEU B 199 4.19 -6.30 -2.50
CA LEU B 199 3.39 -6.35 -1.28
C LEU B 199 2.40 -5.20 -1.25
N PRO B 200 1.21 -5.43 -0.67
CA PRO B 200 0.22 -4.36 -0.55
C PRO B 200 0.77 -3.18 0.24
N THR B 201 0.77 -2.00 -0.39
CA THR B 201 1.40 -0.81 0.17
C THR B 201 0.87 -0.44 1.56
N ASP B 202 -0.44 -0.57 1.74
CA ASP B 202 -1.06 -0.21 3.01
C ASP B 202 -1.46 -1.44 3.83
N GLY B 203 -0.89 -2.59 3.47
CA GLY B 203 -1.15 -3.82 4.19
C GLY B 203 -2.24 -4.67 3.57
N TYR B 204 -2.26 -5.95 3.93
CA TYR B 204 -3.24 -6.89 3.41
C TYR B 204 -4.65 -6.62 3.92
N THR B 205 -4.75 -6.24 5.19
CA THR B 205 -6.05 -6.01 5.83
C THR B 205 -6.80 -4.87 5.14
N ALA B 206 -6.08 -3.80 4.80
CA ALA B 206 -6.68 -2.68 4.09
C ALA B 206 -7.16 -3.11 2.70
N TRP B 207 -6.37 -3.97 2.06
CA TRP B 207 -6.70 -4.53 0.75
C TRP B 207 -8.01 -5.33 0.83
N LEU B 208 -8.08 -6.26 1.77
CA LEU B 208 -9.23 -7.14 1.91
C LEU B 208 -10.48 -6.38 2.32
N GLN B 209 -10.31 -5.32 3.10
CA GLN B 209 -11.43 -4.51 3.55
C GLN B 209 -12.02 -3.69 2.41
N ASN B 210 -11.17 -3.30 1.46
CA ASN B 210 -11.64 -2.55 0.30
C ASN B 210 -12.48 -3.40 -0.63
N MET B 211 -12.20 -4.70 -0.68
CA MET B 211 -12.93 -5.62 -1.54
C MET B 211 -14.35 -5.85 -1.04
N ALA B 212 -14.55 -5.69 0.26
CA ALA B 212 -15.86 -5.91 0.87
C ALA B 212 -16.48 -4.59 1.33
N ALA B 213 -15.96 -3.48 0.81
CA ALA B 213 -16.38 -2.15 1.24
C ALA B 213 -17.74 -1.75 0.66
N ASP B 214 -18.14 -2.39 -0.45
CA ASP B 214 -19.39 -2.06 -1.12
C ASP B 214 -20.58 -2.21 -0.18
N HIS B 215 -21.57 -1.32 -0.33
CA HIS B 215 -22.70 -1.26 0.59
C HIS B 215 -23.64 -2.46 0.43
N ARG B 216 -23.50 -3.17 -0.69
CA ARG B 216 -24.32 -4.34 -0.97
C ARG B 216 -23.66 -5.61 -0.44
N ILE B 217 -22.59 -5.44 0.32
CA ILE B 217 -21.89 -6.56 0.94
C ILE B 217 -21.83 -6.41 2.45
N GLU B 218 -22.45 -7.35 3.17
CA GLU B 218 -22.37 -7.37 4.62
C GLU B 218 -21.50 -8.53 5.09
N VAL B 219 -20.53 -8.22 5.94
CA VAL B 219 -19.65 -9.25 6.50
C VAL B 219 -19.94 -9.45 7.98
N ARG B 220 -20.35 -10.67 8.33
CA ARG B 220 -20.62 -10.99 9.73
C ARG B 220 -19.50 -11.83 10.33
N LEU B 221 -18.64 -11.18 11.09
CA LEU B 221 -17.53 -11.86 11.76
C LEU B 221 -18.04 -12.64 12.96
N ASN B 222 -17.19 -13.52 13.49
CA ASN B 222 -17.54 -14.35 14.65
C ASN B 222 -18.79 -15.18 14.41
N THR B 223 -19.03 -15.55 13.16
CA THR B 223 -20.25 -16.27 12.79
C THR B 223 -19.94 -17.54 12.01
N ASP B 224 -20.21 -18.69 12.62
CA ASP B 224 -20.01 -19.97 11.97
C ASP B 224 -21.24 -20.31 11.13
N TRP B 225 -20.99 -20.72 9.88
CA TRP B 225 -22.06 -21.01 8.93
C TRP B 225 -23.01 -22.10 9.42
N PHE B 226 -22.46 -23.10 10.11
CA PHE B 226 -23.25 -24.22 10.58
C PHE B 226 -24.04 -23.88 11.85
N ASP B 227 -23.84 -22.68 12.35
CA ASP B 227 -24.58 -22.20 13.51
C ASP B 227 -25.76 -21.32 13.10
N VAL B 228 -25.79 -20.94 11.83
CA VAL B 228 -26.78 -19.96 11.37
C VAL B 228 -27.47 -20.32 10.05
N ARG B 229 -26.99 -21.35 9.36
CA ARG B 229 -27.50 -21.66 8.03
C ARG B 229 -28.98 -22.05 8.04
N GLY B 230 -29.43 -22.65 9.13
CA GLY B 230 -30.82 -23.02 9.25
C GLY B 230 -31.71 -21.81 9.50
N GLN B 231 -31.09 -20.70 9.83
CA GLN B 231 -31.82 -19.47 10.17
C GLN B 231 -31.86 -18.50 9.00
N LEU B 232 -30.78 -18.45 8.22
CA LEU B 232 -30.64 -17.48 7.14
C LEU B 232 -31.30 -17.92 5.84
N ARG B 233 -31.06 -19.17 5.46
CA ARG B 233 -31.55 -19.70 4.18
C ARG B 233 -33.07 -19.67 4.00
N PRO B 234 -33.86 -19.95 5.06
CA PRO B 234 -35.30 -19.79 4.87
C PRO B 234 -35.71 -18.36 4.52
N GLY B 235 -34.95 -17.38 4.99
CA GLY B 235 -35.22 -15.99 4.69
C GLY B 235 -34.94 -15.66 3.23
N SER B 236 -33.95 -16.34 2.65
CA SER B 236 -33.60 -16.17 1.25
C SER B 236 -33.43 -17.52 0.57
N PRO B 237 -34.54 -18.21 0.30
CA PRO B 237 -34.56 -19.61 -0.16
C PRO B 237 -33.87 -19.86 -1.49
N ALA B 238 -33.94 -18.90 -2.41
CA ALA B 238 -33.39 -19.08 -3.75
C ALA B 238 -31.93 -18.66 -3.84
N ALA B 239 -31.40 -18.12 -2.74
CA ALA B 239 -30.02 -17.65 -2.72
C ALA B 239 -29.03 -18.80 -2.66
N PRO B 240 -28.11 -18.86 -3.65
CA PRO B 240 -27.05 -19.88 -3.66
C PRO B 240 -26.06 -19.68 -2.52
N VAL B 241 -25.21 -20.68 -2.28
CA VAL B 241 -24.21 -20.60 -1.22
C VAL B 241 -22.82 -20.94 -1.76
N VAL B 242 -21.90 -19.99 -1.63
CA VAL B 242 -20.50 -20.23 -1.99
C VAL B 242 -19.71 -20.60 -0.74
N TYR B 243 -19.34 -21.87 -0.62
CA TYR B 243 -18.68 -22.38 0.57
C TYR B 243 -17.19 -22.57 0.34
N THR B 244 -16.38 -21.89 1.16
CA THR B 244 -14.93 -21.98 1.02
C THR B 244 -14.28 -22.56 2.28
N GLY B 245 -15.08 -23.18 3.13
CA GLY B 245 -14.56 -23.85 4.30
C GLY B 245 -14.05 -25.24 3.94
N PRO B 246 -13.60 -26.00 4.93
CA PRO B 246 -13.11 -27.37 4.72
C PRO B 246 -14.16 -28.26 4.05
N LEU B 247 -13.76 -28.97 3.00
CA LEU B 247 -14.68 -29.78 2.22
C LEU B 247 -15.26 -30.94 3.03
N ASP B 248 -14.40 -31.65 3.76
CA ASP B 248 -14.84 -32.80 4.55
C ASP B 248 -15.69 -32.39 5.74
N ARG B 249 -15.38 -31.23 6.32
CA ARG B 249 -16.12 -30.74 7.48
C ARG B 249 -17.56 -30.38 7.12
N TYR B 250 -17.76 -29.95 5.88
CA TYR B 250 -19.09 -29.58 5.40
C TYR B 250 -20.06 -30.75 5.49
N PHE B 251 -19.56 -31.94 5.18
CA PHE B 251 -20.37 -33.15 5.23
C PHE B 251 -20.13 -33.92 6.53
N ASP B 252 -19.72 -33.19 7.57
CA ASP B 252 -19.54 -33.74 8.91
C ASP B 252 -18.56 -34.91 8.95
N TYR B 253 -17.59 -34.89 8.04
CA TYR B 253 -16.57 -35.94 7.93
C TYR B 253 -17.18 -37.33 7.80
N ALA B 254 -18.33 -37.42 7.15
CA ALA B 254 -19.08 -38.67 7.06
C ALA B 254 -18.33 -39.76 6.29
N GLU B 255 -17.51 -39.34 5.32
CA GLU B 255 -16.78 -40.29 4.50
C GLU B 255 -15.35 -40.49 5.01
N GLY B 256 -14.98 -39.70 6.01
CA GLY B 256 -13.64 -39.76 6.57
C GLY B 256 -13.00 -38.38 6.63
N ARG B 257 -11.80 -38.31 7.21
CA ARG B 257 -11.11 -37.04 7.35
C ARG B 257 -9.96 -36.91 6.37
N LEU B 258 -9.98 -35.83 5.60
CA LEU B 258 -8.87 -35.51 4.70
C LEU B 258 -7.63 -35.16 5.51
N GLY B 259 -6.46 -35.45 4.95
CA GLY B 259 -5.22 -35.14 5.64
C GLY B 259 -4.73 -33.74 5.31
N TRP B 260 -4.55 -32.92 6.34
CA TRP B 260 -4.04 -31.56 6.17
C TRP B 260 -2.80 -31.34 7.03
N ARG B 261 -2.00 -30.34 6.66
CA ARG B 261 -0.90 -29.90 7.48
C ARG B 261 -1.22 -28.53 8.07
N THR B 262 -0.93 -28.35 9.36
CA THR B 262 -1.17 -27.07 10.01
C THR B 262 0.14 -26.45 10.46
N LEU B 263 0.11 -25.17 10.84
CA LEU B 263 1.31 -24.48 11.26
C LEU B 263 1.16 -23.82 12.63
N ASP B 264 2.26 -23.82 13.39
CA ASP B 264 2.34 -23.08 14.64
C ASP B 264 3.36 -21.97 14.49
N PHE B 265 3.01 -20.77 14.95
CA PHE B 265 3.89 -19.61 14.77
C PHE B 265 4.39 -19.08 16.10
N GLU B 266 5.65 -18.66 16.11
CA GLU B 266 6.28 -18.14 17.32
C GLU B 266 6.73 -16.70 17.12
N VAL B 267 5.83 -15.76 17.40
CA VAL B 267 6.12 -14.34 17.21
C VAL B 267 6.84 -13.75 18.42
N GLU B 268 7.98 -13.11 18.18
CA GLU B 268 8.78 -12.53 19.25
C GLU B 268 9.35 -11.17 18.85
N VAL B 269 9.28 -10.21 19.77
CA VAL B 269 9.86 -8.89 19.55
C VAL B 269 11.21 -8.79 20.26
N LEU B 270 12.29 -8.75 19.47
CA LEU B 270 13.64 -8.76 20.01
C LEU B 270 14.15 -7.35 20.28
N PRO B 271 15.00 -7.20 21.31
CA PRO B 271 15.60 -5.90 21.67
C PRO B 271 16.79 -5.52 20.79
N ILE B 272 16.82 -6.01 19.56
CA ILE B 272 17.85 -5.63 18.61
C ILE B 272 17.23 -5.15 17.30
N GLY B 273 18.02 -4.47 16.48
CA GLY B 273 17.51 -3.88 15.25
C GLY B 273 17.36 -4.87 14.11
N ASP B 274 18.23 -5.88 14.07
CA ASP B 274 18.23 -6.84 12.99
C ASP B 274 18.62 -8.23 13.49
N PHE B 275 17.83 -9.23 13.15
CA PHE B 275 18.06 -10.59 13.64
C PHE B 275 18.81 -11.47 12.63
N GLN B 276 18.43 -11.38 11.36
CA GLN B 276 19.04 -12.22 10.34
C GLN B 276 19.37 -11.45 9.06
N GLY B 277 19.01 -10.17 9.03
CA GLY B 277 19.37 -9.30 7.92
C GLY B 277 18.67 -9.62 6.61
N THR B 278 17.60 -10.41 6.69
CA THR B 278 16.85 -10.76 5.49
C THR B 278 15.41 -11.14 5.86
N ALA B 279 14.53 -11.13 4.88
CA ALA B 279 13.12 -11.39 5.12
C ALA B 279 12.85 -12.80 5.61
N VAL B 280 13.27 -13.80 4.84
CA VAL B 280 13.01 -15.19 5.18
C VAL B 280 14.27 -16.05 5.12
N MET B 281 14.54 -16.75 6.22
CA MET B 281 15.68 -17.67 6.27
C MET B 281 15.20 -19.10 6.47
N ASN B 282 15.40 -19.94 5.47
CA ASN B 282 15.02 -21.34 5.54
C ASN B 282 16.02 -22.17 6.33
N TYR B 283 15.51 -23.07 7.18
CA TYR B 283 16.35 -23.98 7.93
C TYR B 283 16.13 -25.41 7.46
N ASN B 284 17.16 -25.97 6.82
CA ASN B 284 17.03 -27.27 6.16
C ASN B 284 17.49 -28.44 7.02
N ASP B 285 18.21 -28.15 8.09
CA ASP B 285 18.74 -29.20 8.96
C ASP B 285 17.72 -29.65 10.00
N LEU B 286 17.84 -30.91 10.43
CA LEU B 286 16.89 -31.50 11.37
C LEU B 286 17.22 -31.16 12.82
N ASP B 287 18.37 -30.53 13.04
CA ASP B 287 18.80 -30.18 14.40
C ASP B 287 17.99 -29.00 14.93
N VAL B 288 17.15 -28.42 14.07
CA VAL B 288 16.27 -27.33 14.43
C VAL B 288 14.82 -27.71 14.11
N PRO B 289 13.90 -27.45 15.06
CA PRO B 289 12.50 -27.85 14.92
C PRO B 289 11.70 -27.01 13.92
N TYR B 290 11.99 -25.72 13.81
CA TYR B 290 11.23 -24.84 12.93
C TYR B 290 11.76 -24.89 11.49
N THR B 291 10.86 -24.69 10.53
CA THR B 291 11.21 -24.78 9.11
C THR B 291 11.88 -23.50 8.62
N ARG B 292 11.44 -22.35 9.12
CA ARG B 292 11.99 -21.07 8.67
C ARG B 292 11.67 -19.95 9.65
N ILE B 293 12.40 -18.83 9.50
CA ILE B 293 12.19 -17.66 10.34
C ILE B 293 11.90 -16.43 9.46
N HIS B 294 10.84 -15.71 9.81
CA HIS B 294 10.49 -14.48 9.08
C HIS B 294 10.85 -13.25 9.90
N GLU B 295 11.55 -12.30 9.28
CA GLU B 295 11.80 -11.00 9.89
C GLU B 295 11.07 -9.93 9.09
N PHE B 296 9.94 -9.47 9.62
CA PHE B 296 8.99 -8.67 8.86
C PHE B 296 9.44 -7.26 8.50
N ARG B 297 10.51 -6.77 9.13
CA ARG B 297 10.99 -5.43 8.83
C ARG B 297 11.61 -5.38 7.43
N HIS B 298 12.05 -6.53 6.94
CA HIS B 298 12.69 -6.61 5.64
C HIS B 298 11.67 -6.78 4.52
N PHE B 299 10.40 -6.96 4.89
CA PHE B 299 9.33 -7.07 3.91
C PHE B 299 9.05 -5.71 3.29
N HIS B 300 9.34 -4.65 4.04
CA HIS B 300 9.16 -3.29 3.55
C HIS B 300 10.42 -2.45 3.78
N PRO B 301 11.44 -2.63 2.92
CA PRO B 301 12.71 -1.90 3.04
C PRO B 301 12.53 -0.40 2.79
N GLU B 302 11.49 -0.05 2.05
CA GLU B 302 11.23 1.35 1.72
C GLU B 302 10.70 2.13 2.92
N ARG B 303 10.29 1.40 3.96
CA ARG B 303 9.80 2.03 5.19
C ARG B 303 10.91 2.07 6.23
N ASP B 304 10.81 3.03 7.15
CA ASP B 304 11.80 3.18 8.21
C ASP B 304 11.19 2.88 9.58
N TYR B 305 11.60 1.77 10.18
CA TYR B 305 11.16 1.41 11.52
C TYR B 305 12.29 1.64 12.53
N ARG B 306 11.97 1.53 13.80
CA ARG B 306 12.95 1.72 14.86
C ARG B 306 14.08 0.69 14.77
N THR B 307 15.30 1.13 15.05
CA THR B 307 16.48 0.28 14.88
C THR B 307 16.93 -0.36 16.19
N ASP B 308 16.07 -0.35 17.20
CA ASP B 308 16.39 -0.97 18.48
C ASP B 308 15.49 -2.17 18.76
N LYS B 309 14.48 -2.35 17.90
CA LYS B 309 13.57 -3.48 18.03
C LYS B 309 13.24 -4.09 16.68
N THR B 310 12.94 -5.38 16.68
CA THR B 310 12.53 -6.08 15.47
C THR B 310 11.59 -7.23 15.80
N VAL B 311 10.72 -7.58 14.86
CA VAL B 311 9.76 -8.64 15.08
C VAL B 311 10.04 -9.84 14.18
N ILE B 312 10.32 -10.99 14.80
CA ILE B 312 10.57 -12.21 14.05
C ILE B 312 9.46 -13.23 14.29
N MET B 313 9.37 -14.22 13.42
CA MET B 313 8.36 -15.27 13.55
C MET B 313 8.91 -16.62 13.11
N ARG B 314 8.94 -17.57 14.04
CA ARG B 314 9.40 -18.91 13.74
C ARG B 314 8.22 -19.80 13.35
N GLU B 315 8.40 -20.58 12.29
CA GLU B 315 7.30 -21.37 11.73
C GLU B 315 7.48 -22.87 11.99
N TYR B 316 6.46 -23.49 12.57
CA TYR B 316 6.49 -24.91 12.90
C TYR B 316 5.41 -25.66 12.15
N SER B 317 5.72 -26.88 11.72
CA SER B 317 4.77 -27.67 10.93
C SER B 317 4.42 -29.00 11.58
N ARG B 318 3.12 -29.31 11.58
CA ARG B 318 2.63 -30.58 12.13
C ARG B 318 1.29 -30.95 11.49
N PHE B 319 0.81 -32.15 11.80
CA PHE B 319 -0.47 -32.62 11.27
C PHE B 319 -1.63 -31.83 11.86
N ALA B 320 -2.64 -31.55 11.07
CA ALA B 320 -3.77 -30.85 11.59
C ALA B 320 -4.69 -31.79 12.30
N GLU B 321 -4.82 -31.57 13.59
CA GLU B 321 -5.64 -32.39 14.44
C GLU B 321 -7.02 -31.89 14.33
N ASP B 322 -7.92 -32.44 15.11
CA ASP B 322 -9.32 -32.37 14.81
C ASP B 322 -9.77 -30.96 14.74
N ASP B 323 -9.27 -30.13 15.62
CA ASP B 323 -9.73 -28.77 15.68
C ASP B 323 -8.75 -27.73 15.13
N ASP B 324 -7.62 -28.17 14.63
CA ASP B 324 -6.64 -27.29 14.03
C ASP B 324 -7.14 -26.73 12.72
N GLU B 325 -6.56 -25.62 12.32
CA GLU B 325 -6.88 -24.97 11.07
C GLU B 325 -6.03 -25.52 9.92
N PRO B 326 -6.69 -26.12 8.92
CA PRO B 326 -6.03 -26.72 7.76
C PRO B 326 -5.34 -25.70 6.88
N TYR B 327 -4.05 -25.90 6.62
CA TYR B 327 -3.28 -24.97 5.80
C TYR B 327 -2.82 -25.62 4.49
N TYR B 328 -2.25 -26.82 4.59
CA TYR B 328 -1.71 -27.52 3.43
C TYR B 328 -2.34 -28.89 3.24
N PRO B 329 -2.95 -29.11 2.06
CA PRO B 329 -3.47 -30.44 1.71
C PRO B 329 -2.33 -31.42 1.40
N ILE B 330 -2.32 -32.56 2.07
CA ILE B 330 -1.25 -33.54 1.88
C ILE B 330 -1.35 -34.23 0.53
N ASN B 331 -2.57 -34.57 0.13
CA ASN B 331 -2.85 -35.15 -1.19
C ASN B 331 -2.11 -36.44 -1.48
N THR B 332 -2.20 -37.41 -0.56
CA THR B 332 -1.70 -38.75 -0.82
C THR B 332 -2.75 -39.49 -1.66
N GLU B 333 -2.40 -40.69 -2.13
CA GLU B 333 -3.33 -41.48 -2.93
C GLU B 333 -4.61 -41.80 -2.16
N ALA B 334 -4.47 -41.99 -0.85
CA ALA B 334 -5.61 -42.22 0.02
C ALA B 334 -6.47 -40.96 0.13
N ASP B 335 -5.82 -39.81 0.14
CA ASP B 335 -6.50 -38.53 0.22
C ASP B 335 -7.27 -38.23 -1.07
N ARG B 336 -6.64 -38.52 -2.20
CA ARG B 336 -7.26 -38.28 -3.50
C ARG B 336 -8.48 -39.18 -3.70
N ALA B 337 -8.43 -40.38 -3.13
CA ALA B 337 -9.56 -41.29 -3.19
C ALA B 337 -10.72 -40.74 -2.36
N LEU B 338 -10.39 -40.19 -1.20
CA LEU B 338 -11.39 -39.58 -0.32
C LEU B 338 -11.94 -38.31 -0.93
N LEU B 339 -11.06 -37.56 -1.60
CA LEU B 339 -11.46 -36.33 -2.28
C LEU B 339 -12.46 -36.60 -3.40
N ALA B 340 -12.30 -37.74 -4.07
CA ALA B 340 -13.18 -38.13 -5.16
C ALA B 340 -14.61 -38.35 -4.67
N THR B 341 -14.75 -38.99 -3.52
CA THR B 341 -16.06 -39.28 -2.96
C THR B 341 -16.74 -38.00 -2.48
N TYR B 342 -15.96 -37.11 -1.86
CA TYR B 342 -16.47 -35.83 -1.38
C TYR B 342 -16.84 -34.92 -2.54
N ARG B 343 -16.11 -35.04 -3.64
CA ARG B 343 -16.43 -34.28 -4.85
C ARG B 343 -17.80 -34.71 -5.38
N ALA B 344 -18.09 -36.00 -5.28
CA ALA B 344 -19.38 -36.53 -5.70
C ALA B 344 -20.50 -36.01 -4.80
N ARG B 345 -20.22 -35.95 -3.50
CA ARG B 345 -21.16 -35.39 -2.52
C ARG B 345 -21.42 -33.92 -2.81
N ALA B 346 -20.35 -33.19 -3.14
CA ALA B 346 -20.45 -31.77 -3.45
C ALA B 346 -21.29 -31.52 -4.69
N LYS B 347 -21.11 -32.37 -5.70
CA LYS B 347 -21.84 -32.24 -6.95
C LYS B 347 -23.34 -32.46 -6.74
N SER B 348 -23.68 -33.35 -5.80
CA SER B 348 -25.07 -33.61 -5.47
C SER B 348 -25.66 -32.47 -4.65
N GLU B 349 -24.83 -31.88 -3.80
CA GLU B 349 -25.25 -30.76 -2.96
C GLU B 349 -25.58 -29.54 -3.81
N THR B 350 -24.84 -29.36 -4.90
CA THR B 350 -25.05 -28.24 -5.81
C THR B 350 -26.39 -28.35 -6.52
N ALA B 351 -26.78 -29.57 -6.86
CA ALA B 351 -28.01 -29.82 -7.60
C ALA B 351 -29.25 -29.69 -6.72
N SER B 352 -29.12 -30.02 -5.44
CA SER B 352 -30.27 -30.07 -4.55
C SER B 352 -30.40 -28.84 -3.65
N SER B 353 -29.27 -28.25 -3.28
CA SER B 353 -29.29 -27.14 -2.32
C SER B 353 -28.59 -25.89 -2.83
N LYS B 354 -28.18 -25.92 -4.10
CA LYS B 354 -27.50 -24.79 -4.74
C LYS B 354 -26.27 -24.33 -3.95
N VAL B 355 -25.43 -25.28 -3.56
CA VAL B 355 -24.22 -24.95 -2.81
C VAL B 355 -22.96 -25.20 -3.64
N LEU B 356 -22.19 -24.14 -3.84
CA LEU B 356 -20.94 -24.24 -4.57
C LEU B 356 -19.75 -24.39 -3.63
N PHE B 357 -18.69 -25.01 -4.12
CA PHE B 357 -17.49 -25.22 -3.32
C PHE B 357 -16.27 -24.64 -4.05
N GLY B 358 -15.48 -23.84 -3.34
CA GLY B 358 -14.31 -23.23 -3.94
C GLY B 358 -13.26 -22.84 -2.93
N GLY B 359 -12.10 -22.43 -3.40
CA GLY B 359 -11.02 -22.02 -2.53
C GLY B 359 -10.11 -23.17 -2.14
N ARG B 360 -9.09 -22.86 -1.35
CA ARG B 360 -8.12 -23.83 -0.88
C ARG B 360 -8.77 -24.95 -0.07
N LEU B 361 -9.63 -24.56 0.86
CA LEU B 361 -10.26 -25.51 1.77
C LEU B 361 -11.44 -26.22 1.11
N GLY B 362 -12.17 -25.51 0.27
CA GLY B 362 -13.37 -26.05 -0.35
C GLY B 362 -13.11 -27.06 -1.46
N THR B 363 -11.88 -27.09 -1.96
CA THR B 363 -11.55 -27.97 -3.08
C THR B 363 -10.35 -28.88 -2.77
N TYR B 364 -9.80 -28.74 -1.57
CA TYR B 364 -8.64 -29.54 -1.15
C TYR B 364 -7.47 -29.36 -2.13
N GLN B 365 -7.15 -28.10 -2.43
CA GLN B 365 -6.11 -27.79 -3.41
C GLN B 365 -5.05 -26.84 -2.86
N TYR B 366 -3.85 -26.96 -3.40
CA TYR B 366 -2.72 -26.11 -3.02
C TYR B 366 -2.80 -24.78 -3.75
N LEU B 367 -3.59 -23.84 -3.23
CA LEU B 367 -3.86 -22.59 -3.92
C LEU B 367 -3.12 -21.39 -3.31
N ASP B 368 -2.44 -20.64 -4.17
CA ASP B 368 -1.88 -19.34 -3.80
C ASP B 368 -2.98 -18.29 -3.87
N MET B 369 -2.65 -17.06 -3.47
CA MET B 369 -3.63 -15.98 -3.48
C MET B 369 -4.09 -15.65 -4.90
N HIS B 370 -3.14 -15.54 -5.82
CA HIS B 370 -3.47 -15.17 -7.20
C HIS B 370 -4.23 -16.29 -7.91
N MET B 371 -3.96 -17.54 -7.51
N MET B 371 -3.96 -17.53 -7.52
CA MET B 371 -4.65 -18.68 -8.10
CA MET B 371 -4.65 -18.68 -8.10
C MET B 371 -6.05 -18.81 -7.51
C MET B 371 -6.06 -18.81 -7.51
N ALA B 372 -6.22 -18.37 -6.27
CA ALA B 372 -7.53 -18.41 -5.62
C ALA B 372 -8.43 -17.31 -6.19
N ILE B 373 -7.84 -16.15 -6.45
CA ILE B 373 -8.56 -15.04 -7.05
C ILE B 373 -8.96 -15.38 -8.49
N ALA B 374 -8.04 -15.99 -9.22
CA ALA B 374 -8.30 -16.41 -10.59
C ALA B 374 -9.38 -17.48 -10.64
N SER B 375 -9.38 -18.36 -9.65
CA SER B 375 -10.38 -19.42 -9.57
C SER B 375 -11.76 -18.85 -9.30
N ALA B 376 -11.81 -17.83 -8.44
CA ALA B 376 -13.08 -17.19 -8.09
C ALA B 376 -13.67 -16.45 -9.29
N LEU B 377 -12.81 -15.84 -10.10
CA LEU B 377 -13.25 -15.15 -11.29
C LEU B 377 -13.85 -16.13 -12.30
N ASN B 378 -13.27 -17.32 -12.38
CA ASN B 378 -13.76 -18.36 -13.26
C ASN B 378 -15.14 -18.87 -12.83
N MET B 379 -15.30 -19.09 -11.52
CA MET B 379 -16.58 -19.52 -10.98
C MET B 379 -17.64 -18.47 -11.22
N TYR B 380 -17.25 -17.21 -11.13
CA TYR B 380 -18.16 -16.10 -11.38
C TYR B 380 -18.61 -16.08 -12.84
N ASP B 381 -17.63 -16.02 -13.75
CA ASP B 381 -17.91 -15.91 -15.18
C ASP B 381 -18.72 -17.06 -15.74
N ASN B 382 -18.42 -18.28 -15.30
CA ASN B 382 -18.97 -19.47 -15.93
C ASN B 382 -20.13 -20.12 -15.16
N VAL B 383 -20.19 -19.89 -13.85
CA VAL B 383 -21.19 -20.57 -13.02
C VAL B 383 -22.16 -19.62 -12.32
N LEU B 384 -21.61 -18.71 -11.52
CA LEU B 384 -22.44 -17.86 -10.67
C LEU B 384 -23.22 -16.81 -11.44
N ALA B 385 -22.51 -15.97 -12.21
CA ALA B 385 -23.15 -14.89 -12.96
C ALA B 385 -24.26 -15.35 -13.90
N PRO B 386 -24.02 -16.40 -14.72
CA PRO B 386 -25.14 -16.79 -15.60
C PRO B 386 -26.35 -17.32 -14.84
N HIS B 387 -26.15 -17.73 -13.59
CA HIS B 387 -27.25 -18.22 -12.76
C HIS B 387 -28.06 -17.06 -12.18
N LEU B 388 -27.36 -16.08 -11.63
CA LEU B 388 -28.02 -14.94 -10.99
C LEU B 388 -28.56 -13.95 -12.00
N ARG B 389 -27.98 -13.94 -13.20
CA ARG B 389 -28.35 -12.98 -14.23
C ARG B 389 -29.36 -13.55 -15.22
N ASP B 390 -29.19 -14.82 -15.57
CA ASP B 390 -29.99 -15.43 -16.64
C ASP B 390 -30.67 -16.73 -16.23
N GLY B 391 -30.62 -17.05 -14.94
CA GLY B 391 -31.33 -18.21 -14.42
C GLY B 391 -30.79 -19.56 -14.86
N VAL B 392 -29.57 -19.57 -15.41
CA VAL B 392 -28.93 -20.80 -15.84
C VAL B 392 -28.58 -21.68 -14.64
N PRO B 393 -28.93 -22.97 -14.70
CA PRO B 393 -28.61 -23.92 -13.63
C PRO B 393 -27.13 -23.95 -13.28
N LEU B 394 -26.82 -24.23 -12.02
CA LEU B 394 -25.44 -24.16 -11.53
C LEU B 394 -24.55 -25.28 -12.04
N LEU B 395 -25.16 -26.35 -12.55
CA LEU B 395 -24.39 -27.46 -13.10
C LEU B 395 -24.20 -27.31 -14.60
N THR C 5 20.38 40.22 -37.69
CA THR C 5 19.87 39.50 -36.52
C THR C 5 20.76 38.31 -36.19
N ALA C 6 20.58 37.69 -35.03
CA ALA C 6 21.42 36.56 -34.61
C ALA C 6 20.87 35.25 -35.08
N ARG C 7 21.71 34.33 -35.51
CA ARG C 7 21.23 32.99 -35.79
C ARG C 7 20.81 32.15 -34.56
N PHE C 8 21.63 32.16 -33.53
CA PHE C 8 21.45 31.27 -32.40
C PHE C 8 21.41 32.02 -31.10
N ASP C 9 20.80 31.44 -30.10
CA ASP C 9 20.76 32.14 -28.82
C ASP C 9 21.74 31.52 -27.83
N LEU C 10 22.23 30.32 -28.16
CA LEU C 10 23.14 29.60 -27.28
C LEU C 10 23.94 28.55 -28.05
N PHE C 11 25.21 28.40 -27.69
CA PHE C 11 26.06 27.34 -28.24
C PHE C 11 26.40 26.32 -27.16
N VAL C 12 26.20 25.04 -27.48
CA VAL C 12 26.52 23.97 -26.54
C VAL C 12 27.57 23.03 -27.13
N VAL C 13 28.68 22.87 -26.41
CA VAL C 13 29.75 21.99 -26.85
C VAL C 13 29.67 20.64 -26.13
N GLY C 14 29.15 19.64 -26.82
CA GLY C 14 28.99 18.32 -26.23
C GLY C 14 27.54 17.90 -26.19
N SER C 15 27.25 16.72 -26.76
CA SER C 15 25.90 16.21 -26.81
C SER C 15 25.66 15.15 -25.74
N GLY C 16 26.30 15.33 -24.59
CA GLY C 16 26.11 14.42 -23.47
C GLY C 16 24.92 14.83 -22.63
N PHE C 17 24.70 14.13 -21.52
CA PHE C 17 23.57 14.39 -20.65
C PHE C 17 23.59 15.81 -20.09
N PHE C 18 24.79 16.33 -19.83
CA PHE C 18 24.92 17.70 -19.34
C PHE C 18 24.53 18.69 -20.43
N GLY C 19 25.07 18.49 -21.63
CA GLY C 19 24.83 19.37 -22.74
C GLY C 19 23.39 19.34 -23.24
N LEU C 20 22.84 18.13 -23.36
CA LEU C 20 21.48 17.96 -23.85
C LEU C 20 20.45 18.49 -22.88
N THR C 21 20.72 18.36 -21.58
CA THR C 21 19.84 18.91 -20.55
C THR C 21 19.80 20.43 -20.67
N ILE C 22 20.96 21.03 -20.85
CA ILE C 22 21.06 22.47 -21.07
C ILE C 22 20.30 22.89 -22.32
N ALA C 23 20.56 22.18 -23.42
CA ALA C 23 19.94 22.50 -24.71
C ALA C 23 18.42 22.38 -24.66
N GLU C 24 17.94 21.32 -24.01
CA GLU C 24 16.50 21.07 -23.95
C GLU C 24 15.77 22.12 -23.11
N ARG C 25 16.35 22.47 -21.97
CA ARG C 25 15.74 23.44 -21.07
C ARG C 25 15.64 24.81 -21.71
N VAL C 26 16.73 25.27 -22.30
CA VAL C 26 16.78 26.58 -22.95
C VAL C 26 15.78 26.65 -24.11
N ALA C 27 15.71 25.57 -24.89
CA ALA C 27 14.83 25.52 -26.04
C ALA C 27 13.36 25.53 -25.64
N THR C 28 12.99 24.61 -24.74
CA THR C 28 11.58 24.41 -24.40
C THR C 28 11.04 25.47 -23.43
N GLN C 29 11.84 25.83 -22.43
CA GLN C 29 11.36 26.72 -21.37
C GLN C 29 11.55 28.20 -21.69
N LEU C 30 12.51 28.51 -22.56
CA LEU C 30 12.79 29.90 -22.87
C LEU C 30 12.47 30.25 -24.32
N ASP C 31 12.13 29.23 -25.11
CA ASP C 31 11.80 29.41 -26.52
C ASP C 31 12.93 30.11 -27.28
N LYS C 32 14.10 29.47 -27.30
CA LYS C 32 15.26 30.02 -27.97
C LYS C 32 16.00 28.94 -28.76
N ARG C 33 16.75 29.37 -29.78
CA ARG C 33 17.45 28.44 -30.66
C ARG C 33 18.81 28.05 -30.10
N VAL C 34 19.07 26.75 -30.05
CA VAL C 34 20.30 26.22 -29.50
C VAL C 34 21.06 25.38 -30.52
N LEU C 35 22.36 25.63 -30.66
CA LEU C 35 23.20 24.83 -31.53
C LEU C 35 24.13 23.94 -30.72
N VAL C 36 23.95 22.63 -30.84
CA VAL C 36 24.81 21.68 -30.16
C VAL C 36 25.87 21.14 -31.11
N LEU C 37 27.13 21.19 -30.69
CA LEU C 37 28.23 20.72 -31.52
C LEU C 37 28.91 19.50 -30.90
N GLU C 38 28.98 18.43 -31.69
CA GLU C 38 29.56 17.17 -31.23
C GLU C 38 30.64 16.70 -32.20
N ARG C 39 31.84 16.43 -31.68
CA ARG C 39 32.94 15.99 -32.53
C ARG C 39 32.79 14.52 -32.94
N ARG C 40 32.12 13.75 -32.09
CA ARG C 40 31.87 12.35 -32.37
C ARG C 40 30.78 12.19 -33.44
N PRO C 41 30.76 11.04 -34.13
CA PRO C 41 29.74 10.78 -35.15
C PRO C 41 28.38 10.36 -34.56
N HIS C 42 28.18 10.62 -33.28
CA HIS C 42 26.90 10.30 -32.62
C HIS C 42 26.73 11.09 -31.33
N ILE C 43 25.48 11.29 -30.92
CA ILE C 43 25.19 12.03 -29.70
C ILE C 43 25.23 11.13 -28.48
N GLY C 44 25.14 11.72 -27.29
CA GLY C 44 25.01 10.97 -26.07
C GLY C 44 26.23 10.91 -25.18
N GLY C 45 27.40 11.22 -25.71
CA GLY C 45 28.62 11.12 -24.94
C GLY C 45 28.97 9.66 -24.73
N ASN C 46 29.40 9.32 -23.52
CA ASN C 46 29.77 7.94 -23.22
C ASN C 46 28.56 7.08 -22.92
N ALA C 47 27.37 7.70 -22.93
CA ALA C 47 26.14 6.99 -22.66
C ALA C 47 25.54 6.39 -23.94
N TYR C 48 26.17 6.67 -25.07
CA TYR C 48 25.70 6.18 -26.36
C TYR C 48 25.73 4.66 -26.41
N SER C 49 24.63 4.05 -26.84
CA SER C 49 24.53 2.60 -26.93
C SER C 49 24.20 2.16 -28.35
N GLU C 50 24.48 0.91 -28.67
CA GLU C 50 24.27 0.39 -30.01
C GLU C 50 23.82 -1.08 -29.96
N ALA C 51 22.85 -1.42 -30.81
CA ALA C 51 22.33 -2.78 -30.86
C ALA C 51 23.27 -3.70 -31.64
N GLU C 52 23.69 -4.79 -30.99
CA GLU C 52 24.55 -5.77 -31.63
C GLU C 52 23.76 -6.53 -32.69
N PRO C 53 24.27 -6.55 -33.94
CA PRO C 53 23.59 -7.09 -35.11
C PRO C 53 23.09 -8.53 -34.94
N GLN C 54 23.93 -9.42 -34.44
CA GLN C 54 23.60 -10.85 -34.38
C GLN C 54 22.49 -11.17 -33.38
N THR C 55 22.47 -10.45 -32.26
CA THR C 55 21.55 -10.76 -31.17
C THR C 55 20.48 -9.70 -30.97
N GLY C 56 20.80 -8.46 -31.31
CA GLY C 56 19.88 -7.35 -31.11
C GLY C 56 20.00 -6.78 -29.70
N ILE C 57 20.97 -7.30 -28.95
CA ILE C 57 21.20 -6.88 -27.58
C ILE C 57 21.88 -5.51 -27.53
N GLU C 58 21.31 -4.60 -26.74
CA GLU C 58 21.87 -3.26 -26.59
C GLU C 58 23.24 -3.30 -25.91
N VAL C 59 24.24 -2.76 -26.60
CA VAL C 59 25.60 -2.74 -26.07
C VAL C 59 26.04 -1.32 -25.72
N HIS C 60 26.37 -1.11 -24.45
CA HIS C 60 26.90 0.17 -24.00
C HIS C 60 28.35 0.30 -24.45
N LYS C 61 28.56 1.04 -25.54
CA LYS C 61 29.85 1.10 -26.21
C LYS C 61 30.98 1.63 -25.31
N TYR C 62 30.69 2.66 -24.53
CA TYR C 62 31.70 3.27 -23.68
C TYR C 62 31.60 2.79 -22.24
N GLY C 63 31.28 1.52 -22.05
CA GLY C 63 31.14 0.97 -20.72
C GLY C 63 29.70 0.99 -20.23
N ALA C 64 29.39 0.06 -19.32
CA ALA C 64 28.03 -0.09 -18.80
C ALA C 64 27.53 1.17 -18.10
N HIS C 65 26.29 1.54 -18.38
CA HIS C 65 25.68 2.72 -17.77
C HIS C 65 24.39 2.36 -17.04
N LEU C 66 24.44 2.44 -15.71
CA LEU C 66 23.27 2.15 -14.88
C LEU C 66 22.74 3.43 -14.24
N PHE C 67 21.48 3.75 -14.51
CA PHE C 67 20.90 4.99 -13.98
C PHE C 67 20.25 4.76 -12.62
N HIS C 68 20.49 5.71 -11.72
CA HIS C 68 19.97 5.64 -10.36
C HIS C 68 20.06 7.00 -9.68
N THR C 69 19.00 7.39 -8.98
CA THR C 69 18.99 8.68 -8.30
C THR C 69 17.98 8.72 -7.16
N SER C 70 18.17 9.65 -6.24
CA SER C 70 17.23 9.88 -5.15
C SER C 70 16.59 11.26 -5.31
N ASN C 71 17.06 12.01 -6.31
CA ASN C 71 16.51 13.31 -6.64
C ASN C 71 15.24 13.15 -7.46
N LYS C 72 14.09 13.47 -6.87
CA LYS C 72 12.81 13.28 -7.53
C LYS C 72 12.63 14.23 -8.71
N ARG C 73 13.21 15.42 -8.62
CA ARG C 73 13.14 16.39 -9.70
C ARG C 73 13.82 15.83 -10.95
N VAL C 74 14.99 15.24 -10.77
CA VAL C 74 15.72 14.60 -11.85
C VAL C 74 14.96 13.40 -12.39
N TRP C 75 14.38 12.63 -11.48
CA TRP C 75 13.61 11.44 -11.83
C TRP C 75 12.39 11.80 -12.68
N ASP C 76 11.70 12.87 -12.29
CA ASP C 76 10.53 13.33 -13.03
C ASP C 76 10.94 13.95 -14.37
N TYR C 77 12.12 14.55 -14.41
CA TYR C 77 12.62 15.18 -15.62
C TYR C 77 12.97 14.17 -16.70
N VAL C 78 13.72 13.14 -16.32
CA VAL C 78 14.21 12.15 -17.28
C VAL C 78 13.10 11.26 -17.82
N ARG C 79 12.01 11.14 -17.06
CA ARG C 79 10.89 10.29 -17.47
C ARG C 79 10.01 10.98 -18.50
N GLN C 80 10.37 12.21 -18.86
CA GLN C 80 9.67 12.94 -19.91
C GLN C 80 10.19 12.50 -21.28
N PHE C 81 11.34 11.84 -21.29
CA PHE C 81 11.99 11.48 -22.54
C PHE C 81 12.11 9.97 -22.71
N THR C 82 11.87 9.22 -21.64
CA THR C 82 11.97 7.76 -21.70
C THR C 82 11.28 7.09 -20.52
N ASP C 83 10.93 5.82 -20.70
CA ASP C 83 10.43 4.99 -19.61
C ASP C 83 11.58 4.18 -19.03
N PHE C 84 11.40 3.69 -17.81
CA PHE C 84 12.44 2.89 -17.16
C PHE C 84 11.94 1.51 -16.77
N THR C 85 12.83 0.52 -16.84
CA THR C 85 12.49 -0.84 -16.45
C THR C 85 12.59 -1.02 -14.95
N ASP C 86 12.20 -2.19 -14.47
CA ASP C 86 12.26 -2.49 -13.03
C ASP C 86 13.62 -3.04 -12.64
N TYR C 87 14.62 -2.85 -13.51
CA TYR C 87 15.94 -3.40 -13.30
C TYR C 87 16.60 -2.91 -12.02
N ARG C 88 17.18 -3.84 -11.28
CA ARG C 88 17.91 -3.52 -10.06
C ARG C 88 19.32 -4.09 -10.17
N HIS C 89 20.31 -3.20 -10.24
CA HIS C 89 21.67 -3.62 -10.52
C HIS C 89 22.30 -4.42 -9.38
N ARG C 90 22.94 -5.53 -9.75
CA ARG C 90 23.66 -6.36 -8.78
C ARG C 90 24.99 -6.81 -9.36
N VAL C 91 26.03 -6.75 -8.54
CA VAL C 91 27.38 -7.09 -8.98
C VAL C 91 27.94 -8.26 -8.17
N PHE C 92 28.60 -9.19 -8.84
CA PHE C 92 29.29 -10.28 -8.17
C PHE C 92 30.79 -10.13 -8.32
N ALA C 93 31.54 -10.71 -7.39
CA ALA C 93 33.00 -10.58 -7.39
C ALA C 93 33.68 -11.94 -7.50
N MET C 94 34.71 -12.02 -8.33
CA MET C 94 35.45 -13.26 -8.52
C MET C 94 36.77 -13.23 -7.76
N HIS C 95 37.02 -14.27 -6.97
CA HIS C 95 38.25 -14.36 -6.19
C HIS C 95 38.67 -15.80 -5.98
N ASN C 96 39.85 -16.16 -6.48
CA ASN C 96 40.41 -17.50 -6.36
C ASN C 96 39.48 -18.59 -6.86
N GLY C 97 38.86 -18.36 -8.02
CA GLY C 97 38.02 -19.36 -8.65
C GLY C 97 36.66 -19.52 -8.00
N GLN C 98 36.29 -18.59 -7.13
CA GLN C 98 35.01 -18.63 -6.46
C GLN C 98 34.23 -17.33 -6.63
N ALA C 99 32.94 -17.45 -6.93
CA ALA C 99 32.08 -16.28 -7.09
C ALA C 99 31.52 -15.84 -5.74
N TYR C 100 31.63 -14.55 -5.46
CA TYR C 100 31.18 -14.01 -4.18
C TYR C 100 30.07 -12.96 -4.35
N GLN C 101 29.19 -12.91 -3.35
CA GLN C 101 28.17 -11.86 -3.30
C GLN C 101 28.83 -10.52 -3.04
N PHE C 102 28.30 -9.46 -3.66
CA PHE C 102 28.92 -8.15 -3.60
C PHE C 102 27.83 -7.07 -3.65
N PRO C 103 28.04 -5.94 -2.95
CA PRO C 103 29.19 -5.57 -2.12
C PRO C 103 29.26 -6.33 -0.80
N MET C 104 30.26 -6.00 0.02
CA MET C 104 30.49 -6.71 1.28
C MET C 104 29.28 -6.61 2.21
N GLY C 105 28.66 -7.76 2.46
CA GLY C 105 27.52 -7.84 3.35
C GLY C 105 27.53 -9.16 4.09
N LEU C 106 26.37 -9.56 4.59
CA LEU C 106 26.23 -10.84 5.28
C LEU C 106 26.51 -12.00 4.33
N GLY C 107 26.29 -11.76 3.04
CA GLY C 107 26.54 -12.76 2.02
C GLY C 107 28.02 -13.03 1.80
N LEU C 108 28.78 -11.95 1.61
CA LEU C 108 30.22 -12.07 1.35
C LEU C 108 30.97 -12.59 2.58
N VAL C 109 30.61 -12.06 3.75
CA VAL C 109 31.27 -12.45 5.00
C VAL C 109 31.05 -13.93 5.31
N SER C 110 29.83 -14.40 5.12
CA SER C 110 29.50 -15.79 5.39
C SER C 110 30.22 -16.75 4.45
N GLN C 111 30.44 -16.31 3.21
CA GLN C 111 31.16 -17.10 2.23
C GLN C 111 32.65 -17.14 2.53
N PHE C 112 33.23 -15.97 2.76
CA PHE C 112 34.66 -15.84 2.95
C PHE C 112 35.14 -16.47 4.26
N PHE C 113 34.31 -16.38 5.29
CA PHE C 113 34.70 -16.89 6.60
C PHE C 113 34.03 -18.22 6.93
N GLY C 114 33.49 -18.88 5.92
CA GLY C 114 33.00 -20.24 6.06
C GLY C 114 31.66 -20.44 6.75
N LYS C 115 31.41 -19.67 7.81
CA LYS C 115 30.19 -19.84 8.60
C LYS C 115 29.28 -18.62 8.54
N TYR C 116 28.04 -18.81 8.97
CA TYR C 116 27.05 -17.73 8.96
C TYR C 116 27.29 -16.74 10.09
N PHE C 117 27.06 -15.46 9.80
CA PHE C 117 27.18 -14.40 10.79
C PHE C 117 25.91 -13.59 10.89
N THR C 118 25.36 -13.47 12.10
CA THR C 118 24.23 -12.60 12.35
C THR C 118 24.69 -11.15 12.16
N PRO C 119 23.75 -10.23 11.88
CA PRO C 119 24.09 -8.81 11.74
C PRO C 119 24.96 -8.26 12.87
N GLU C 120 24.70 -8.72 14.10
CA GLU C 120 25.50 -8.28 15.24
C GLU C 120 26.87 -8.95 15.25
N GLN C 121 26.89 -10.24 14.94
CA GLN C 121 28.14 -10.99 14.89
C GLN C 121 29.05 -10.47 13.77
N ALA C 122 28.43 -10.04 12.68
CA ALA C 122 29.17 -9.49 11.55
C ALA C 122 29.80 -8.15 11.92
N ARG C 123 29.04 -7.33 12.63
CA ARG C 123 29.55 -6.05 13.12
C ARG C 123 30.71 -6.27 14.08
N GLN C 124 30.62 -7.33 14.87
CA GLN C 124 31.65 -7.67 15.84
C GLN C 124 32.93 -8.08 15.13
N LEU C 125 32.80 -8.89 14.08
CA LEU C 125 33.95 -9.39 13.33
C LEU C 125 34.68 -8.28 12.59
N ILE C 126 33.92 -7.39 11.95
CA ILE C 126 34.50 -6.28 11.20
C ILE C 126 35.25 -5.33 12.13
N ALA C 127 34.66 -5.02 13.26
CA ALA C 127 35.24 -4.10 14.22
C ALA C 127 36.55 -4.63 14.82
N GLU C 128 36.60 -5.94 15.04
CA GLU C 128 37.77 -6.54 15.68
C GLU C 128 38.86 -6.89 14.68
N GLN C 129 38.52 -6.83 13.39
CA GLN C 129 39.51 -7.05 12.34
C GLN C 129 40.01 -5.73 11.78
N ALA C 130 39.19 -4.69 11.90
CA ALA C 130 39.61 -3.35 11.50
C ALA C 130 40.35 -2.66 12.64
N ALA C 131 40.62 -3.41 13.69
CA ALA C 131 41.34 -2.90 14.85
C ALA C 131 42.83 -3.17 14.73
N GLU C 132 43.22 -3.83 13.64
CA GLU C 132 44.63 -4.10 13.38
C GLU C 132 45.36 -2.81 13.06
N ILE C 133 44.64 -1.87 12.46
CA ILE C 133 45.18 -0.54 12.14
C ILE C 133 44.17 0.54 12.52
N ASP C 134 44.64 1.56 13.22
CA ASP C 134 43.79 2.70 13.55
C ASP C 134 43.65 3.59 12.31
N THR C 135 42.42 4.05 12.05
CA THR C 135 42.14 4.84 10.85
C THR C 135 42.90 6.17 10.86
N ALA C 136 43.07 6.74 12.04
CA ALA C 136 43.80 8.00 12.17
C ALA C 136 45.30 7.80 11.97
N ASP C 137 45.77 6.57 12.17
CA ASP C 137 47.18 6.25 12.01
C ASP C 137 47.48 5.71 10.61
N ALA C 138 46.44 5.55 9.80
CA ALA C 138 46.59 5.02 8.46
C ALA C 138 47.44 5.95 7.58
N GLN C 139 48.59 5.45 7.14
CA GLN C 139 49.51 6.25 6.35
C GLN C 139 49.23 6.15 4.85
N ASN C 140 48.39 5.19 4.47
CA ASN C 140 48.00 5.01 3.07
C ASN C 140 46.67 4.27 2.91
N LEU C 141 46.32 3.98 1.67
CA LEU C 141 45.11 3.22 1.35
C LEU C 141 45.14 1.80 1.87
N GLU C 142 46.25 1.10 1.61
CA GLU C 142 46.45 -0.27 2.07
C GLU C 142 46.12 -0.38 3.56
N GLU C 143 46.66 0.54 4.34
CA GLU C 143 46.38 0.60 5.77
C GLU C 143 44.97 1.10 6.05
N LYS C 144 44.51 2.06 5.25
CA LYS C 144 43.19 2.66 5.45
C LYS C 144 42.10 1.61 5.27
N ALA C 145 42.21 0.81 4.21
CA ALA C 145 41.23 -0.24 3.94
C ALA C 145 41.24 -1.30 5.02
N ILE C 146 42.44 -1.65 5.48
CA ILE C 146 42.60 -2.60 6.58
C ILE C 146 42.04 -2.01 7.87
N SER C 147 42.14 -0.69 8.00
CA SER C 147 41.65 0.00 9.18
C SER C 147 40.13 0.09 9.19
N LEU C 148 39.50 -0.31 8.10
CA LEU C 148 38.05 -0.21 7.96
C LEU C 148 37.36 -1.56 7.86
N ILE C 149 37.93 -2.48 7.08
CA ILE C 149 37.31 -3.78 6.88
C ILE C 149 38.23 -4.94 7.25
N GLY C 150 39.43 -4.63 7.71
CA GLY C 150 40.38 -5.66 8.12
C GLY C 150 41.30 -6.12 6.99
N ARG C 151 42.29 -6.91 7.35
CA ARG C 151 43.27 -7.39 6.38
C ARG C 151 42.80 -8.57 5.51
N PRO C 152 42.13 -9.58 6.11
CA PRO C 152 41.66 -10.67 5.26
C PRO C 152 40.67 -10.23 4.18
N LEU C 153 39.87 -9.20 4.49
CA LEU C 153 38.89 -8.71 3.54
C LEU C 153 39.52 -7.75 2.52
N TYR C 154 40.70 -7.23 2.85
CA TYR C 154 41.40 -6.34 1.93
C TYR C 154 42.13 -7.13 0.85
N GLU C 155 42.95 -8.08 1.27
CA GLU C 155 43.79 -8.83 0.35
C GLU C 155 43.00 -9.84 -0.49
N ALA C 156 41.68 -9.76 -0.40
CA ALA C 156 40.82 -10.70 -1.11
C ALA C 156 39.98 -10.01 -2.18
N PHE C 157 39.39 -8.87 -1.83
CA PHE C 157 38.44 -8.20 -2.72
C PHE C 157 38.79 -6.75 -3.02
N VAL C 158 39.83 -6.23 -2.39
CA VAL C 158 40.12 -4.81 -2.50
C VAL C 158 41.48 -4.49 -3.13
N LYS C 159 42.50 -5.28 -2.78
CA LYS C 159 43.86 -5.00 -3.23
C LYS C 159 44.00 -5.06 -4.75
N GLY C 160 43.64 -6.20 -5.33
CA GLY C 160 43.81 -6.41 -6.76
C GLY C 160 42.98 -5.49 -7.64
N TYR C 161 41.71 -5.30 -7.29
CA TYR C 161 40.81 -4.48 -8.09
C TYR C 161 41.26 -3.01 -8.08
N THR C 162 41.59 -2.50 -6.89
CA THR C 162 42.07 -1.14 -6.76
C THR C 162 43.39 -0.97 -7.50
N ALA C 163 44.21 -2.02 -7.48
CA ALA C 163 45.46 -2.01 -8.22
C ALA C 163 45.20 -1.89 -9.71
N LYS C 164 44.46 -2.85 -10.26
CA LYS C 164 44.20 -2.88 -11.70
C LYS C 164 43.46 -1.65 -12.22
N GLN C 165 42.81 -0.92 -11.32
CA GLN C 165 42.06 0.27 -11.69
C GLN C 165 42.96 1.50 -11.83
N TRP C 166 44.07 1.51 -11.10
CA TRP C 166 44.96 2.67 -11.08
C TRP C 166 46.42 2.33 -11.36
N GLN C 167 46.70 1.03 -11.39
N GLN C 167 46.78 1.06 -11.19
CA GLN C 167 47.97 0.43 -11.84
CA GLN C 167 48.18 0.63 -11.27
C GLN C 167 49.07 0.47 -10.79
C GLN C 167 49.11 1.39 -10.31
N THR C 168 49.21 1.59 -10.09
N THR C 168 48.55 2.29 -9.51
CA THR C 168 50.22 1.71 -9.05
CA THR C 168 49.38 3.21 -8.73
C THR C 168 49.90 0.80 -7.86
C THR C 168 48.98 3.27 -7.26
N ASP C 169 50.95 0.35 -7.17
N ASP C 169 49.57 4.23 -6.56
CA ASP C 169 50.79 -0.46 -5.98
CA ASP C 169 49.40 4.34 -5.13
C ASP C 169 50.06 0.34 -4.91
C ASP C 169 48.24 5.24 -4.74
N PRO C 170 48.98 -0.22 -4.34
N PRO C 170 47.39 4.74 -3.85
CA PRO C 170 48.12 0.44 -3.35
CA PRO C 170 46.27 5.59 -3.42
C PRO C 170 48.88 1.04 -2.16
C PRO C 170 46.41 6.25 -2.05
N LYS C 171 50.08 0.54 -1.88
N LYS C 171 47.60 6.67 -1.65
CA LYS C 171 50.90 1.07 -0.81
CA LYS C 171 47.71 7.64 -0.56
C LYS C 171 51.50 2.43 -1.19
C LYS C 171 47.07 8.90 -1.07
N GLU C 172 51.38 2.79 -2.46
N GLU C 172 47.35 9.14 -2.34
CA GLU C 172 51.95 4.04 -2.97
CA GLU C 172 46.95 10.35 -3.03
C GLU C 172 50.85 5.00 -3.41
C GLU C 172 45.67 10.15 -3.84
N LEU C 173 49.73 4.99 -2.70
N LEU C 173 44.81 9.24 -3.40
CA LEU C 173 48.59 5.83 -3.04
CA LEU C 173 43.50 9.07 -4.01
C LEU C 173 48.10 6.62 -1.83
C LEU C 173 42.39 9.43 -3.03
N PRO C 174 47.53 7.82 -2.07
N PRO C 174 41.36 10.14 -3.52
CA PRO C 174 46.98 8.68 -1.02
CA PRO C 174 40.22 10.56 -2.69
C PRO C 174 46.00 7.97 -0.10
C PRO C 174 39.49 9.39 -2.06
N ALA C 175 46.02 8.32 1.18
N ALA C 175 39.03 9.58 -0.83
CA ALA C 175 45.16 7.68 2.18
CA ALA C 175 38.25 8.55 -0.14
C ALA C 175 43.72 8.16 2.05
C ALA C 175 36.83 8.52 -0.67
N ALA C 176 43.55 9.46 1.85
N ALA C 176 36.48 9.51 -1.50
CA ALA C 176 42.22 10.06 1.78
CA ALA C 176 35.15 9.59 -2.08
C ALA C 176 41.55 9.84 0.42
C ALA C 176 34.95 8.53 -3.16
N ASN C 177 42.18 9.02 -0.43
N ASN C 177 36.03 7.88 -3.57
CA ASN C 177 41.57 8.65 -1.69
CA ASN C 177 35.97 6.83 -4.58
C ASN C 177 40.33 7.80 -1.44
C ASN C 177 35.34 5.55 -4.05
N ILE C 178 40.49 6.78 -0.62
N ILE C 178 35.37 5.40 -2.72
CA ILE C 178 39.36 6.00 -0.17
CA ILE C 178 34.82 4.20 -2.09
C ILE C 178 38.64 6.75 0.95
C ILE C 178 33.49 4.51 -1.40
N THR C 179 37.35 7.00 0.77
N THR C 179 33.19 5.80 -1.26
CA THR C 179 36.56 7.68 1.79
CA THR C 179 31.92 6.21 -0.70
C THR C 179 36.15 6.67 2.85
C THR C 179 30.78 5.95 -1.69
N ARG C 180 34.87 6.33 2.86
N ARG C 180 31.15 5.68 -2.93
CA ARG C 180 34.36 5.30 3.75
CA ARG C 180 30.17 5.38 -3.97
C ARG C 180 34.28 3.98 3.02
C ARG C 180 29.55 4.00 -3.73
N LEU C 181 34.64 2.89 3.68
N LEU C 181 30.18 3.18 -2.89
CA LEU C 181 34.57 1.56 3.09
CA LEU C 181 29.67 1.85 -2.58
C LEU C 181 33.60 0.70 3.88
C LEU C 181 29.00 1.78 -1.21
N PRO C 182 32.30 0.80 3.58
N PRO C 182 27.88 1.03 -1.12
CA PRO C 182 31.24 0.16 4.37
CA PRO C 182 27.15 0.85 0.14
C PRO C 182 31.04 -1.31 4.04
C PRO C 182 27.85 -0.11 1.11
N VAL C 183 30.68 -2.07 5.07
N VAL C 183 27.87 0.27 2.39
CA VAL C 183 30.24 -3.45 4.89
CA VAL C 183 28.42 -0.59 3.43
C VAL C 183 28.79 -3.55 5.33
C VAL C 183 27.26 -1.21 4.22
N ARG C 184 27.89 -3.72 4.35
N ARG C 184 27.29 -2.53 4.40
CA ARG C 184 26.47 -3.86 4.62
CA ARG C 184 26.11 -3.22 4.91
C ARG C 184 26.23 -4.93 5.66
C ARG C 184 26.35 -4.28 5.99
N TYR C 185 25.24 -4.77 6.52
CA TYR C 185 25.12 -5.74 7.60
C TYR C 185 23.79 -6.48 7.43
N THR C 186 23.34 -6.51 6.18
CA THR C 186 22.17 -7.30 5.78
C THR C 186 22.57 -8.17 4.60
N PHE C 187 21.62 -8.92 4.06
CA PHE C 187 21.88 -9.75 2.89
C PHE C 187 21.52 -9.02 1.60
N ASP C 188 21.17 -7.74 1.73
CA ASP C 188 20.80 -6.92 0.58
C ASP C 188 22.01 -6.68 -0.32
N ASN C 189 21.98 -7.26 -1.51
CA ASN C 189 23.09 -7.10 -2.45
C ASN C 189 22.73 -6.19 -3.63
N ARG C 190 21.67 -5.39 -3.45
CA ARG C 190 21.31 -4.38 -4.43
C ARG C 190 22.42 -3.33 -4.48
N TYR C 191 23.12 -3.26 -5.60
CA TYR C 191 24.36 -2.49 -5.70
C TYR C 191 24.19 -1.00 -5.42
N PHE C 192 23.03 -0.44 -5.74
CA PHE C 192 22.78 0.98 -5.50
C PHE C 192 21.74 1.18 -4.38
N SER C 193 21.86 2.30 -3.68
CA SER C 193 20.98 2.59 -2.56
C SER C 193 20.12 3.83 -2.81
N ASP C 194 19.93 4.16 -4.08
CA ASP C 194 19.11 5.31 -4.44
C ASP C 194 17.63 4.94 -4.49
N THR C 195 16.76 5.92 -4.32
CA THR C 195 15.31 5.70 -4.31
C THR C 195 14.82 5.19 -5.66
N TYR C 196 15.31 5.79 -6.74
CA TYR C 196 14.87 5.45 -8.08
C TYR C 196 15.98 4.78 -8.87
N GLU C 197 15.61 3.79 -9.68
CA GLU C 197 16.59 3.04 -10.46
C GLU C 197 15.92 2.31 -11.62
N GLY C 198 16.65 2.18 -12.73
CA GLY C 198 16.14 1.47 -13.89
C GLY C 198 16.93 1.75 -15.15
N LEU C 199 16.71 0.92 -16.17
CA LEU C 199 17.33 1.14 -17.47
C LEU C 199 16.31 1.67 -18.46
N PRO C 200 16.75 2.53 -19.40
CA PRO C 200 15.84 3.06 -20.42
C PRO C 200 15.21 1.93 -21.23
N THR C 201 13.89 1.87 -21.22
CA THR C 201 13.14 0.77 -21.82
C THR C 201 13.50 0.54 -23.28
N ASP C 202 13.75 1.63 -24.00
CA ASP C 202 14.07 1.54 -25.42
C ASP C 202 15.51 1.95 -25.71
N GLY C 203 16.38 1.80 -24.71
CA GLY C 203 17.79 2.10 -24.87
C GLY C 203 18.14 3.54 -24.56
N TYR C 204 19.45 3.79 -24.40
CA TYR C 204 19.93 5.12 -24.06
C TYR C 204 19.89 6.08 -25.25
N THR C 205 20.20 5.57 -26.44
CA THR C 205 20.26 6.40 -27.64
C THR C 205 18.90 7.04 -27.94
N ALA C 206 17.83 6.26 -27.83
CA ALA C 206 16.48 6.78 -28.05
C ALA C 206 16.13 7.84 -27.02
N TRP C 207 16.60 7.63 -25.79
CA TRP C 207 16.42 8.58 -24.70
C TRP C 207 17.12 9.90 -25.04
N LEU C 208 18.38 9.80 -25.43
CA LEU C 208 19.19 10.98 -25.74
C LEU C 208 18.68 11.71 -26.97
N GLN C 209 18.16 10.97 -27.94
CA GLN C 209 17.60 11.57 -29.15
C GLN C 209 16.31 12.32 -28.84
N ASN C 210 15.59 11.87 -27.83
CA ASN C 210 14.36 12.53 -27.41
C ASN C 210 14.61 13.88 -26.74
N MET C 211 15.74 13.97 -26.04
CA MET C 211 16.12 15.21 -25.36
C MET C 211 16.48 16.30 -26.36
N ALA C 212 17.03 15.90 -27.50
CA ALA C 212 17.45 16.84 -28.53
C ALA C 212 16.52 16.81 -29.73
N ALA C 213 15.28 16.39 -29.51
CA ALA C 213 14.32 16.23 -30.59
C ALA C 213 13.59 17.53 -30.93
N ASP C 214 13.62 18.49 -30.02
CA ASP C 214 12.94 19.76 -30.21
C ASP C 214 13.46 20.49 -31.43
N HIS C 215 12.55 21.13 -32.17
CA HIS C 215 12.90 21.77 -33.44
C HIS C 215 13.78 23.00 -33.26
N ARG C 216 13.85 23.51 -32.03
CA ARG C 216 14.69 24.65 -31.72
C ARG C 216 16.10 24.20 -31.36
N ILE C 217 16.31 22.89 -31.36
CA ILE C 217 17.63 22.31 -31.09
C ILE C 217 18.25 21.73 -32.36
N GLU C 218 19.42 22.23 -32.72
CA GLU C 218 20.13 21.72 -33.89
C GLU C 218 21.46 21.09 -33.48
N VAL C 219 21.60 19.81 -33.78
CA VAL C 219 22.81 19.08 -33.42
C VAL C 219 23.69 18.81 -34.64
N ARG C 220 24.97 19.17 -34.55
CA ARG C 220 25.90 18.93 -35.63
C ARG C 220 26.99 17.95 -35.21
N LEU C 221 26.90 16.72 -35.73
CA LEU C 221 27.88 15.68 -35.45
C LEU C 221 29.12 15.87 -36.30
N ASN C 222 30.19 15.16 -35.94
CA ASN C 222 31.46 15.24 -36.66
C ASN C 222 32.01 16.66 -36.75
N THR C 223 31.68 17.48 -35.75
CA THR C 223 32.07 18.87 -35.74
C THR C 223 32.81 19.26 -34.46
N ASP C 224 34.04 19.72 -34.61
CA ASP C 224 34.82 20.16 -33.46
C ASP C 224 34.60 21.65 -33.22
N TRP C 225 34.36 22.01 -31.95
CA TRP C 225 34.06 23.39 -31.58
C TRP C 225 35.21 24.35 -31.90
N PHE C 226 36.44 23.86 -31.81
CA PHE C 226 37.61 24.70 -32.04
C PHE C 226 37.92 24.83 -33.53
N ASP C 227 37.06 24.29 -34.37
CA ASP C 227 37.24 24.40 -35.82
C ASP C 227 36.15 25.28 -36.44
N VAL C 228 35.18 25.68 -35.63
CA VAL C 228 34.02 26.42 -36.13
C VAL C 228 33.66 27.64 -35.27
N ARG C 229 34.25 27.74 -34.08
CA ARG C 229 33.90 28.81 -33.16
C ARG C 229 34.29 30.18 -33.68
N GLY C 230 35.31 30.23 -34.52
CA GLY C 230 35.76 31.47 -35.12
C GLY C 230 34.75 32.00 -36.10
N GLN C 231 34.00 31.10 -36.73
CA GLN C 231 33.01 31.47 -37.73
C GLN C 231 31.62 31.66 -37.14
N LEU C 232 31.24 30.73 -36.25
CA LEU C 232 29.88 30.69 -35.71
C LEU C 232 29.55 31.85 -34.77
N ARG C 233 30.44 32.13 -33.82
CA ARG C 233 30.18 33.14 -32.80
C ARG C 233 29.94 34.57 -33.33
N PRO C 234 30.66 34.98 -34.39
CA PRO C 234 30.28 36.29 -34.95
C PRO C 234 28.87 36.31 -35.55
N GLY C 235 28.34 35.13 -35.86
CA GLY C 235 26.98 35.01 -36.37
C GLY C 235 25.95 35.25 -35.28
N SER C 236 26.35 34.96 -34.04
CA SER C 236 25.50 35.22 -32.88
C SER C 236 26.36 35.70 -31.72
N PRO C 237 26.82 36.96 -31.79
CA PRO C 237 27.85 37.52 -30.89
C PRO C 237 27.45 37.55 -29.40
N ALA C 238 26.16 37.66 -29.11
CA ALA C 238 25.70 37.78 -27.73
C ALA C 238 25.30 36.43 -27.14
N ALA C 239 25.49 35.36 -27.90
CA ALA C 239 25.10 34.02 -27.46
C ALA C 239 26.19 33.38 -26.61
N PRO C 240 25.84 32.99 -25.37
CA PRO C 240 26.77 32.31 -24.47
C PRO C 240 27.22 30.95 -25.00
N VAL C 241 28.25 30.38 -24.38
CA VAL C 241 28.78 29.08 -24.80
C VAL C 241 28.94 28.13 -23.62
N VAL C 242 28.18 27.04 -23.62
CA VAL C 242 28.32 26.01 -22.60
C VAL C 242 29.30 24.94 -23.08
N TYR C 243 30.44 24.86 -22.42
CA TYR C 243 31.51 23.94 -22.82
C TYR C 243 31.59 22.75 -21.88
N THR C 244 31.51 21.54 -22.45
CA THR C 244 31.55 20.33 -21.65
C THR C 244 32.73 19.43 -22.04
N GLY C 245 33.65 19.98 -22.83
CA GLY C 245 34.86 19.27 -23.19
C GLY C 245 35.88 19.35 -22.06
N PRO C 246 37.02 18.68 -22.23
CA PRO C 246 38.08 18.69 -21.22
C PRO C 246 38.57 20.11 -20.91
N LEU C 247 38.67 20.44 -19.63
CA LEU C 247 39.01 21.79 -19.20
C LEU C 247 40.41 22.22 -19.63
N ASP C 248 41.38 21.32 -19.46
CA ASP C 248 42.77 21.65 -19.80
C ASP C 248 42.97 21.83 -21.30
N ARG C 249 42.21 21.07 -22.09
CA ARG C 249 42.32 21.15 -23.54
C ARG C 249 41.82 22.49 -24.06
N TYR C 250 40.86 23.07 -23.35
CA TYR C 250 40.28 24.35 -23.75
C TYR C 250 41.34 25.44 -23.81
N PHE C 251 42.29 25.39 -22.88
CA PHE C 251 43.37 26.38 -22.84
C PHE C 251 44.66 25.80 -23.41
N ASP C 252 44.52 24.82 -24.31
CA ASP C 252 45.64 24.21 -25.01
C ASP C 252 46.71 23.63 -24.07
N TYR C 253 46.27 23.13 -22.92
CA TYR C 253 47.15 22.51 -21.93
C TYR C 253 48.31 23.43 -21.55
N ALA C 254 48.04 24.73 -21.48
CA ALA C 254 49.08 25.71 -21.22
C ALA C 254 49.72 25.53 -19.84
N GLU C 255 48.89 25.37 -18.82
CA GLU C 255 49.38 25.19 -17.46
C GLU C 255 49.77 23.74 -17.18
N GLY C 256 49.45 22.85 -18.12
CA GLY C 256 49.76 21.45 -17.98
C GLY C 256 48.59 20.54 -18.31
N ARG C 257 48.82 19.23 -18.24
CA ARG C 257 47.79 18.26 -18.54
C ARG C 257 47.23 17.61 -17.27
N LEU C 258 45.92 17.59 -17.16
CA LEU C 258 45.26 16.94 -16.03
C LEU C 258 45.37 15.43 -16.14
N GLY C 259 45.54 14.76 -15.01
CA GLY C 259 45.66 13.31 -14.99
C GLY C 259 44.34 12.61 -15.17
N TRP C 260 44.24 11.80 -16.22
CA TRP C 260 43.01 11.05 -16.49
C TRP C 260 43.28 9.55 -16.59
N ARG C 261 42.26 8.77 -16.26
CA ARG C 261 42.27 7.33 -16.49
C ARG C 261 41.34 7.00 -17.64
N THR C 262 41.72 6.03 -18.47
CA THR C 262 40.90 5.66 -19.61
C THR C 262 40.50 4.18 -19.55
N LEU C 263 39.64 3.76 -20.47
CA LEU C 263 39.17 2.38 -20.50
C LEU C 263 39.20 1.79 -21.91
N ASP C 264 39.68 0.56 -22.00
CA ASP C 264 39.62 -0.19 -23.25
C ASP C 264 38.57 -1.30 -23.11
N PHE C 265 37.84 -1.55 -24.18
CA PHE C 265 36.78 -2.55 -24.14
C PHE C 265 36.92 -3.61 -25.24
N GLU C 266 36.75 -4.86 -24.85
CA GLU C 266 36.76 -5.97 -25.81
C GLU C 266 35.37 -6.58 -25.93
N VAL C 267 34.63 -6.15 -26.95
CA VAL C 267 33.31 -6.69 -27.22
C VAL C 267 33.41 -7.97 -28.04
N GLU C 268 32.80 -9.04 -27.54
CA GLU C 268 32.86 -10.33 -28.23
C GLU C 268 31.54 -11.07 -28.16
N VAL C 269 31.10 -11.59 -29.30
CA VAL C 269 29.87 -12.38 -29.36
C VAL C 269 30.21 -13.87 -29.28
N LEU C 270 29.77 -14.51 -28.20
CA LEU C 270 30.08 -15.91 -27.96
C LEU C 270 29.02 -16.84 -28.54
N PRO C 271 29.42 -18.03 -29.00
CA PRO C 271 28.50 -19.01 -29.57
C PRO C 271 27.73 -19.80 -28.50
N ILE C 272 27.64 -19.26 -27.29
CA ILE C 272 26.86 -19.89 -26.22
C ILE C 272 25.77 -18.94 -25.73
N GLY C 273 24.79 -19.49 -25.02
CA GLY C 273 23.65 -18.72 -24.57
C GLY C 273 23.90 -17.85 -23.35
N ASP C 274 24.76 -18.34 -22.45
CA ASP C 274 25.04 -17.61 -21.21
C ASP C 274 26.49 -17.82 -20.78
N PHE C 275 27.19 -16.72 -20.54
CA PHE C 275 28.62 -16.78 -20.23
C PHE C 275 28.90 -16.84 -18.73
N GLN C 276 28.25 -15.98 -17.95
CA GLN C 276 28.52 -15.91 -16.52
C GLN C 276 27.26 -15.88 -15.68
N GLY C 277 26.10 -15.85 -16.35
CA GLY C 277 24.82 -15.91 -15.65
C GLY C 277 24.47 -14.69 -14.84
N THR C 278 25.16 -13.58 -15.10
CA THR C 278 24.87 -12.33 -14.40
C THR C 278 25.35 -11.13 -15.22
N ALA C 279 24.87 -9.95 -14.86
CA ALA C 279 25.15 -8.74 -15.63
C ALA C 279 26.61 -8.31 -15.57
N VAL C 280 27.15 -8.17 -14.35
CA VAL C 280 28.52 -7.72 -14.17
C VAL C 280 29.28 -8.60 -13.18
N MET C 281 30.47 -9.05 -13.60
CA MET C 281 31.33 -9.86 -12.74
C MET C 281 32.68 -9.19 -12.54
N ASN C 282 32.94 -8.74 -11.31
CA ASN C 282 34.22 -8.13 -10.98
C ASN C 282 35.32 -9.16 -10.78
N TYR C 283 36.52 -8.83 -11.19
CA TYR C 283 37.68 -9.70 -11.00
C TYR C 283 38.72 -9.03 -10.10
N ASN C 284 38.85 -9.55 -8.89
CA ASN C 284 39.69 -8.92 -7.87
C ASN C 284 41.11 -9.47 -7.84
N ASP C 285 41.37 -10.51 -8.63
CA ASP C 285 42.69 -11.14 -8.63
C ASP C 285 43.59 -10.54 -9.72
N LEU C 286 44.90 -10.56 -9.47
CA LEU C 286 45.87 -9.95 -10.37
C LEU C 286 46.34 -10.89 -11.48
N ASP C 287 45.85 -12.12 -11.46
CA ASP C 287 46.19 -13.09 -12.49
C ASP C 287 45.30 -12.91 -13.71
N VAL C 288 44.59 -11.78 -13.74
CA VAL C 288 43.68 -11.44 -14.83
C VAL C 288 43.83 -9.95 -15.15
N PRO C 289 44.01 -9.62 -16.44
CA PRO C 289 44.25 -8.24 -16.88
C PRO C 289 43.03 -7.33 -16.79
N TYR C 290 41.84 -7.86 -17.07
CA TYR C 290 40.63 -7.04 -17.08
C TYR C 290 40.02 -6.88 -15.69
N THR C 291 39.39 -5.74 -15.46
CA THR C 291 38.80 -5.44 -14.16
C THR C 291 37.45 -6.13 -13.96
N ARG C 292 36.67 -6.23 -15.03
CA ARG C 292 35.34 -6.84 -14.95
C ARG C 292 34.81 -7.25 -16.33
N ILE C 293 33.78 -8.09 -16.32
CA ILE C 293 33.14 -8.55 -17.55
C ILE C 293 31.64 -8.25 -17.53
N HIS C 294 31.14 -7.61 -18.57
CA HIS C 294 29.72 -7.31 -18.69
C HIS C 294 29.04 -8.26 -19.67
N GLU C 295 27.95 -8.88 -19.25
CA GLU C 295 27.11 -9.66 -20.15
C GLU C 295 25.77 -8.94 -20.33
N PHE C 296 25.61 -8.30 -21.47
CA PHE C 296 24.52 -7.32 -21.67
C PHE C 296 23.13 -7.91 -21.75
N ARG C 297 23.01 -9.22 -21.94
CA ARG C 297 21.69 -9.85 -22.03
C ARG C 297 20.99 -9.83 -20.67
N HIS C 298 21.78 -9.78 -19.60
CA HIS C 298 21.25 -9.81 -18.25
C HIS C 298 20.81 -8.42 -17.79
N PHE C 299 21.13 -7.40 -18.57
CA PHE C 299 20.70 -6.04 -18.26
C PHE C 299 19.22 -5.87 -18.53
N HIS C 300 18.69 -6.69 -19.42
CA HIS C 300 17.27 -6.67 -19.74
C HIS C 300 16.66 -8.07 -19.69
N PRO C 301 16.43 -8.59 -18.48
CA PRO C 301 15.84 -9.92 -18.32
C PRO C 301 14.36 -9.96 -18.74
N GLU C 302 13.75 -8.79 -18.89
CA GLU C 302 12.37 -8.71 -19.33
C GLU C 302 12.28 -8.92 -20.84
N ARG C 303 13.43 -8.97 -21.49
CA ARG C 303 13.51 -9.21 -22.92
C ARG C 303 14.04 -10.61 -23.20
N ASP C 304 13.46 -11.27 -24.20
CA ASP C 304 13.90 -12.60 -24.58
C ASP C 304 14.76 -12.55 -25.84
N TYR C 305 16.05 -12.83 -25.69
CA TYR C 305 16.97 -12.87 -26.83
C TYR C 305 17.28 -14.30 -27.23
N ARG C 306 18.00 -14.45 -28.33
CA ARG C 306 18.38 -15.78 -28.82
C ARG C 306 19.27 -16.50 -27.80
N THR C 307 19.00 -17.78 -27.58
CA THR C 307 19.65 -18.53 -26.52
C THR C 307 20.86 -19.34 -27.01
N ASP C 308 21.35 -19.00 -28.19
CA ASP C 308 22.51 -19.69 -28.74
C ASP C 308 23.71 -18.76 -28.86
N LYS C 309 23.47 -17.47 -28.63
CA LYS C 309 24.53 -16.48 -28.67
C LYS C 309 24.40 -15.46 -27.54
N THR C 310 25.52 -14.91 -27.10
CA THR C 310 25.53 -13.88 -26.07
C THR C 310 26.66 -12.89 -26.31
N VAL C 311 26.47 -11.66 -25.84
CA VAL C 311 27.46 -10.61 -26.04
C VAL C 311 28.11 -10.21 -24.71
N ILE C 312 29.41 -10.42 -24.60
CA ILE C 312 30.15 -10.03 -23.40
C ILE C 312 31.11 -8.89 -23.72
N MET C 313 31.61 -8.24 -22.67
CA MET C 313 32.54 -7.13 -22.83
C MET C 313 33.54 -7.06 -21.68
N ARG C 314 34.82 -7.19 -22.00
CA ARG C 314 35.87 -7.10 -21.00
C ARG C 314 36.36 -5.67 -20.86
N GLU C 315 36.62 -5.24 -19.62
CA GLU C 315 37.00 -3.87 -19.34
C GLU C 315 38.43 -3.76 -18.85
N TYR C 316 39.23 -2.94 -19.53
CA TYR C 316 40.64 -2.75 -19.18
C TYR C 316 40.92 -1.30 -18.83
N SER C 317 41.64 -1.09 -17.72
CA SER C 317 41.95 0.26 -17.27
C SER C 317 43.43 0.59 -17.42
N ARG C 318 43.72 1.78 -17.93
CA ARG C 318 45.09 2.24 -18.09
C ARG C 318 45.17 3.76 -18.06
N PHE C 319 46.38 4.30 -18.06
CA PHE C 319 46.58 5.74 -18.05
C PHE C 319 46.16 6.34 -19.40
N ALA C 320 45.40 7.43 -19.33
CA ALA C 320 44.89 8.07 -20.54
C ALA C 320 46.00 8.84 -21.27
N GLU C 321 46.31 8.41 -22.49
CA GLU C 321 47.29 9.10 -23.32
C GLU C 321 46.66 10.33 -23.96
N ASP C 322 47.45 11.04 -24.76
CA ASP C 322 46.99 12.28 -25.38
C ASP C 322 45.92 12.03 -26.46
N ASP C 323 45.84 10.79 -26.94
CA ASP C 323 44.89 10.45 -27.99
C ASP C 323 43.72 9.61 -27.46
N ASP C 324 43.79 9.27 -26.17
CA ASP C 324 42.75 8.46 -25.54
C ASP C 324 41.58 9.32 -25.05
N GLU C 325 40.45 8.68 -24.81
CA GLU C 325 39.29 9.34 -24.23
C GLU C 325 39.42 9.39 -22.72
N PRO C 326 39.15 10.58 -22.13
CA PRO C 326 39.17 10.74 -20.67
C PRO C 326 37.95 10.10 -19.99
N TYR C 327 38.19 9.25 -19.01
CA TYR C 327 37.10 8.57 -18.32
C TYR C 327 37.02 9.00 -16.85
N TYR C 328 38.09 8.75 -16.11
CA TYR C 328 38.12 9.05 -14.67
C TYR C 328 39.26 9.99 -14.29
N PRO C 329 38.93 11.04 -13.52
CA PRO C 329 39.94 11.97 -12.99
C PRO C 329 40.77 11.31 -11.89
N ILE C 330 42.10 11.39 -12.01
CA ILE C 330 42.99 10.79 -11.02
C ILE C 330 43.00 11.59 -9.72
N ASN C 331 42.97 12.92 -9.86
CA ASN C 331 42.94 13.83 -8.72
C ASN C 331 44.09 13.64 -7.74
N THR C 332 45.31 13.83 -8.22
CA THR C 332 46.48 13.87 -7.34
C THR C 332 46.56 15.24 -6.69
N GLU C 333 47.57 15.44 -5.84
CA GLU C 333 47.75 16.74 -5.20
C GLU C 333 48.21 17.77 -6.22
N ALA C 334 48.94 17.31 -7.23
CA ALA C 334 49.37 18.19 -8.32
C ALA C 334 48.22 18.46 -9.28
N ASP C 335 47.37 17.46 -9.49
CA ASP C 335 46.18 17.62 -10.32
C ASP C 335 45.22 18.62 -9.70
N ARG C 336 45.08 18.56 -8.38
CA ARG C 336 44.21 19.46 -7.65
C ARG C 336 44.70 20.90 -7.77
N ALA C 337 46.01 21.08 -7.67
CA ALA C 337 46.63 22.38 -7.81
C ALA C 337 46.53 22.88 -9.25
N LEU C 338 46.69 21.96 -10.20
CA LEU C 338 46.58 22.29 -11.61
C LEU C 338 45.14 22.68 -11.96
N LEU C 339 44.19 22.03 -11.29
CA LEU C 339 42.77 22.31 -11.51
C LEU C 339 42.40 23.71 -11.05
N ALA C 340 42.87 24.09 -9.87
CA ALA C 340 42.55 25.39 -9.29
C ALA C 340 43.00 26.54 -10.17
N THR C 341 44.12 26.35 -10.86
CA THR C 341 44.64 27.35 -11.78
C THR C 341 43.72 27.50 -12.99
N TYR C 342 43.23 26.37 -13.48
CA TYR C 342 42.33 26.37 -14.63
C TYR C 342 40.95 26.92 -14.27
N ARG C 343 40.52 26.68 -13.03
CA ARG C 343 39.23 27.18 -12.57
C ARG C 343 39.25 28.71 -12.52
N ALA C 344 40.35 29.27 -12.06
CA ALA C 344 40.53 30.72 -12.05
C ALA C 344 40.75 31.22 -13.47
N ARG C 345 41.28 30.35 -14.32
CA ARG C 345 41.51 30.66 -15.72
C ARG C 345 40.19 30.64 -16.49
N ALA C 346 39.31 29.72 -16.12
CA ALA C 346 38.00 29.59 -16.76
C ALA C 346 37.05 30.68 -16.29
N LYS C 347 37.25 31.13 -15.06
CA LYS C 347 36.43 32.20 -14.48
C LYS C 347 36.61 33.49 -15.28
N SER C 348 37.81 33.66 -15.84
CA SER C 348 38.11 34.83 -16.67
C SER C 348 37.44 34.71 -18.04
N GLU C 349 37.35 33.48 -18.54
CA GLU C 349 36.71 33.22 -19.82
C GLU C 349 35.21 33.53 -19.76
N THR C 350 34.61 33.24 -18.62
CA THR C 350 33.19 33.51 -18.41
C THR C 350 32.94 35.02 -18.41
N ALA C 351 33.89 35.78 -17.89
CA ALA C 351 33.74 37.23 -17.75
C ALA C 351 33.91 37.95 -19.09
N SER C 352 34.77 37.42 -19.95
CA SER C 352 35.15 38.12 -21.17
C SER C 352 34.51 37.55 -22.44
N SER C 353 34.11 36.28 -22.38
CA SER C 353 33.61 35.61 -23.58
C SER C 353 32.26 34.92 -23.37
N LYS C 354 31.67 35.09 -22.19
CA LYS C 354 30.41 34.45 -21.83
C LYS C 354 30.46 32.94 -22.03
N VAL C 355 31.55 32.31 -21.57
CA VAL C 355 31.72 30.88 -21.72
C VAL C 355 31.60 30.14 -20.40
N LEU C 356 30.65 29.23 -20.31
CA LEU C 356 30.44 28.44 -19.09
C LEU C 356 31.15 27.09 -19.20
N PHE C 357 31.53 26.54 -18.05
CA PHE C 357 32.22 25.26 -18.02
C PHE C 357 31.49 24.28 -17.11
N GLY C 358 31.00 23.18 -17.68
CA GLY C 358 30.27 22.19 -16.93
C GLY C 358 30.50 20.78 -17.45
N GLY C 359 29.88 19.80 -16.80
CA GLY C 359 30.01 18.41 -17.20
C GLY C 359 31.17 17.71 -16.53
N ARG C 360 31.36 16.44 -16.87
CA ARG C 360 32.45 15.64 -16.31
C ARG C 360 33.81 16.19 -16.71
N LEU C 361 33.95 16.47 -17.99
CA LEU C 361 35.23 16.90 -18.56
C LEU C 361 35.51 18.38 -18.26
N GLY C 362 34.44 19.18 -18.18
CA GLY C 362 34.58 20.61 -18.02
C GLY C 362 34.90 21.06 -16.60
N THR C 363 34.79 20.15 -15.64
CA THR C 363 35.01 20.50 -14.24
C THR C 363 36.02 19.58 -13.56
N TYR C 364 36.55 18.62 -14.32
CA TYR C 364 37.52 17.65 -13.82
C TYR C 364 37.01 16.95 -12.56
N GLN C 365 35.93 16.18 -12.73
CA GLN C 365 35.37 15.39 -11.65
C GLN C 365 34.44 14.35 -12.24
N TYR C 366 34.42 13.15 -11.66
CA TYR C 366 33.53 12.12 -12.19
C TYR C 366 32.09 12.38 -11.77
N LEU C 367 31.21 12.49 -12.76
CA LEU C 367 29.80 12.70 -12.52
C LEU C 367 28.98 11.53 -13.07
N ASP C 368 28.14 10.95 -12.23
CA ASP C 368 27.18 9.96 -12.70
C ASP C 368 26.16 10.67 -13.57
N MET C 369 25.34 9.91 -14.29
CA MET C 369 24.36 10.48 -15.19
C MET C 369 23.40 11.42 -14.47
N HIS C 370 22.90 10.99 -13.30
CA HIS C 370 21.93 11.78 -12.55
C HIS C 370 22.57 13.00 -11.93
N MET C 371 23.86 12.92 -11.60
CA MET C 371 24.57 14.06 -11.03
C MET C 371 24.90 15.08 -12.10
N ALA C 372 25.19 14.60 -13.31
CA ALA C 372 25.48 15.48 -14.44
C ALA C 372 24.22 16.24 -14.86
N ILE C 373 23.09 15.54 -14.84
CA ILE C 373 21.80 16.15 -15.18
C ILE C 373 21.39 17.18 -14.13
N ALA C 374 21.55 16.82 -12.86
CA ALA C 374 21.23 17.71 -11.76
C ALA C 374 22.13 18.94 -11.78
N SER C 375 23.39 18.74 -12.16
CA SER C 375 24.34 19.85 -12.26
C SER C 375 23.95 20.80 -13.38
N ALA C 376 23.44 20.25 -14.47
CA ALA C 376 23.00 21.05 -15.61
C ALA C 376 21.79 21.89 -15.24
N LEU C 377 20.90 21.29 -14.45
CA LEU C 377 19.70 21.99 -13.99
C LEU C 377 20.09 23.13 -13.06
N ASN C 378 21.12 22.92 -12.24
CA ASN C 378 21.62 23.96 -11.35
C ASN C 378 22.19 25.14 -12.11
N MET C 379 22.98 24.84 -13.14
CA MET C 379 23.55 25.88 -13.98
C MET C 379 22.45 26.63 -14.73
N TYR C 380 21.44 25.90 -15.16
CA TYR C 380 20.32 26.51 -15.87
C TYR C 380 19.52 27.44 -14.96
N ASP C 381 19.10 26.92 -13.80
CA ASP C 381 18.28 27.69 -12.87
C ASP C 381 18.98 28.93 -12.33
N ASN C 382 20.25 28.76 -11.95
CA ASN C 382 20.97 29.81 -11.25
C ASN C 382 21.75 30.76 -12.15
N VAL C 383 22.24 30.26 -13.27
CA VAL C 383 23.15 31.04 -14.12
C VAL C 383 22.57 31.36 -15.51
N LEU C 384 22.31 30.32 -16.29
CA LEU C 384 21.94 30.49 -17.70
C LEU C 384 20.60 31.21 -17.91
N ALA C 385 19.54 30.68 -17.31
CA ALA C 385 18.21 31.23 -17.49
C ALA C 385 18.08 32.70 -17.02
N PRO C 386 18.67 33.06 -15.86
CA PRO C 386 18.58 34.48 -15.51
C PRO C 386 19.29 35.40 -16.50
N HIS C 387 20.27 34.88 -17.23
CA HIS C 387 21.02 35.68 -18.19
C HIS C 387 20.25 35.84 -19.51
N LEU C 388 19.79 34.72 -20.05
CA LEU C 388 19.11 34.72 -21.35
C LEU C 388 17.74 35.39 -21.29
N ARG C 389 17.14 35.42 -20.10
CA ARG C 389 15.78 35.92 -19.96
C ARG C 389 15.72 37.30 -19.30
N ASP C 390 16.62 37.56 -18.36
CA ASP C 390 16.57 38.80 -17.60
C ASP C 390 17.79 39.70 -17.84
N GLY C 391 18.85 39.12 -18.40
CA GLY C 391 20.05 39.88 -18.71
C GLY C 391 21.04 39.91 -17.56
N VAL C 392 20.84 39.05 -16.58
CA VAL C 392 21.71 38.96 -15.42
C VAL C 392 23.11 38.47 -15.82
N PRO C 393 24.16 39.17 -15.35
CA PRO C 393 25.55 38.77 -15.59
C PRO C 393 25.82 37.31 -15.20
N LEU C 394 26.71 36.65 -15.92
CA LEU C 394 26.96 35.22 -15.73
C LEU C 394 27.78 34.91 -14.48
N LEU C 395 28.40 35.94 -13.90
CA LEU C 395 29.17 35.76 -12.68
C LEU C 395 28.39 36.24 -11.45
PA FAD D . -30.21 5.47 19.59
O1A FAD D . -28.75 5.38 19.14
O2A FAD D . -31.31 5.98 18.57
O5B FAD D . -30.18 3.92 20.01
C5B FAD D . -30.16 3.57 21.34
C4B FAD D . -29.58 2.19 21.72
O4B FAD D . -30.55 1.25 22.15
C3B FAD D . -28.85 1.53 20.60
O3B FAD D . -27.48 1.64 20.75
C2B FAD D . -29.13 0.17 20.69
O2B FAD D . -27.98 -0.67 20.77
C1B FAD D . -29.89 0.04 22.03
N9A FAD D . -30.82 -1.03 22.08
C8A FAD D . -31.91 -1.18 21.32
N7A FAD D . -32.53 -2.33 21.65
C5A FAD D . -31.84 -2.89 22.64
C6A FAD D . -31.99 -4.06 23.38
N6A FAD D . -33.06 -4.90 23.15
N1A FAD D . -31.10 -4.36 24.34
C2A FAD D . -30.05 -3.55 24.58
N3A FAD D . -29.88 -2.42 23.88
C4A FAD D . -30.75 -2.08 22.91
N1 FAD D . -28.31 13.88 16.13
C2 FAD D . -27.71 15.18 16.05
O2 FAD D . -27.85 15.97 16.98
N3 FAD D . -26.96 15.57 14.90
C4 FAD D . -26.81 14.66 13.84
O4 FAD D . -26.17 14.98 12.85
C4X FAD D . -27.43 13.31 13.92
N5 FAD D . -27.28 12.45 12.90
C5X FAD D . -27.85 11.22 12.98
C6 FAD D . -27.67 10.34 11.90
C7 FAD D . -28.24 9.07 11.94
C7M FAD D . -28.03 8.09 10.72
C8 FAD D . -28.96 8.68 13.04
C8M FAD D . -29.57 7.33 13.07
C9 FAD D . -29.14 9.55 14.11
C9A FAD D . -28.56 10.84 14.06
N10 FAD D . -28.73 11.69 15.11
C10 FAD D . -28.16 12.94 15.05
C1' FAD D . -29.46 11.31 16.25
C2' FAD D . -28.70 10.55 17.43
O2' FAD D . -27.68 9.74 16.86
C3' FAD D . -29.49 9.75 18.49
O3' FAD D . -30.72 10.28 18.63
C4' FAD D . -28.83 9.78 19.82
O4' FAD D . -27.79 8.73 19.99
C5' FAD D . -29.79 9.74 21.04
O5' FAD D . -29.91 8.54 21.81
P FAD D . -30.95 7.47 21.39
O1P FAD D . -31.22 6.93 22.87
O2P FAD D . -32.17 7.89 20.48
O3P FAD D . -30.00 6.25 20.99
F2'' 3UC E . -27.08 14.31 10.84
C2' 3UC E . -28.17 14.84 10.17
F2' 3UC E . -29.12 14.55 11.20
C3' 3UC E . -27.73 16.24 10.21
F3'' 3UC E . -27.60 16.79 11.17
F3' 3UC E . -28.82 17.12 9.81
C4' 3UC E . -26.61 16.36 9.33
O4' 3UC E . -25.63 15.33 9.62
C5' 3UC E . -27.04 16.13 7.92
C6' 3UC E . -25.83 16.05 7.09
O6' 3UC E . -25.24 17.25 6.71
O5' 3UC E . -27.83 14.85 7.74
C1' 3UC E . -28.67 14.44 8.79
O3B 3UC E . -29.91 15.01 8.63
PB 3UC E . -31.06 14.14 8.26
O1B 3UC E . -30.53 12.91 7.67
O2B 3UC E . -31.94 13.86 9.44
O3A 3UC E . -31.82 14.89 7.15
PA 3UC E . -31.84 16.49 7.07
O1A 3UC E . -32.16 17.07 8.46
O2A 3UC E . -30.53 17.06 6.52
O5D 3UC E . -33.06 16.82 6.08
C5D 3UC E . -34.32 16.33 6.42
C4D 3UC E . -35.27 16.23 5.31
C3D 3UC E . -34.90 15.11 4.46
O3D 3UC E . -35.47 13.90 4.90
C2D 3UC E . -35.39 15.50 3.17
O2D 3UC E . -36.72 15.13 3.03
O4D 3UC E . -35.13 17.38 4.48
C1D 3UC E . -35.26 16.98 3.18
N1 3UC E . -34.07 17.35 2.33
C6 3UC E . -32.85 17.54 2.86
C5 3UC E . -31.78 17.89 2.03
C4 3UC E . -32.01 18.04 0.67
O4 3UC E . -31.00 18.37 -0.14
N3 3UC E . -33.22 17.85 0.19
C2 3UC E . -34.23 17.51 1.01
O2 3UC E . -35.34 17.34 0.54
PA FAD F . -8.72 -18.97 3.03
O1A FAD F . -8.48 -17.49 2.75
O2A FAD F . -7.95 -19.66 4.23
O5B FAD F . -10.29 -18.69 3.21
C5B FAD F . -11.05 -19.56 3.95
C4B FAD F . -11.95 -18.98 5.07
O4B FAD F . -13.12 -19.75 5.29
C3B FAD F . -11.24 -18.90 6.39
O3B FAD F . -10.92 -17.59 6.70
C2B FAD F . -12.13 -19.34 7.35
O2B FAD F . -12.32 -18.42 8.43
C1B FAD F . -13.47 -19.48 6.60
N9A FAD F . -14.29 -20.53 7.08
C8A FAD F . -13.99 -21.83 7.07
N7A FAD F . -15.01 -22.53 7.61
C5A FAD F . -15.97 -21.65 7.95
C6A FAD F . -17.21 -21.78 8.53
N6A FAD F . -17.71 -23.02 8.87
N1A FAD F . -17.96 -20.68 8.75
C2A FAD F . -17.49 -19.47 8.41
N3A FAD F . -16.29 -19.31 7.86
C4A FAD F . -15.51 -20.38 7.61
N1 FAD F . -0.76 -17.40 -1.24
C2 FAD F . 0.18 -16.62 -2.01
O2 FAD F . -0.12 -16.18 -3.10
N3 FAD F . 1.49 -16.36 -1.49
C4 FAD F . 1.86 -16.87 -0.23
O4 FAD F . 2.97 -16.65 0.21
C4X FAD F . 0.89 -17.67 0.55
N5 FAD F . 1.24 -18.16 1.77
C5X FAD F . 0.34 -18.88 2.47
C6 FAD F . 0.73 -19.39 3.73
C7 FAD F . -0.15 -20.14 4.48
C7M FAD F . 0.29 -20.69 5.90
C8 FAD F . -1.42 -20.39 4.00
C8M FAD F . -2.37 -21.21 4.81
C9 FAD F . -1.80 -19.90 2.76
C9A FAD F . -0.90 -19.15 1.99
N10 FAD F . -1.27 -18.66 0.78
C10 FAD F . -0.39 -17.92 0.04
C1' FAD F . -2.56 -18.92 0.28
C2' FAD F . -3.72 -17.87 0.62
O2' FAD F . -3.54 -17.40 1.94
C3' FAD F . -5.20 -18.25 0.37
O3' FAD F . -5.30 -19.01 -0.74
C4' FAD F . -6.04 -17.04 0.18
O4' FAD F . -6.36 -16.34 1.44
C5' FAD F . -7.35 -17.29 -0.61
O5' FAD F . -8.54 -17.58 0.13
P FAD F . -9.09 -19.02 0.13
O1P FAD F . -10.56 -18.64 0.61
O2P FAD F . -8.91 -19.89 -1.17
O3P FAD F . -8.57 -19.62 1.56
F2'' 3UC G . 4.08 -18.23 1.31
C2' 3UC G . 4.68 -19.30 0.68
F2' 3UC G . 3.49 -19.81 0.08
C3' 3UC G . 5.49 -18.52 -0.27
F3'' 3UC G . 5.00 -17.88 -1.04
F3' 3UC G . 6.04 -19.39 -1.29
C4' 3UC G . 6.50 -17.86 0.49
O4' 3UC G . 5.92 -17.19 1.62
C5' 3UC G . 7.46 -18.85 1.03
C6' 3UC G . 8.31 -18.15 2.01
O6' 3UC G . 9.51 -17.62 1.53
O5' 3UC G . 6.80 -20.02 1.72
C1' 3UC G . 5.51 -20.41 1.33
O3B 3UC G . 5.58 -21.45 0.43
PB 3UC G . 5.12 -22.79 0.85
O1B 3UC G . 5.04 -22.81 2.31
O2B 3UC G . 3.81 -23.14 0.22
O3A 3UC G . 6.24 -23.76 0.44
PA 3UC G . 7.26 -23.41 -0.76
O1A 3UC G . 6.46 -22.93 -1.97
O2A 3UC G . 8.31 -22.38 -0.32
O5D 3UC G . 7.95 -24.81 -1.10
C5D 3UC G . 7.15 -25.86 -1.51
C4D 3UC G . 7.67 -27.20 -1.24
C3D 3UC G . 7.77 -27.37 0.22
O3D 3UC G . 6.59 -27.94 0.74
C2D 3UC G . 8.90 -28.24 0.39
O2D 3UC G . 8.50 -29.57 0.34
O4D 3UC G . 9.02 -27.25 -1.70
C1D 3UC G . 9.78 -27.92 -0.77
N1 3UC G . 10.95 -27.11 -0.27
C6 3UC G . 10.89 -25.77 -0.15
C5 3UC G . 12.01 -25.08 0.33
C4 3UC G . 13.16 -25.79 0.64
O4 3UC G . 14.24 -25.16 1.10
N3 3UC G . 13.17 -27.11 0.50
C2 3UC G . 12.07 -27.75 0.05
O2 3UC G . 12.11 -28.96 -0.07
PA FAD H . 30.16 13.55 -21.57
O1A FAD H . 29.01 13.93 -22.51
O2A FAD H . 30.32 12.06 -21.10
O5B FAD H . 31.20 14.17 -22.61
C5B FAD H . 30.93 15.38 -23.20
C4B FAD H . 30.93 15.46 -24.74
O4B FAD H . 31.58 16.60 -25.24
C3B FAD H . 31.59 14.27 -25.36
O3B FAD H . 30.68 13.41 -25.94
C2B FAD H . 32.39 14.76 -26.40
O2B FAD H . 32.15 14.14 -27.67
C1B FAD H . 32.01 16.25 -26.51
N9A FAD H . 33.09 17.10 -26.85
C8A FAD H . 34.23 17.24 -26.15
N7A FAD H . 35.02 18.14 -26.77
C5A FAD H . 34.38 18.56 -27.86
C6A FAD H . 34.69 19.46 -28.86
N6A FAD H . 35.89 20.14 -28.84
N1A FAD H . 33.81 19.69 -29.86
C2A FAD H . 32.63 19.03 -29.88
N3A FAD H . 32.30 18.15 -28.93
C4A FAD H . 33.16 17.90 -27.92
N1 FAD H . 26.65 7.29 -14.76
C2 FAD H . 25.62 6.60 -14.03
O2 FAD H . 24.71 7.23 -13.52
N3 FAD H . 25.65 5.18 -13.91
C4 FAD H . 26.70 4.45 -14.50
O4 FAD H . 26.74 3.24 -14.40
C4X FAD H . 27.76 5.16 -15.24
N5 FAD H . 28.77 4.47 -15.82
C5X FAD H . 29.74 5.13 -16.49
C6 FAD H . 30.78 4.38 -17.07
C7 FAD H . 31.78 5.03 -17.78
C7M FAD H . 32.94 4.16 -18.42
C8 FAD H . 31.76 6.40 -17.91
C8M FAD H . 32.84 7.09 -18.67
C9 FAD H . 30.74 7.13 -17.34
C9A FAD H . 29.72 6.48 -16.62
N10 FAD H . 28.71 7.19 -16.05
C10 FAD H . 27.73 6.55 -15.36
C1' FAD H . 28.70 8.60 -16.16
C2' FAD H . 27.89 9.29 -17.35
O2' FAD H . 28.19 8.60 -18.56
C3' FAD H . 28.01 10.83 -17.56
O3' FAD H . 27.82 11.45 -16.37
C4' FAD H . 27.01 11.34 -18.51
O4' FAD H . 27.01 10.62 -19.81
C5' FAD H . 27.14 12.85 -18.79
O5' FAD H . 28.30 13.27 -19.53
P FAD H . 28.81 14.71 -19.39
O1P FAD H . 27.72 15.39 -20.34
O2P FAD H . 29.07 15.30 -17.96
O3P FAD H . 30.00 14.74 -20.49
F2'' 3UC I . 29.12 1.90 -13.81
C2' 3UC I . 29.80 2.32 -12.67
F2' 3UC I . 29.99 3.65 -13.11
C3' 3UC I . 28.68 2.20 -11.72
F3'' 3UC I . 27.81 2.90 -11.78
F3' 3UC I . 29.06 2.74 -10.43
C4' 3UC I . 28.29 0.82 -11.66
O4' 3UC I . 27.69 0.42 -12.91
C5' 3UC I . 29.43 -0.12 -11.39
C6' 3UC I . 29.42 -1.18 -12.40
O6' 3UC I . 28.96 -2.44 -11.98
O5' 3UC I . 30.81 0.51 -11.36
C1' 3UC I . 31.04 1.71 -12.05
O3B 3UC I . 31.53 2.65 -11.17
PB 3UC I . 32.99 2.95 -11.15
O1B 3UC I . 33.57 2.48 -12.41
O2B 3UC I . 33.25 4.40 -10.92
O3A 3UC I . 33.60 2.07 -10.03
PA 3UC I . 32.78 1.69 -8.70
O1A 3UC I . 31.82 2.84 -8.35
O2A 3UC I . 32.05 0.35 -8.84
O5D 3UC I . 33.90 1.60 -7.56
C5D 3UC I . 34.84 2.62 -7.48
C4D 3UC I . 36.05 2.30 -6.70
C3D 3UC I . 36.99 1.58 -7.55
O3D 3UC I . 37.84 2.46 -8.25
C2D 3UC I . 37.71 0.78 -6.61
O2D 3UC I . 38.77 1.50 -6.05
O4D 3UC I . 35.69 1.37 -5.68
C1D 3UC I . 36.70 0.44 -5.58
N1 3UC I . 36.23 -0.96 -5.81
C6 3UC I . 35.11 -1.23 -6.53
C5 3UC I . 34.71 -2.56 -6.72
C4 3UC I . 35.47 -3.58 -6.16
O4 3UC I . 35.11 -4.84 -6.33
N3 3UC I . 36.56 -3.28 -5.46
C2 3UC I . 36.92 -1.98 -5.29
O2 3UC I . 37.92 -1.74 -4.65
#